data_1SHD
# 
_entry.id   1SHD 
# 
_audit_conform.dict_name       mmcif_pdbx.dic 
_audit_conform.dict_version    5.397 
_audit_conform.dict_location   http://mmcif.pdb.org/dictionaries/ascii/mmcif_pdbx.dic 
# 
loop_
_database_2.database_id 
_database_2.database_code 
_database_2.pdbx_database_accession 
_database_2.pdbx_DOI 
PDB   1SHD         pdb_00001shd 10.2210/pdb1shd/pdb 
WWPDB D_1000176372 ?            ?                   
# 
loop_
_pdbx_audit_revision_history.ordinal 
_pdbx_audit_revision_history.data_content_type 
_pdbx_audit_revision_history.major_revision 
_pdbx_audit_revision_history.minor_revision 
_pdbx_audit_revision_history.revision_date 
1 'Structure model' 1 0 1995-01-26 
2 'Structure model' 1 1 2008-03-03 
3 'Structure model' 1 2 2011-07-13 
4 'Structure model' 1 3 2012-02-22 
5 'Structure model' 1 4 2024-06-05 
6 'Structure model' 1 5 2024-10-30 
# 
_pdbx_audit_revision_details.ordinal             1 
_pdbx_audit_revision_details.revision_ordinal    1 
_pdbx_audit_revision_details.data_content_type   'Structure model' 
_pdbx_audit_revision_details.provider            repository 
_pdbx_audit_revision_details.type                'Initial release' 
_pdbx_audit_revision_details.description         ? 
_pdbx_audit_revision_details.details             ? 
# 
loop_
_pdbx_audit_revision_group.ordinal 
_pdbx_audit_revision_group.revision_ordinal 
_pdbx_audit_revision_group.data_content_type 
_pdbx_audit_revision_group.group 
1 2 'Structure model' 'Version format compliance' 
2 3 'Structure model' 'Version format compliance' 
3 4 'Structure model' 'Database references'       
4 5 'Structure model' 'Data collection'           
5 5 'Structure model' 'Database references'       
6 5 'Structure model' 'Derived calculations'      
7 5 'Structure model' Other                       
8 6 'Structure model' 'Structure summary'         
# 
loop_
_pdbx_audit_revision_category.ordinal 
_pdbx_audit_revision_category.revision_ordinal 
_pdbx_audit_revision_category.data_content_type 
_pdbx_audit_revision_category.category 
1 5 'Structure model' chem_comp_atom            
2 5 'Structure model' chem_comp_bond            
3 5 'Structure model' database_2                
4 5 'Structure model' pdbx_database_status      
5 5 'Structure model' struct_conn               
6 5 'Structure model' struct_site               
7 6 'Structure model' pdbx_entry_details        
8 6 'Structure model' pdbx_modification_feature 
# 
loop_
_pdbx_audit_revision_item.ordinal 
_pdbx_audit_revision_item.revision_ordinal 
_pdbx_audit_revision_item.data_content_type 
_pdbx_audit_revision_item.item 
1 5 'Structure model' '_database_2.pdbx_DOI'                
2 5 'Structure model' '_database_2.pdbx_database_accession' 
3 5 'Structure model' '_pdbx_database_status.process_site'  
4 5 'Structure model' '_struct_conn.pdbx_leaving_atom_flag' 
5 5 'Structure model' '_struct_site.pdbx_auth_asym_id'      
6 5 'Structure model' '_struct_site.pdbx_auth_comp_id'      
7 5 'Structure model' '_struct_site.pdbx_auth_seq_id'       
# 
_pdbx_database_status.status_code                     REL 
_pdbx_database_status.entry_id                        1SHD 
_pdbx_database_status.recvd_initial_deposition_date   1994-11-10 
_pdbx_database_status.deposit_site                    ? 
_pdbx_database_status.process_site                    BNL 
_pdbx_database_status.SG_entry                        . 
_pdbx_database_status.status_code_sf                  ? 
_pdbx_database_status.status_code_mr                  ? 
_pdbx_database_status.status_code_cs                  ? 
_pdbx_database_status.methods_development_category    ? 
_pdbx_database_status.pdb_format_compatible           Y 
_pdbx_database_status.status_code_nmr_data            ? 
# 
loop_
_audit_author.name 
_audit_author.pdbx_ordinal 
'Gilmer, T.' 1 
'Jordan, S.' 2 
# 
_citation.id                        primary 
_citation.title                     'Peptide inhibitors of src SH3-SH2-phosphoprotein interactions.' 
_citation.journal_abbrev            J.Biol.Chem. 
_citation.journal_volume            269 
_citation.page_first                31711 
_citation.page_last                 31719 
_citation.year                      1994 
_citation.journal_id_ASTM           JBCHA3 
_citation.country                   US 
_citation.journal_id_ISSN           0021-9258 
_citation.journal_id_CSD            0071 
_citation.book_publisher            ? 
_citation.pdbx_database_id_PubMed   7527393 
_citation.pdbx_database_id_DOI      ? 
# 
loop_
_citation_author.citation_id 
_citation_author.name 
_citation_author.ordinal 
_citation_author.identifier_ORCID 
primary 'Gilmer, T.'      1  ? 
primary 'Rodriguez, M.'   2  ? 
primary 'Jordan, S.'      3  ? 
primary 'Crosby, R.'      4  ? 
primary 'Alligood, K.'    5  ? 
primary 'Green, M.'       6  ? 
primary 'Kimery, M.'      7  ? 
primary 'Wagner, C.'      8  ? 
primary 'Kinder, D.'      9  ? 
primary 'Charifson, P.'   10 ? 
primary 'Hassel, A.M.'    11 ? 
primary 'Willard, D.'     12 ? 
primary 'Luther, M.'      13 ? 
primary 'Rusnak, D.'      14 ? 
primary 'Sternbach, D.D.' 15 ? 
primary 'Mehrotra, M.'    16 ? 
primary 'Peel, M.'        17 ? 
primary 'Shampine, L.'    18 ? 
primary 'Davis, R.'       19 ? 
primary 'Robbins, J.'     20 ? 
primary 'Patel, I.R.'     21 ? 
primary 'Kassel, D.'      22 ? 
primary 'Burkhart, W.'    23 ? 
primary 'Moyer, M.'       24 ? 
primary 'Bradshaw, T.'    25 ? 
primary 'Berman, J.'      26 ? 
# 
loop_
_entity.id 
_entity.type 
_entity.src_method 
_entity.pdbx_description 
_entity.formula_weight 
_entity.pdbx_number_of_molecules 
_entity.pdbx_ec 
_entity.pdbx_mutation 
_entity.pdbx_fragment 
_entity.details 
1 polymer man 'C-SRC TYROSINE KINASE SH2 DOMAIN' 12303.886 1  ? ? ? ? 
2 polymer man 'TRKA RECEPTOR'                    787.705   1  ? ? ? ? 
3 water   nat water                              18.015    37 ? ? ? ? 
# 
loop_
_entity_poly.entity_id 
_entity_poly.type 
_entity_poly.nstd_linkage 
_entity_poly.nstd_monomer 
_entity_poly.pdbx_seq_one_letter_code 
_entity_poly.pdbx_seq_one_letter_code_can 
_entity_poly.pdbx_strand_id 
_entity_poly.pdbx_target_identifier 
1 'polypeptide(L)' no no  
;MDSIQAEEWYFGKITRRESERLLLNAENPRGTFLVRESETTKGAYCLSVSDFDNAKGLNVKHYKIRKLDSGGFYITSRTQ
FNSLQQLVAYYSKHADGLCHRLTTVCP
;
;MDSIQAEEWYFGKITRRESERLLLNAENPRGTFLVRESETTKGAYCLSVSDFDNAKGLNVKHYKIRKLDSGGFYITSRTQ
FNSLQQLVAYYSKHADGLCHRLTTVCP
;
A ? 
2 'polypeptide(L)' no yes '(ACE)(PTR)EEIE' XYEEIE B ? 
# 
_pdbx_entity_nonpoly.entity_id   3 
_pdbx_entity_nonpoly.name        water 
_pdbx_entity_nonpoly.comp_id     HOH 
# 
loop_
_entity_poly_seq.entity_id 
_entity_poly_seq.num 
_entity_poly_seq.mon_id 
_entity_poly_seq.hetero 
1 1   MET n 
1 2   ASP n 
1 3   SER n 
1 4   ILE n 
1 5   GLN n 
1 6   ALA n 
1 7   GLU n 
1 8   GLU n 
1 9   TRP n 
1 10  TYR n 
1 11  PHE n 
1 12  GLY n 
1 13  LYS n 
1 14  ILE n 
1 15  THR n 
1 16  ARG n 
1 17  ARG n 
1 18  GLU n 
1 19  SER n 
1 20  GLU n 
1 21  ARG n 
1 22  LEU n 
1 23  LEU n 
1 24  LEU n 
1 25  ASN n 
1 26  ALA n 
1 27  GLU n 
1 28  ASN n 
1 29  PRO n 
1 30  ARG n 
1 31  GLY n 
1 32  THR n 
1 33  PHE n 
1 34  LEU n 
1 35  VAL n 
1 36  ARG n 
1 37  GLU n 
1 38  SER n 
1 39  GLU n 
1 40  THR n 
1 41  THR n 
1 42  LYS n 
1 43  GLY n 
1 44  ALA n 
1 45  TYR n 
1 46  CYS n 
1 47  LEU n 
1 48  SER n 
1 49  VAL n 
1 50  SER n 
1 51  ASP n 
1 52  PHE n 
1 53  ASP n 
1 54  ASN n 
1 55  ALA n 
1 56  LYS n 
1 57  GLY n 
1 58  LEU n 
1 59  ASN n 
1 60  VAL n 
1 61  LYS n 
1 62  HIS n 
1 63  TYR n 
1 64  LYS n 
1 65  ILE n 
1 66  ARG n 
1 67  LYS n 
1 68  LEU n 
1 69  ASP n 
1 70  SER n 
1 71  GLY n 
1 72  GLY n 
1 73  PHE n 
1 74  TYR n 
1 75  ILE n 
1 76  THR n 
1 77  SER n 
1 78  ARG n 
1 79  THR n 
1 80  GLN n 
1 81  PHE n 
1 82  ASN n 
1 83  SER n 
1 84  LEU n 
1 85  GLN n 
1 86  GLN n 
1 87  LEU n 
1 88  VAL n 
1 89  ALA n 
1 90  TYR n 
1 91  TYR n 
1 92  SER n 
1 93  LYS n 
1 94  HIS n 
1 95  ALA n 
1 96  ASP n 
1 97  GLY n 
1 98  LEU n 
1 99  CYS n 
1 100 HIS n 
1 101 ARG n 
1 102 LEU n 
1 103 THR n 
1 104 THR n 
1 105 VAL n 
1 106 CYS n 
1 107 PRO n 
2 1   ACE n 
2 2   PTR n 
2 3   GLU n 
2 4   GLU n 
2 5   ILE n 
2 6   GLU n 
# 
_entity_src_gen.entity_id                          1 
_entity_src_gen.pdbx_src_id                        1 
_entity_src_gen.pdbx_alt_source_flag               sample 
_entity_src_gen.pdbx_seq_type                      ? 
_entity_src_gen.pdbx_beg_seq_num                   ? 
_entity_src_gen.pdbx_end_seq_num                   ? 
_entity_src_gen.gene_src_common_name               human 
_entity_src_gen.gene_src_genus                     Homo 
_entity_src_gen.pdbx_gene_src_gene                 ? 
_entity_src_gen.gene_src_species                   ? 
_entity_src_gen.gene_src_strain                    ? 
_entity_src_gen.gene_src_tissue                    ? 
_entity_src_gen.gene_src_tissue_fraction           ? 
_entity_src_gen.gene_src_details                   ? 
_entity_src_gen.pdbx_gene_src_fragment             ? 
_entity_src_gen.pdbx_gene_src_scientific_name      'Homo sapiens' 
_entity_src_gen.pdbx_gene_src_ncbi_taxonomy_id     9606 
_entity_src_gen.pdbx_gene_src_variant              ? 
_entity_src_gen.pdbx_gene_src_cell_line            ? 
_entity_src_gen.pdbx_gene_src_atcc                 ? 
_entity_src_gen.pdbx_gene_src_organ                ? 
_entity_src_gen.pdbx_gene_src_organelle            ? 
_entity_src_gen.pdbx_gene_src_cell                 ? 
_entity_src_gen.pdbx_gene_src_cellular_location    ? 
_entity_src_gen.host_org_common_name               ? 
_entity_src_gen.pdbx_host_org_scientific_name      'Escherichia coli' 
_entity_src_gen.pdbx_host_org_ncbi_taxonomy_id     562 
_entity_src_gen.host_org_genus                     Escherichia 
_entity_src_gen.pdbx_host_org_gene                 ? 
_entity_src_gen.pdbx_host_org_organ                ? 
_entity_src_gen.host_org_species                   ? 
_entity_src_gen.pdbx_host_org_tissue               ? 
_entity_src_gen.pdbx_host_org_tissue_fraction      ? 
_entity_src_gen.pdbx_host_org_strain               ? 
_entity_src_gen.pdbx_host_org_variant              ? 
_entity_src_gen.pdbx_host_org_cell_line            ? 
_entity_src_gen.pdbx_host_org_atcc                 ? 
_entity_src_gen.pdbx_host_org_culture_collection   ? 
_entity_src_gen.pdbx_host_org_cell                 ? 
_entity_src_gen.pdbx_host_org_organelle            ? 
_entity_src_gen.pdbx_host_org_cellular_location    ? 
_entity_src_gen.pdbx_host_org_vector_type          ? 
_entity_src_gen.pdbx_host_org_vector               ? 
_entity_src_gen.host_org_details                   ? 
_entity_src_gen.expression_system_id               ? 
_entity_src_gen.plasmid_name                       pET11B 
_entity_src_gen.plasmid_details                    ? 
_entity_src_gen.pdbx_description                   ? 
# 
loop_
_chem_comp.id 
_chem_comp.type 
_chem_comp.mon_nstd_flag 
_chem_comp.name 
_chem_comp.pdbx_synonyms 
_chem_comp.formula 
_chem_comp.formula_weight 
ACE non-polymer         . 'ACETYL GROUP'    ?                 'C2 H4 O'        44.053  
ALA 'L-peptide linking' y ALANINE           ?                 'C3 H7 N O2'     89.093  
ARG 'L-peptide linking' y ARGININE          ?                 'C6 H15 N4 O2 1' 175.209 
ASN 'L-peptide linking' y ASPARAGINE        ?                 'C4 H8 N2 O3'    132.118 
ASP 'L-peptide linking' y 'ASPARTIC ACID'   ?                 'C4 H7 N O4'     133.103 
CYS 'L-peptide linking' y CYSTEINE          ?                 'C3 H7 N O2 S'   121.158 
GLN 'L-peptide linking' y GLUTAMINE         ?                 'C5 H10 N2 O3'   146.144 
GLU 'L-peptide linking' y 'GLUTAMIC ACID'   ?                 'C5 H9 N O4'     147.129 
GLY 'peptide linking'   y GLYCINE           ?                 'C2 H5 N O2'     75.067  
HIS 'L-peptide linking' y HISTIDINE         ?                 'C6 H10 N3 O2 1' 156.162 
HOH non-polymer         . WATER             ?                 'H2 O'           18.015  
ILE 'L-peptide linking' y ISOLEUCINE        ?                 'C6 H13 N O2'    131.173 
LEU 'L-peptide linking' y LEUCINE           ?                 'C6 H13 N O2'    131.173 
LYS 'L-peptide linking' y LYSINE            ?                 'C6 H15 N2 O2 1' 147.195 
MET 'L-peptide linking' y METHIONINE        ?                 'C5 H11 N O2 S'  149.211 
PHE 'L-peptide linking' y PHENYLALANINE     ?                 'C9 H11 N O2'    165.189 
PRO 'L-peptide linking' y PROLINE           ?                 'C5 H9 N O2'     115.130 
PTR 'L-peptide linking' n O-PHOSPHOTYROSINE PHOSPHONOTYROSINE 'C9 H12 N O6 P'  261.168 
SER 'L-peptide linking' y SERINE            ?                 'C3 H7 N O3'     105.093 
THR 'L-peptide linking' y THREONINE         ?                 'C4 H9 N O3'     119.119 
TRP 'L-peptide linking' y TRYPTOPHAN        ?                 'C11 H12 N2 O2'  204.225 
TYR 'L-peptide linking' y TYROSINE          ?                 'C9 H11 N O3'    181.189 
VAL 'L-peptide linking' y VALINE            ?                 'C5 H11 N O2'    117.146 
# 
loop_
_pdbx_poly_seq_scheme.asym_id 
_pdbx_poly_seq_scheme.entity_id 
_pdbx_poly_seq_scheme.seq_id 
_pdbx_poly_seq_scheme.mon_id 
_pdbx_poly_seq_scheme.ndb_seq_num 
_pdbx_poly_seq_scheme.pdb_seq_num 
_pdbx_poly_seq_scheme.auth_seq_num 
_pdbx_poly_seq_scheme.pdb_mon_id 
_pdbx_poly_seq_scheme.auth_mon_id 
_pdbx_poly_seq_scheme.pdb_strand_id 
_pdbx_poly_seq_scheme.pdb_ins_code 
_pdbx_poly_seq_scheme.hetero 
A 1 1   MET 1   143 ?   ?   ?   A . n 
A 1 2   ASP 2   144 ?   ?   ?   A . n 
A 1 3   SER 3   145 145 SER SER A . n 
A 1 4   ILE 4   146 146 ILE ILE A . n 
A 1 5   GLN 5   147 147 GLN GLN A . n 
A 1 6   ALA 6   148 148 ALA ALA A . n 
A 1 7   GLU 7   149 149 GLU GLU A . n 
A 1 8   GLU 8   150 150 GLU GLU A . n 
A 1 9   TRP 9   151 151 TRP TRP A . n 
A 1 10  TYR 10  152 152 TYR TYR A . n 
A 1 11  PHE 11  153 153 PHE PHE A . n 
A 1 12  GLY 12  154 154 GLY GLY A . n 
A 1 13  LYS 13  155 155 LYS LYS A . n 
A 1 14  ILE 14  156 156 ILE ILE A . n 
A 1 15  THR 15  157 157 THR THR A . n 
A 1 16  ARG 16  158 158 ARG ARG A . n 
A 1 17  ARG 17  159 159 ARG ARG A . n 
A 1 18  GLU 18  160 160 GLU GLU A . n 
A 1 19  SER 19  161 161 SER SER A . n 
A 1 20  GLU 20  162 162 GLU GLU A . n 
A 1 21  ARG 21  163 163 ARG ARG A . n 
A 1 22  LEU 22  164 164 LEU LEU A . n 
A 1 23  LEU 23  165 165 LEU LEU A . n 
A 1 24  LEU 24  166 166 LEU LEU A . n 
A 1 25  ASN 25  167 167 ASN ASN A . n 
A 1 26  ALA 26  168 168 ALA ALA A . n 
A 1 27  GLU 27  169 169 GLU GLU A . n 
A 1 28  ASN 28  170 170 ASN ASN A . n 
A 1 29  PRO 29  171 171 PRO PRO A . n 
A 1 30  ARG 30  172 172 ARG ARG A . n 
A 1 31  GLY 31  173 173 GLY GLY A . n 
A 1 32  THR 32  174 174 THR THR A . n 
A 1 33  PHE 33  175 175 PHE PHE A . n 
A 1 34  LEU 34  176 176 LEU LEU A . n 
A 1 35  VAL 35  177 177 VAL VAL A . n 
A 1 36  ARG 36  178 178 ARG ARG A . n 
A 1 37  GLU 37  179 179 GLU GLU A . n 
A 1 38  SER 38  180 180 SER SER A . n 
A 1 39  GLU 39  181 181 GLU GLU A . n 
A 1 40  THR 40  182 ?   ?   ?   A . n 
A 1 41  THR 41  183 ?   ?   ?   A . n 
A 1 42  LYS 42  184 ?   ?   ?   A . n 
A 1 43  GLY 43  185 ?   ?   ?   A . n 
A 1 44  ALA 44  186 186 ALA ALA A . n 
A 1 45  TYR 45  187 187 TYR TYR A . n 
A 1 46  CYS 46  188 188 CYS CYS A . n 
A 1 47  LEU 47  189 189 LEU LEU A . n 
A 1 48  SER 48  190 190 SER SER A . n 
A 1 49  VAL 49  191 191 VAL VAL A . n 
A 1 50  SER 50  192 192 SER SER A . n 
A 1 51  ASP 51  193 193 ASP ASP A . n 
A 1 52  PHE 52  194 194 PHE PHE A . n 
A 1 53  ASP 53  195 195 ASP ASP A . n 
A 1 54  ASN 54  196 196 ASN ASN A . n 
A 1 55  ALA 55  197 197 ALA ALA A . n 
A 1 56  LYS 56  198 198 LYS LYS A . n 
A 1 57  GLY 57  199 199 GLY GLY A . n 
A 1 58  LEU 58  200 200 LEU LEU A . n 
A 1 59  ASN 59  201 201 ASN ASN A . n 
A 1 60  VAL 60  202 202 VAL VAL A . n 
A 1 61  LYS 61  203 203 LYS LYS A . n 
A 1 62  HIS 62  204 204 HIS HIS A . n 
A 1 63  TYR 63  205 205 TYR TYR A . n 
A 1 64  LYS 64  206 206 LYS LYS A . n 
A 1 65  ILE 65  207 207 ILE ILE A . n 
A 1 66  ARG 66  208 208 ARG ARG A . n 
A 1 67  LYS 67  209 209 LYS LYS A . n 
A 1 68  LEU 68  210 210 LEU LEU A . n 
A 1 69  ASP 69  211 211 ASP ASP A . n 
A 1 70  SER 70  212 212 SER SER A . n 
A 1 71  GLY 71  213 213 GLY GLY A . n 
A 1 72  GLY 72  214 214 GLY GLY A . n 
A 1 73  PHE 73  215 215 PHE PHE A . n 
A 1 74  TYR 74  216 216 TYR TYR A . n 
A 1 75  ILE 75  217 217 ILE ILE A . n 
A 1 76  THR 76  218 218 THR THR A . n 
A 1 77  SER 77  219 219 SER SER A . n 
A 1 78  ARG 78  220 220 ARG ARG A . n 
A 1 79  THR 79  221 221 THR THR A . n 
A 1 80  GLN 80  222 222 GLN GLN A . n 
A 1 81  PHE 81  223 223 PHE PHE A . n 
A 1 82  ASN 82  224 224 ASN ASN A . n 
A 1 83  SER 83  225 225 SER SER A . n 
A 1 84  LEU 84  226 226 LEU LEU A . n 
A 1 85  GLN 85  227 227 GLN GLN A . n 
A 1 86  GLN 86  228 228 GLN GLN A . n 
A 1 87  LEU 87  229 229 LEU LEU A . n 
A 1 88  VAL 88  230 230 VAL VAL A . n 
A 1 89  ALA 89  231 231 ALA ALA A . n 
A 1 90  TYR 90  232 232 TYR TYR A . n 
A 1 91  TYR 91  233 233 TYR TYR A . n 
A 1 92  SER 92  234 234 SER SER A . n 
A 1 93  LYS 93  235 235 LYS LYS A . n 
A 1 94  HIS 94  236 236 HIS HIS A . n 
A 1 95  ALA 95  237 237 ALA ALA A . n 
A 1 96  ASP 96  238 238 ASP ASP A . n 
A 1 97  GLY 97  239 239 GLY GLY A . n 
A 1 98  LEU 98  240 240 LEU LEU A . n 
A 1 99  CYS 99  241 241 CYS CYS A . n 
A 1 100 HIS 100 242 242 HIS HIS A . n 
A 1 101 ARG 101 243 243 ARG ARG A . n 
A 1 102 LEU 102 244 244 LEU LEU A . n 
A 1 103 THR 103 245 245 THR THR A . n 
A 1 104 THR 104 246 246 THR THR A . n 
A 1 105 VAL 105 247 247 VAL VAL A . n 
A 1 106 CYS 106 248 248 CYS CYS A . n 
A 1 107 PRO 107 249 249 PRO PRO A . n 
B 2 1   ACE 1   100 100 ACE ACE B . n 
B 2 2   PTR 2   101 101 PTR PTR B . n 
B 2 3   GLU 3   102 102 GLU GLU B . n 
B 2 4   GLU 4   103 103 GLU GLU B . n 
B 2 5   ILE 5   104 104 ILE ILE B . n 
B 2 6   GLU 6   105 ?   ?   ?   B . n 
# 
loop_
_pdbx_nonpoly_scheme.asym_id 
_pdbx_nonpoly_scheme.entity_id 
_pdbx_nonpoly_scheme.mon_id 
_pdbx_nonpoly_scheme.ndb_seq_num 
_pdbx_nonpoly_scheme.pdb_seq_num 
_pdbx_nonpoly_scheme.auth_seq_num 
_pdbx_nonpoly_scheme.pdb_mon_id 
_pdbx_nonpoly_scheme.auth_mon_id 
_pdbx_nonpoly_scheme.pdb_strand_id 
_pdbx_nonpoly_scheme.pdb_ins_code 
C 3 HOH 1  301 301 HOH HOH A . 
C 3 HOH 2  303 303 HOH HOH A . 
C 3 HOH 3  304 304 HOH HOH A . 
C 3 HOH 4  305 305 HOH HOH A . 
C 3 HOH 5  306 306 HOH HOH A . 
C 3 HOH 6  307 307 HOH HOH A . 
C 3 HOH 7  308 308 HOH HOH A . 
C 3 HOH 8  309 309 HOH HOH A . 
C 3 HOH 9  310 310 HOH HOH A . 
C 3 HOH 10 311 311 HOH HOH A . 
C 3 HOH 11 312 312 HOH HOH A . 
C 3 HOH 12 313 313 HOH HOH A . 
C 3 HOH 13 314 314 HOH HOH A . 
C 3 HOH 14 315 315 HOH HOH A . 
C 3 HOH 15 316 316 HOH HOH A . 
C 3 HOH 16 317 317 HOH HOH A . 
C 3 HOH 17 318 318 HOH HOH A . 
C 3 HOH 18 319 319 HOH HOH A . 
C 3 HOH 19 321 321 HOH HOH A . 
C 3 HOH 20 322 322 HOH HOH A . 
C 3 HOH 21 323 323 HOH HOH A . 
C 3 HOH 22 326 326 HOH HOH A . 
C 3 HOH 23 329 329 HOH HOH A . 
C 3 HOH 24 330 330 HOH HOH A . 
C 3 HOH 25 331 331 HOH HOH A . 
C 3 HOH 26 332 332 HOH HOH A . 
C 3 HOH 27 333 333 HOH HOH A . 
C 3 HOH 28 334 334 HOH HOH A . 
C 3 HOH 29 335 335 HOH HOH A . 
C 3 HOH 30 336 336 HOH HOH A . 
C 3 HOH 31 337 337 HOH HOH A . 
C 3 HOH 32 338 338 HOH HOH A . 
C 3 HOH 33 339 339 HOH HOH A . 
C 3 HOH 34 340 340 HOH HOH A . 
D 3 HOH 1  302 302 HOH HOH B . 
D 3 HOH 2  324 324 HOH HOH B . 
D 3 HOH 3  325 325 HOH HOH B . 
# 
loop_
_software.name 
_software.classification 
_software.version 
_software.citation_id 
_software.pdbx_ordinal 
X-PLOR 'model building' . ? 1 
X-PLOR refinement       . ? 2 
X-PLOR phasing          . ? 3 
# 
_cell.entry_id           1SHD 
_cell.length_a           41.500 
_cell.length_b           44.900 
_cell.length_c           75.600 
_cell.angle_alpha        90.00 
_cell.angle_beta         90.00 
_cell.angle_gamma        90.00 
_cell.Z_PDB              4 
_cell.pdbx_unique_axis   ? 
_cell.length_a_esd       ? 
_cell.length_b_esd       ? 
_cell.length_c_esd       ? 
_cell.angle_alpha_esd    ? 
_cell.angle_beta_esd     ? 
_cell.angle_gamma_esd    ? 
# 
_symmetry.entry_id                         1SHD 
_symmetry.space_group_name_H-M             'P 21 21 21' 
_symmetry.pdbx_full_space_group_name_H-M   ? 
_symmetry.cell_setting                     ? 
_symmetry.Int_Tables_number                19 
_symmetry.space_group_name_Hall            ? 
# 
_exptl.entry_id          1SHD 
_exptl.method            'X-RAY DIFFRACTION' 
_exptl.crystals_number   ? 
# 
_exptl_crystal.id                    1 
_exptl_crystal.density_meas          ? 
_exptl_crystal.density_Matthews      2.71 
_exptl_crystal.density_percent_sol   54.55 
_exptl_crystal.description           ? 
_exptl_crystal.F_000                 ? 
_exptl_crystal.preparation           ? 
# 
_diffrn.id                     1 
_diffrn.ambient_temp           ? 
_diffrn.ambient_temp_details   ? 
_diffrn.crystal_id             1 
# 
_diffrn_radiation.diffrn_id                        1 
_diffrn_radiation.wavelength_id                    1 
_diffrn_radiation.monochromator                    ? 
_diffrn_radiation.pdbx_monochromatic_or_laue_m_l   ? 
_diffrn_radiation.pdbx_diffrn_protocol             ? 
_diffrn_radiation.pdbx_scattering_type             x-ray 
# 
_diffrn_radiation_wavelength.id           1 
_diffrn_radiation_wavelength.wavelength   . 
_diffrn_radiation_wavelength.wt           1.0 
# 
_refine.entry_id                                 1SHD 
_refine.ls_number_reflns_obs                     8472 
_refine.ls_number_reflns_all                     ? 
_refine.pdbx_ls_sigma_I                          ? 
_refine.pdbx_ls_sigma_F                          2.0 
_refine.pdbx_data_cutoff_high_absF               ? 
_refine.pdbx_data_cutoff_low_absF                ? 
_refine.pdbx_data_cutoff_high_rms_absF           ? 
_refine.ls_d_res_low                             8. 
_refine.ls_d_res_high                            2.0 
_refine.ls_percent_reflns_obs                    86.0 
_refine.ls_R_factor_obs                          0.1920000 
_refine.ls_R_factor_all                          ? 
_refine.ls_R_factor_R_work                       0.1920000 
_refine.ls_R_factor_R_free                       ? 
_refine.ls_R_factor_R_free_error                 ? 
_refine.ls_R_factor_R_free_error_details         ? 
_refine.ls_percent_reflns_R_free                 ? 
_refine.ls_number_reflns_R_free                  ? 
_refine.ls_number_parameters                     ? 
_refine.ls_number_restraints                     ? 
_refine.occupancy_min                            ? 
_refine.occupancy_max                            ? 
_refine.B_iso_mean                               20.5 
_refine.aniso_B[1][1]                            ? 
_refine.aniso_B[2][2]                            ? 
_refine.aniso_B[3][3]                            ? 
_refine.aniso_B[1][2]                            ? 
_refine.aniso_B[1][3]                            ? 
_refine.aniso_B[2][3]                            ? 
_refine.solvent_model_details                    ? 
_refine.solvent_model_param_ksol                 ? 
_refine.solvent_model_param_bsol                 ? 
_refine.pdbx_ls_cross_valid_method               ? 
_refine.details                                  ? 
_refine.pdbx_starting_model                      ? 
_refine.pdbx_method_to_determine_struct          ? 
_refine.pdbx_isotropic_thermal_model             ? 
_refine.pdbx_stereochemistry_target_values       ? 
_refine.pdbx_stereochem_target_val_spec_case     ? 
_refine.pdbx_R_Free_selection_details            ? 
_refine.pdbx_overall_ESU_R                       ? 
_refine.pdbx_overall_ESU_R_Free                  ? 
_refine.overall_SU_ML                            ? 
_refine.overall_SU_B                             ? 
_refine.pdbx_refine_id                           'X-RAY DIFFRACTION' 
_refine.ls_redundancy_reflns_obs                 ? 
_refine.pdbx_overall_phase_error                 ? 
_refine.B_iso_min                                ? 
_refine.B_iso_max                                ? 
_refine.correlation_coeff_Fo_to_Fc               ? 
_refine.correlation_coeff_Fo_to_Fc_free          ? 
_refine.pdbx_solvent_vdw_probe_radii             ? 
_refine.pdbx_solvent_ion_probe_radii             ? 
_refine.pdbx_solvent_shrinkage_radii             ? 
_refine.overall_SU_R_Cruickshank_DPI             ? 
_refine.overall_SU_R_free                        ? 
_refine.ls_wR_factor_R_free                      ? 
_refine.ls_wR_factor_R_work                      ? 
_refine.overall_FOM_free_R_set                   ? 
_refine.overall_FOM_work_R_set                   ? 
_refine.pdbx_diffrn_id                           1 
_refine.pdbx_TLS_residual_ADP_flag               ? 
_refine.pdbx_overall_SU_R_free_Cruickshank_DPI   ? 
_refine.pdbx_overall_SU_R_Blow_DPI               ? 
_refine.pdbx_overall_SU_R_free_Blow_DPI          ? 
# 
_refine_hist.pdbx_refine_id                   'X-RAY DIFFRACTION' 
_refine_hist.cycle_id                         LAST 
_refine_hist.pdbx_number_atoms_protein        867 
_refine_hist.pdbx_number_atoms_nucleic_acid   0 
_refine_hist.pdbx_number_atoms_ligand         0 
_refine_hist.number_atoms_solvent             37 
_refine_hist.number_atoms_total               904 
_refine_hist.d_res_high                       2.0 
_refine_hist.d_res_low                        8. 
# 
loop_
_refine_ls_restr.type 
_refine_ls_restr.dev_ideal 
_refine_ls_restr.dev_ideal_target 
_refine_ls_restr.weight 
_refine_ls_restr.number 
_refine_ls_restr.pdbx_refine_id 
_refine_ls_restr.pdbx_restraint_function 
x_bond_d                0.013 ? ? ? 'X-RAY DIFFRACTION' ? 
x_bond_d_na             ?     ? ? ? 'X-RAY DIFFRACTION' ? 
x_bond_d_prot           ?     ? ? ? 'X-RAY DIFFRACTION' ? 
x_angle_d               ?     ? ? ? 'X-RAY DIFFRACTION' ? 
x_angle_d_na            ?     ? ? ? 'X-RAY DIFFRACTION' ? 
x_angle_d_prot          ?     ? ? ? 'X-RAY DIFFRACTION' ? 
x_angle_deg             2.8   ? ? ? 'X-RAY DIFFRACTION' ? 
x_angle_deg_na          ?     ? ? ? 'X-RAY DIFFRACTION' ? 
x_angle_deg_prot        ?     ? ? ? 'X-RAY DIFFRACTION' ? 
x_dihedral_angle_d      ?     ? ? ? 'X-RAY DIFFRACTION' ? 
x_dihedral_angle_d_na   ?     ? ? ? 'X-RAY DIFFRACTION' ? 
x_dihedral_angle_d_prot ?     ? ? ? 'X-RAY DIFFRACTION' ? 
x_improper_angle_d      ?     ? ? ? 'X-RAY DIFFRACTION' ? 
x_improper_angle_d_na   ?     ? ? ? 'X-RAY DIFFRACTION' ? 
x_improper_angle_d_prot ?     ? ? ? 'X-RAY DIFFRACTION' ? 
x_mcbond_it             ?     ? ? ? 'X-RAY DIFFRACTION' ? 
x_mcangle_it            ?     ? ? ? 'X-RAY DIFFRACTION' ? 
x_scbond_it             ?     ? ? ? 'X-RAY DIFFRACTION' ? 
x_scangle_it            ?     ? ? ? 'X-RAY DIFFRACTION' ? 
# 
_struct.entry_id                  1SHD 
_struct.title                     'PEPTIDE INHIBITORS OF SRC SH3-SH2-PHOSPHOPROTEIN INTERACTIONS' 
_struct.pdbx_model_details        ? 
_struct.pdbx_CASP_flag            ? 
_struct.pdbx_model_type_details   ? 
# 
_struct_keywords.entry_id        1SHD 
_struct_keywords.pdbx_keywords   'COMPLEX(TRANSFERASE/PEPTIDE)' 
_struct_keywords.text            'COMPLEX(TRANSFERASE-PEPTIDE), COMPLEX(TRANSFERASE-PEPTIDE) complex' 
# 
loop_
_struct_asym.id 
_struct_asym.pdbx_blank_PDB_chainid_flag 
_struct_asym.pdbx_modified 
_struct_asym.entity_id 
_struct_asym.details 
A N N 1 ? 
B N N 2 ? 
C N N 3 ? 
D N N 3 ? 
# 
loop_
_struct_ref.id 
_struct_ref.db_name 
_struct_ref.db_code 
_struct_ref.pdbx_db_accession 
_struct_ref.entity_id 
_struct_ref.pdbx_align_begin 
_struct_ref.pdbx_seq_one_letter_code 
_struct_ref.pdbx_db_isoform 
1 UNP SRC_HUMAN P12931 1 143 ? ? 
2 PDB 1SHD      1SHD   2 ?   ? ? 
# 
loop_
_struct_ref_seq.align_id 
_struct_ref_seq.ref_id 
_struct_ref_seq.pdbx_PDB_id_code 
_struct_ref_seq.pdbx_strand_id 
_struct_ref_seq.seq_align_beg 
_struct_ref_seq.pdbx_seq_align_beg_ins_code 
_struct_ref_seq.seq_align_end 
_struct_ref_seq.pdbx_seq_align_end_ins_code 
_struct_ref_seq.pdbx_db_accession 
_struct_ref_seq.db_align_beg 
_struct_ref_seq.pdbx_db_align_beg_ins_code 
_struct_ref_seq.db_align_end 
_struct_ref_seq.pdbx_db_align_end_ins_code 
_struct_ref_seq.pdbx_auth_seq_align_beg 
_struct_ref_seq.pdbx_auth_seq_align_end 
1 1 1SHD A 2 ? 107 ? P12931 143 ? 248 ? 144 249 
2 2 1SHD B 1 ? 6   ? 1SHD   100 ? 105 ? 100 105 
# 
_pdbx_struct_assembly.id                   1 
_pdbx_struct_assembly.details              author_defined_assembly 
_pdbx_struct_assembly.method_details       ? 
_pdbx_struct_assembly.oligomeric_details   dimeric 
_pdbx_struct_assembly.oligomeric_count     2 
# 
_pdbx_struct_assembly_gen.assembly_id       1 
_pdbx_struct_assembly_gen.oper_expression   1 
_pdbx_struct_assembly_gen.asym_id_list      A,B,C,D 
# 
_pdbx_struct_oper_list.id                   1 
_pdbx_struct_oper_list.type                 'identity operation' 
_pdbx_struct_oper_list.name                 1_555 
_pdbx_struct_oper_list.symmetry_operation   x,y,z 
_pdbx_struct_oper_list.matrix[1][1]         1.0000000000 
_pdbx_struct_oper_list.matrix[1][2]         0.0000000000 
_pdbx_struct_oper_list.matrix[1][3]         0.0000000000 
_pdbx_struct_oper_list.vector[1]            0.0000000000 
_pdbx_struct_oper_list.matrix[2][1]         0.0000000000 
_pdbx_struct_oper_list.matrix[2][2]         1.0000000000 
_pdbx_struct_oper_list.matrix[2][3]         0.0000000000 
_pdbx_struct_oper_list.vector[2]            0.0000000000 
_pdbx_struct_oper_list.matrix[3][1]         0.0000000000 
_pdbx_struct_oper_list.matrix[3][2]         0.0000000000 
_pdbx_struct_oper_list.matrix[3][3]         1.0000000000 
_pdbx_struct_oper_list.vector[3]            0.0000000000 
# 
_struct_biol.id        1 
_struct_biol.details   ? 
# 
loop_
_struct_conf.conf_type_id 
_struct_conf.id 
_struct_conf.pdbx_PDB_helix_id 
_struct_conf.beg_label_comp_id 
_struct_conf.beg_label_asym_id 
_struct_conf.beg_label_seq_id 
_struct_conf.pdbx_beg_PDB_ins_code 
_struct_conf.end_label_comp_id 
_struct_conf.end_label_asym_id 
_struct_conf.end_label_seq_id 
_struct_conf.pdbx_end_PDB_ins_code 
_struct_conf.beg_auth_comp_id 
_struct_conf.beg_auth_asym_id 
_struct_conf.beg_auth_seq_id 
_struct_conf.end_auth_comp_id 
_struct_conf.end_auth_asym_id 
_struct_conf.end_auth_seq_id 
_struct_conf.pdbx_PDB_helix_class 
_struct_conf.details 
_struct_conf.pdbx_PDB_helix_length 
HELX_P HELX_P1 1 SER A 3  ? GLU A 7  ? SER A 145 GLU A 149 5 ? 5  
HELX_P HELX_P2 2 THR A 15 ? LEU A 24 ? THR A 157 LEU A 166 1 ? 10 
HELX_P HELX_P3 3 SER A 83 ? HIS A 94 ? SER A 225 HIS A 236 1 ? 12 
# 
_struct_conf_type.id          HELX_P 
_struct_conf_type.criteria    ? 
_struct_conf_type.reference   ? 
# 
loop_
_struct_conn.id 
_struct_conn.conn_type_id 
_struct_conn.pdbx_leaving_atom_flag 
_struct_conn.pdbx_PDB_id 
_struct_conn.ptnr1_label_asym_id 
_struct_conn.ptnr1_label_comp_id 
_struct_conn.ptnr1_label_seq_id 
_struct_conn.ptnr1_label_atom_id 
_struct_conn.pdbx_ptnr1_label_alt_id 
_struct_conn.pdbx_ptnr1_PDB_ins_code 
_struct_conn.pdbx_ptnr1_standard_comp_id 
_struct_conn.ptnr1_symmetry 
_struct_conn.ptnr2_label_asym_id 
_struct_conn.ptnr2_label_comp_id 
_struct_conn.ptnr2_label_seq_id 
_struct_conn.ptnr2_label_atom_id 
_struct_conn.pdbx_ptnr2_label_alt_id 
_struct_conn.pdbx_ptnr2_PDB_ins_code 
_struct_conn.ptnr1_auth_asym_id 
_struct_conn.ptnr1_auth_comp_id 
_struct_conn.ptnr1_auth_seq_id 
_struct_conn.ptnr2_auth_asym_id 
_struct_conn.ptnr2_auth_comp_id 
_struct_conn.ptnr2_auth_seq_id 
_struct_conn.ptnr2_symmetry 
_struct_conn.pdbx_ptnr3_label_atom_id 
_struct_conn.pdbx_ptnr3_label_seq_id 
_struct_conn.pdbx_ptnr3_label_comp_id 
_struct_conn.pdbx_ptnr3_label_asym_id 
_struct_conn.pdbx_ptnr3_label_alt_id 
_struct_conn.pdbx_ptnr3_PDB_ins_code 
_struct_conn.details 
_struct_conn.pdbx_dist_value 
_struct_conn.pdbx_value_order 
_struct_conn.pdbx_role 
covale1 covale both ? B ACE 1 C ? ? ? 1_555 B PTR 2 N ? ? B ACE 100 B PTR 101 1_555 ? ? ? ? ? ? ? 1.324 ? ? 
covale2 covale both ? B PTR 2 C ? ? ? 1_555 B GLU 3 N ? ? B PTR 101 B GLU 102 1_555 ? ? ? ? ? ? ? 1.332 ? ? 
# 
_struct_conn_type.id          covale 
_struct_conn_type.criteria    ? 
_struct_conn_type.reference   ? 
# 
loop_
_pdbx_modification_feature.ordinal 
_pdbx_modification_feature.label_comp_id 
_pdbx_modification_feature.label_asym_id 
_pdbx_modification_feature.label_seq_id 
_pdbx_modification_feature.label_alt_id 
_pdbx_modification_feature.modified_residue_label_comp_id 
_pdbx_modification_feature.modified_residue_label_asym_id 
_pdbx_modification_feature.modified_residue_label_seq_id 
_pdbx_modification_feature.modified_residue_label_alt_id 
_pdbx_modification_feature.auth_comp_id 
_pdbx_modification_feature.auth_asym_id 
_pdbx_modification_feature.auth_seq_id 
_pdbx_modification_feature.PDB_ins_code 
_pdbx_modification_feature.symmetry 
_pdbx_modification_feature.modified_residue_auth_comp_id 
_pdbx_modification_feature.modified_residue_auth_asym_id 
_pdbx_modification_feature.modified_residue_auth_seq_id 
_pdbx_modification_feature.modified_residue_PDB_ins_code 
_pdbx_modification_feature.modified_residue_symmetry 
_pdbx_modification_feature.comp_id_linking_atom 
_pdbx_modification_feature.modified_residue_id_linking_atom 
_pdbx_modification_feature.modified_residue_id 
_pdbx_modification_feature.ref_pcm_id 
_pdbx_modification_feature.ref_comp_id 
_pdbx_modification_feature.type 
_pdbx_modification_feature.category 
1 PTR B 2 ? .   . . . PTR B 101 ? 1_555 .   . .   . .     . . TYR 1  PTR Phosphorylation 'Named protein modification' 
2 ACE B 1 ? PTR B 2 ? ACE B 100 ? 1_555 PTR B 101 ? 1_555 . . PTR 42 ACE None            'Terminal acetylation'       
# 
_struct_sheet.id               A 
_struct_sheet.type             ? 
_struct_sheet.number_strands   5 
_struct_sheet.details          ? 
# 
loop_
_struct_sheet_order.sheet_id 
_struct_sheet_order.range_id_1 
_struct_sheet_order.range_id_2 
_struct_sheet_order.offset 
_struct_sheet_order.sense 
A 1 2 ? anti-parallel 
A 2 3 ? anti-parallel 
A 3 4 ? anti-parallel 
A 4 5 ? parallel      
# 
loop_
_struct_sheet_range.sheet_id 
_struct_sheet_range.id 
_struct_sheet_range.beg_label_comp_id 
_struct_sheet_range.beg_label_asym_id 
_struct_sheet_range.beg_label_seq_id 
_struct_sheet_range.pdbx_beg_PDB_ins_code 
_struct_sheet_range.end_label_comp_id 
_struct_sheet_range.end_label_asym_id 
_struct_sheet_range.end_label_seq_id 
_struct_sheet_range.pdbx_end_PDB_ins_code 
_struct_sheet_range.beg_auth_comp_id 
_struct_sheet_range.beg_auth_asym_id 
_struct_sheet_range.beg_auth_seq_id 
_struct_sheet_range.end_auth_comp_id 
_struct_sheet_range.end_auth_asym_id 
_struct_sheet_range.end_auth_seq_id 
A 1 PHE A 73  ? TYR A 74  ? PHE A 215 TYR A 216 
A 2 GLY A 57  ? LYS A 67  ? GLY A 199 LYS A 209 
A 3 TYR A 45  ? ASP A 53  ? TYR A 187 ASP A 195 
A 4 THR A 32  ? GLU A 37  ? THR A 174 GLU A 179 
A 5 THR A 104 ? VAL A 105 ? THR A 246 VAL A 247 
# 
loop_
_pdbx_struct_sheet_hbond.sheet_id 
_pdbx_struct_sheet_hbond.range_id_1 
_pdbx_struct_sheet_hbond.range_id_2 
_pdbx_struct_sheet_hbond.range_1_label_atom_id 
_pdbx_struct_sheet_hbond.range_1_label_comp_id 
_pdbx_struct_sheet_hbond.range_1_label_asym_id 
_pdbx_struct_sheet_hbond.range_1_label_seq_id 
_pdbx_struct_sheet_hbond.range_1_PDB_ins_code 
_pdbx_struct_sheet_hbond.range_1_auth_atom_id 
_pdbx_struct_sheet_hbond.range_1_auth_comp_id 
_pdbx_struct_sheet_hbond.range_1_auth_asym_id 
_pdbx_struct_sheet_hbond.range_1_auth_seq_id 
_pdbx_struct_sheet_hbond.range_2_label_atom_id 
_pdbx_struct_sheet_hbond.range_2_label_comp_id 
_pdbx_struct_sheet_hbond.range_2_label_asym_id 
_pdbx_struct_sheet_hbond.range_2_label_seq_id 
_pdbx_struct_sheet_hbond.range_2_PDB_ins_code 
_pdbx_struct_sheet_hbond.range_2_auth_atom_id 
_pdbx_struct_sheet_hbond.range_2_auth_comp_id 
_pdbx_struct_sheet_hbond.range_2_auth_asym_id 
_pdbx_struct_sheet_hbond.range_2_auth_seq_id 
A 1 2 O TYR A 74 ? O TYR A 216 N ARG A 66  ? N ARG A 208 
A 2 3 N ILE A 65 ? N ILE A 207 O TYR A 45  ? O TYR A 187 
A 3 4 N SER A 50 ? N SER A 192 O THR A 32  ? O THR A 174 
A 4 5 N PHE A 33 ? N PHE A 175 O THR A 104 ? O THR A 246 
# 
_struct_site.id                   AC1 
_struct_site.pdbx_evidence_code   Software 
_struct_site.pdbx_auth_asym_id    B 
_struct_site.pdbx_auth_comp_id    ACE 
_struct_site.pdbx_auth_seq_id     100 
_struct_site.pdbx_auth_ins_code   ? 
_struct_site.pdbx_num_residues    4 
_struct_site.details              'BINDING SITE FOR RESIDUE ACE B 100' 
# 
loop_
_struct_site_gen.id 
_struct_site_gen.site_id 
_struct_site_gen.pdbx_num_res 
_struct_site_gen.label_comp_id 
_struct_site_gen.label_asym_id 
_struct_site_gen.label_seq_id 
_struct_site_gen.pdbx_auth_ins_code 
_struct_site_gen.auth_comp_id 
_struct_site_gen.auth_asym_id 
_struct_site_gen.auth_seq_id 
_struct_site_gen.label_atom_id 
_struct_site_gen.label_alt_id 
_struct_site_gen.symmetry 
_struct_site_gen.details 
1 AC1 4 ARG A 16 ? ARG A 158 . ? 1_555 ? 
2 AC1 4 GLN A 80 ? GLN A 222 . ? 4_555 ? 
3 AC1 4 HOH C .  ? HOH A 301 . ? 1_555 ? 
4 AC1 4 PTR B 2  ? PTR B 101 . ? 1_555 ? 
# 
_pdbx_entry_details.entry_id                   1SHD 
_pdbx_entry_details.compound_details           ? 
_pdbx_entry_details.source_details             ? 
_pdbx_entry_details.nonpolymer_details         ? 
_pdbx_entry_details.sequence_details           ? 
_pdbx_entry_details.has_ligand_of_interest     ? 
_pdbx_entry_details.has_protein_modification   Y 
# 
_pdbx_validate_rmsd_bond.id                        1 
_pdbx_validate_rmsd_bond.PDB_model_num             1 
_pdbx_validate_rmsd_bond.auth_atom_id_1            NE2 
_pdbx_validate_rmsd_bond.auth_asym_id_1            A 
_pdbx_validate_rmsd_bond.auth_comp_id_1            HIS 
_pdbx_validate_rmsd_bond.auth_seq_id_1             236 
_pdbx_validate_rmsd_bond.PDB_ins_code_1            ? 
_pdbx_validate_rmsd_bond.label_alt_id_1            ? 
_pdbx_validate_rmsd_bond.auth_atom_id_2            CD2 
_pdbx_validate_rmsd_bond.auth_asym_id_2            A 
_pdbx_validate_rmsd_bond.auth_comp_id_2            HIS 
_pdbx_validate_rmsd_bond.auth_seq_id_2             236 
_pdbx_validate_rmsd_bond.PDB_ins_code_2            ? 
_pdbx_validate_rmsd_bond.label_alt_id_2            ? 
_pdbx_validate_rmsd_bond.bond_value                1.302 
_pdbx_validate_rmsd_bond.bond_target_value         1.373 
_pdbx_validate_rmsd_bond.bond_deviation            -0.071 
_pdbx_validate_rmsd_bond.bond_standard_deviation   0.011 
_pdbx_validate_rmsd_bond.linker_flag               N 
# 
loop_
_pdbx_validate_rmsd_angle.id 
_pdbx_validate_rmsd_angle.PDB_model_num 
_pdbx_validate_rmsd_angle.auth_atom_id_1 
_pdbx_validate_rmsd_angle.auth_asym_id_1 
_pdbx_validate_rmsd_angle.auth_comp_id_1 
_pdbx_validate_rmsd_angle.auth_seq_id_1 
_pdbx_validate_rmsd_angle.PDB_ins_code_1 
_pdbx_validate_rmsd_angle.label_alt_id_1 
_pdbx_validate_rmsd_angle.auth_atom_id_2 
_pdbx_validate_rmsd_angle.auth_asym_id_2 
_pdbx_validate_rmsd_angle.auth_comp_id_2 
_pdbx_validate_rmsd_angle.auth_seq_id_2 
_pdbx_validate_rmsd_angle.PDB_ins_code_2 
_pdbx_validate_rmsd_angle.label_alt_id_2 
_pdbx_validate_rmsd_angle.auth_atom_id_3 
_pdbx_validate_rmsd_angle.auth_asym_id_3 
_pdbx_validate_rmsd_angle.auth_comp_id_3 
_pdbx_validate_rmsd_angle.auth_seq_id_3 
_pdbx_validate_rmsd_angle.PDB_ins_code_3 
_pdbx_validate_rmsd_angle.label_alt_id_3 
_pdbx_validate_rmsd_angle.angle_value 
_pdbx_validate_rmsd_angle.angle_target_value 
_pdbx_validate_rmsd_angle.angle_deviation 
_pdbx_validate_rmsd_angle.angle_standard_deviation 
_pdbx_validate_rmsd_angle.linker_flag 
1 1 CD1 A TRP 151 ? ? CG  A TRP 151 ? ? CD2 A TRP 151 ? ? 112.22 106.30 5.92  0.80 N 
2 1 CE2 A TRP 151 ? ? CD2 A TRP 151 ? ? CG  A TRP 151 ? ? 101.20 107.30 -6.10 0.80 N 
3 1 CG  A TRP 151 ? ? CD2 A TRP 151 ? ? CE3 A TRP 151 ? ? 139.74 133.90 5.84  0.90 N 
4 1 NE  A ARG 158 ? ? CZ  A ARG 158 ? ? NH1 A ARG 158 ? ? 125.41 120.30 5.11  0.50 N 
5 1 NE  A ARG 158 ? ? CZ  A ARG 158 ? ? NH2 A ARG 158 ? ? 115.39 120.30 -4.91 0.50 N 
6 1 NE  A ARG 159 ? ? CZ  A ARG 159 ? ? NH1 A ARG 159 ? ? 123.36 120.30 3.06  0.50 N 
7 1 NE  A ARG 172 ? ? CZ  A ARG 172 ? ? NH1 A ARG 172 ? ? 127.00 120.30 6.70  0.50 N 
8 1 NE  A ARG 172 ? ? CZ  A ARG 172 ? ? NH2 A ARG 172 ? ? 114.71 120.30 -5.59 0.50 N 
9 1 NE  A ARG 243 ? ? CZ  A ARG 243 ? ? NH1 A ARG 243 ? ? 123.36 120.30 3.06  0.50 N 
# 
loop_
_pdbx_validate_torsion.id 
_pdbx_validate_torsion.PDB_model_num 
_pdbx_validate_torsion.auth_comp_id 
_pdbx_validate_torsion.auth_asym_id 
_pdbx_validate_torsion.auth_seq_id 
_pdbx_validate_torsion.PDB_ins_code 
_pdbx_validate_torsion.label_alt_id 
_pdbx_validate_torsion.phi 
_pdbx_validate_torsion.psi 
1 1 GLN A 147 ? ? -68.68 8.43   
2 1 LYS A 198 ? ? 148.85 -34.69 
3 1 ASP A 238 ? ? 35.68  58.88  
# 
_pdbx_struct_mod_residue.id               1 
_pdbx_struct_mod_residue.label_asym_id    B 
_pdbx_struct_mod_residue.label_comp_id    PTR 
_pdbx_struct_mod_residue.label_seq_id     2 
_pdbx_struct_mod_residue.auth_asym_id     B 
_pdbx_struct_mod_residue.auth_comp_id     PTR 
_pdbx_struct_mod_residue.auth_seq_id      101 
_pdbx_struct_mod_residue.PDB_ins_code     ? 
_pdbx_struct_mod_residue.parent_comp_id   TYR 
_pdbx_struct_mod_residue.details          O-PHOSPHOTYROSINE 
# 
loop_
_pdbx_unobs_or_zero_occ_residues.id 
_pdbx_unobs_or_zero_occ_residues.PDB_model_num 
_pdbx_unobs_or_zero_occ_residues.polymer_flag 
_pdbx_unobs_or_zero_occ_residues.occupancy_flag 
_pdbx_unobs_or_zero_occ_residues.auth_asym_id 
_pdbx_unobs_or_zero_occ_residues.auth_comp_id 
_pdbx_unobs_or_zero_occ_residues.auth_seq_id 
_pdbx_unobs_or_zero_occ_residues.PDB_ins_code 
_pdbx_unobs_or_zero_occ_residues.label_asym_id 
_pdbx_unobs_or_zero_occ_residues.label_comp_id 
_pdbx_unobs_or_zero_occ_residues.label_seq_id 
1 1 Y 1 A MET 143 ? A MET 1  
2 1 Y 1 A ASP 144 ? A ASP 2  
3 1 Y 1 A THR 182 ? A THR 40 
4 1 Y 1 A THR 183 ? A THR 41 
5 1 Y 1 A LYS 184 ? A LYS 42 
6 1 Y 1 A GLY 185 ? A GLY 43 
7 1 Y 1 B GLU 105 ? B GLU 6  
# 
loop_
_chem_comp_atom.comp_id 
_chem_comp_atom.atom_id 
_chem_comp_atom.type_symbol 
_chem_comp_atom.pdbx_aromatic_flag 
_chem_comp_atom.pdbx_stereo_config 
_chem_comp_atom.pdbx_ordinal 
ACE C    C N N 1   
ACE O    O N N 2   
ACE CH3  C N N 3   
ACE H    H N N 4   
ACE H1   H N N 5   
ACE H2   H N N 6   
ACE H3   H N N 7   
ALA N    N N N 8   
ALA CA   C N S 9   
ALA C    C N N 10  
ALA O    O N N 11  
ALA CB   C N N 12  
ALA OXT  O N N 13  
ALA H    H N N 14  
ALA H2   H N N 15  
ALA HA   H N N 16  
ALA HB1  H N N 17  
ALA HB2  H N N 18  
ALA HB3  H N N 19  
ALA HXT  H N N 20  
ARG N    N N N 21  
ARG CA   C N S 22  
ARG C    C N N 23  
ARG O    O N N 24  
ARG CB   C N N 25  
ARG CG   C N N 26  
ARG CD   C N N 27  
ARG NE   N N N 28  
ARG CZ   C N N 29  
ARG NH1  N N N 30  
ARG NH2  N N N 31  
ARG OXT  O N N 32  
ARG H    H N N 33  
ARG H2   H N N 34  
ARG HA   H N N 35  
ARG HB2  H N N 36  
ARG HB3  H N N 37  
ARG HG2  H N N 38  
ARG HG3  H N N 39  
ARG HD2  H N N 40  
ARG HD3  H N N 41  
ARG HE   H N N 42  
ARG HH11 H N N 43  
ARG HH12 H N N 44  
ARG HH21 H N N 45  
ARG HH22 H N N 46  
ARG HXT  H N N 47  
ASN N    N N N 48  
ASN CA   C N S 49  
ASN C    C N N 50  
ASN O    O N N 51  
ASN CB   C N N 52  
ASN CG   C N N 53  
ASN OD1  O N N 54  
ASN ND2  N N N 55  
ASN OXT  O N N 56  
ASN H    H N N 57  
ASN H2   H N N 58  
ASN HA   H N N 59  
ASN HB2  H N N 60  
ASN HB3  H N N 61  
ASN HD21 H N N 62  
ASN HD22 H N N 63  
ASN HXT  H N N 64  
ASP N    N N N 65  
ASP CA   C N S 66  
ASP C    C N N 67  
ASP O    O N N 68  
ASP CB   C N N 69  
ASP CG   C N N 70  
ASP OD1  O N N 71  
ASP OD2  O N N 72  
ASP OXT  O N N 73  
ASP H    H N N 74  
ASP H2   H N N 75  
ASP HA   H N N 76  
ASP HB2  H N N 77  
ASP HB3  H N N 78  
ASP HD2  H N N 79  
ASP HXT  H N N 80  
CYS N    N N N 81  
CYS CA   C N R 82  
CYS C    C N N 83  
CYS O    O N N 84  
CYS CB   C N N 85  
CYS SG   S N N 86  
CYS OXT  O N N 87  
CYS H    H N N 88  
CYS H2   H N N 89  
CYS HA   H N N 90  
CYS HB2  H N N 91  
CYS HB3  H N N 92  
CYS HG   H N N 93  
CYS HXT  H N N 94  
GLN N    N N N 95  
GLN CA   C N S 96  
GLN C    C N N 97  
GLN O    O N N 98  
GLN CB   C N N 99  
GLN CG   C N N 100 
GLN CD   C N N 101 
GLN OE1  O N N 102 
GLN NE2  N N N 103 
GLN OXT  O N N 104 
GLN H    H N N 105 
GLN H2   H N N 106 
GLN HA   H N N 107 
GLN HB2  H N N 108 
GLN HB3  H N N 109 
GLN HG2  H N N 110 
GLN HG3  H N N 111 
GLN HE21 H N N 112 
GLN HE22 H N N 113 
GLN HXT  H N N 114 
GLU N    N N N 115 
GLU CA   C N S 116 
GLU C    C N N 117 
GLU O    O N N 118 
GLU CB   C N N 119 
GLU CG   C N N 120 
GLU CD   C N N 121 
GLU OE1  O N N 122 
GLU OE2  O N N 123 
GLU OXT  O N N 124 
GLU H    H N N 125 
GLU H2   H N N 126 
GLU HA   H N N 127 
GLU HB2  H N N 128 
GLU HB3  H N N 129 
GLU HG2  H N N 130 
GLU HG3  H N N 131 
GLU HE2  H N N 132 
GLU HXT  H N N 133 
GLY N    N N N 134 
GLY CA   C N N 135 
GLY C    C N N 136 
GLY O    O N N 137 
GLY OXT  O N N 138 
GLY H    H N N 139 
GLY H2   H N N 140 
GLY HA2  H N N 141 
GLY HA3  H N N 142 
GLY HXT  H N N 143 
HIS N    N N N 144 
HIS CA   C N S 145 
HIS C    C N N 146 
HIS O    O N N 147 
HIS CB   C N N 148 
HIS CG   C Y N 149 
HIS ND1  N Y N 150 
HIS CD2  C Y N 151 
HIS CE1  C Y N 152 
HIS NE2  N Y N 153 
HIS OXT  O N N 154 
HIS H    H N N 155 
HIS H2   H N N 156 
HIS HA   H N N 157 
HIS HB2  H N N 158 
HIS HB3  H N N 159 
HIS HD1  H N N 160 
HIS HD2  H N N 161 
HIS HE1  H N N 162 
HIS HE2  H N N 163 
HIS HXT  H N N 164 
HOH O    O N N 165 
HOH H1   H N N 166 
HOH H2   H N N 167 
ILE N    N N N 168 
ILE CA   C N S 169 
ILE C    C N N 170 
ILE O    O N N 171 
ILE CB   C N S 172 
ILE CG1  C N N 173 
ILE CG2  C N N 174 
ILE CD1  C N N 175 
ILE OXT  O N N 176 
ILE H    H N N 177 
ILE H2   H N N 178 
ILE HA   H N N 179 
ILE HB   H N N 180 
ILE HG12 H N N 181 
ILE HG13 H N N 182 
ILE HG21 H N N 183 
ILE HG22 H N N 184 
ILE HG23 H N N 185 
ILE HD11 H N N 186 
ILE HD12 H N N 187 
ILE HD13 H N N 188 
ILE HXT  H N N 189 
LEU N    N N N 190 
LEU CA   C N S 191 
LEU C    C N N 192 
LEU O    O N N 193 
LEU CB   C N N 194 
LEU CG   C N N 195 
LEU CD1  C N N 196 
LEU CD2  C N N 197 
LEU OXT  O N N 198 
LEU H    H N N 199 
LEU H2   H N N 200 
LEU HA   H N N 201 
LEU HB2  H N N 202 
LEU HB3  H N N 203 
LEU HG   H N N 204 
LEU HD11 H N N 205 
LEU HD12 H N N 206 
LEU HD13 H N N 207 
LEU HD21 H N N 208 
LEU HD22 H N N 209 
LEU HD23 H N N 210 
LEU HXT  H N N 211 
LYS N    N N N 212 
LYS CA   C N S 213 
LYS C    C N N 214 
LYS O    O N N 215 
LYS CB   C N N 216 
LYS CG   C N N 217 
LYS CD   C N N 218 
LYS CE   C N N 219 
LYS NZ   N N N 220 
LYS OXT  O N N 221 
LYS H    H N N 222 
LYS H2   H N N 223 
LYS HA   H N N 224 
LYS HB2  H N N 225 
LYS HB3  H N N 226 
LYS HG2  H N N 227 
LYS HG3  H N N 228 
LYS HD2  H N N 229 
LYS HD3  H N N 230 
LYS HE2  H N N 231 
LYS HE3  H N N 232 
LYS HZ1  H N N 233 
LYS HZ2  H N N 234 
LYS HZ3  H N N 235 
LYS HXT  H N N 236 
MET N    N N N 237 
MET CA   C N S 238 
MET C    C N N 239 
MET O    O N N 240 
MET CB   C N N 241 
MET CG   C N N 242 
MET SD   S N N 243 
MET CE   C N N 244 
MET OXT  O N N 245 
MET H    H N N 246 
MET H2   H N N 247 
MET HA   H N N 248 
MET HB2  H N N 249 
MET HB3  H N N 250 
MET HG2  H N N 251 
MET HG3  H N N 252 
MET HE1  H N N 253 
MET HE2  H N N 254 
MET HE3  H N N 255 
MET HXT  H N N 256 
PHE N    N N N 257 
PHE CA   C N S 258 
PHE C    C N N 259 
PHE O    O N N 260 
PHE CB   C N N 261 
PHE CG   C Y N 262 
PHE CD1  C Y N 263 
PHE CD2  C Y N 264 
PHE CE1  C Y N 265 
PHE CE2  C Y N 266 
PHE CZ   C Y N 267 
PHE OXT  O N N 268 
PHE H    H N N 269 
PHE H2   H N N 270 
PHE HA   H N N 271 
PHE HB2  H N N 272 
PHE HB3  H N N 273 
PHE HD1  H N N 274 
PHE HD2  H N N 275 
PHE HE1  H N N 276 
PHE HE2  H N N 277 
PHE HZ   H N N 278 
PHE HXT  H N N 279 
PRO N    N N N 280 
PRO CA   C N S 281 
PRO C    C N N 282 
PRO O    O N N 283 
PRO CB   C N N 284 
PRO CG   C N N 285 
PRO CD   C N N 286 
PRO OXT  O N N 287 
PRO H    H N N 288 
PRO HA   H N N 289 
PRO HB2  H N N 290 
PRO HB3  H N N 291 
PRO HG2  H N N 292 
PRO HG3  H N N 293 
PRO HD2  H N N 294 
PRO HD3  H N N 295 
PRO HXT  H N N 296 
PTR N    N N N 297 
PTR CA   C N S 298 
PTR C    C N N 299 
PTR O    O N N 300 
PTR OXT  O N N 301 
PTR CB   C N N 302 
PTR CG   C Y N 303 
PTR CD1  C Y N 304 
PTR CD2  C Y N 305 
PTR CE1  C Y N 306 
PTR CE2  C Y N 307 
PTR CZ   C Y N 308 
PTR OH   O N N 309 
PTR P    P N N 310 
PTR O1P  O N N 311 
PTR O2P  O N N 312 
PTR O3P  O N N 313 
PTR H    H N N 314 
PTR H2   H N N 315 
PTR HA   H N N 316 
PTR HXT  H N N 317 
PTR HB2  H N N 318 
PTR HB3  H N N 319 
PTR HD1  H N N 320 
PTR HD2  H N N 321 
PTR HE1  H N N 322 
PTR HE2  H N N 323 
PTR HO2P H N N 324 
PTR HO3P H N N 325 
SER N    N N N 326 
SER CA   C N S 327 
SER C    C N N 328 
SER O    O N N 329 
SER CB   C N N 330 
SER OG   O N N 331 
SER OXT  O N N 332 
SER H    H N N 333 
SER H2   H N N 334 
SER HA   H N N 335 
SER HB2  H N N 336 
SER HB3  H N N 337 
SER HG   H N N 338 
SER HXT  H N N 339 
THR N    N N N 340 
THR CA   C N S 341 
THR C    C N N 342 
THR O    O N N 343 
THR CB   C N R 344 
THR OG1  O N N 345 
THR CG2  C N N 346 
THR OXT  O N N 347 
THR H    H N N 348 
THR H2   H N N 349 
THR HA   H N N 350 
THR HB   H N N 351 
THR HG1  H N N 352 
THR HG21 H N N 353 
THR HG22 H N N 354 
THR HG23 H N N 355 
THR HXT  H N N 356 
TRP N    N N N 357 
TRP CA   C N S 358 
TRP C    C N N 359 
TRP O    O N N 360 
TRP CB   C N N 361 
TRP CG   C Y N 362 
TRP CD1  C Y N 363 
TRP CD2  C Y N 364 
TRP NE1  N Y N 365 
TRP CE2  C Y N 366 
TRP CE3  C Y N 367 
TRP CZ2  C Y N 368 
TRP CZ3  C Y N 369 
TRP CH2  C Y N 370 
TRP OXT  O N N 371 
TRP H    H N N 372 
TRP H2   H N N 373 
TRP HA   H N N 374 
TRP HB2  H N N 375 
TRP HB3  H N N 376 
TRP HD1  H N N 377 
TRP HE1  H N N 378 
TRP HE3  H N N 379 
TRP HZ2  H N N 380 
TRP HZ3  H N N 381 
TRP HH2  H N N 382 
TRP HXT  H N N 383 
TYR N    N N N 384 
TYR CA   C N S 385 
TYR C    C N N 386 
TYR O    O N N 387 
TYR CB   C N N 388 
TYR CG   C Y N 389 
TYR CD1  C Y N 390 
TYR CD2  C Y N 391 
TYR CE1  C Y N 392 
TYR CE2  C Y N 393 
TYR CZ   C Y N 394 
TYR OH   O N N 395 
TYR OXT  O N N 396 
TYR H    H N N 397 
TYR H2   H N N 398 
TYR HA   H N N 399 
TYR HB2  H N N 400 
TYR HB3  H N N 401 
TYR HD1  H N N 402 
TYR HD2  H N N 403 
TYR HE1  H N N 404 
TYR HE2  H N N 405 
TYR HH   H N N 406 
TYR HXT  H N N 407 
VAL N    N N N 408 
VAL CA   C N S 409 
VAL C    C N N 410 
VAL O    O N N 411 
VAL CB   C N N 412 
VAL CG1  C N N 413 
VAL CG2  C N N 414 
VAL OXT  O N N 415 
VAL H    H N N 416 
VAL H2   H N N 417 
VAL HA   H N N 418 
VAL HB   H N N 419 
VAL HG11 H N N 420 
VAL HG12 H N N 421 
VAL HG13 H N N 422 
VAL HG21 H N N 423 
VAL HG22 H N N 424 
VAL HG23 H N N 425 
VAL HXT  H N N 426 
# 
loop_
_chem_comp_bond.comp_id 
_chem_comp_bond.atom_id_1 
_chem_comp_bond.atom_id_2 
_chem_comp_bond.value_order 
_chem_comp_bond.pdbx_aromatic_flag 
_chem_comp_bond.pdbx_stereo_config 
_chem_comp_bond.pdbx_ordinal 
ACE C   O    doub N N 1   
ACE C   CH3  sing N N 2   
ACE C   H    sing N N 3   
ACE CH3 H1   sing N N 4   
ACE CH3 H2   sing N N 5   
ACE CH3 H3   sing N N 6   
ALA N   CA   sing N N 7   
ALA N   H    sing N N 8   
ALA N   H2   sing N N 9   
ALA CA  C    sing N N 10  
ALA CA  CB   sing N N 11  
ALA CA  HA   sing N N 12  
ALA C   O    doub N N 13  
ALA C   OXT  sing N N 14  
ALA CB  HB1  sing N N 15  
ALA CB  HB2  sing N N 16  
ALA CB  HB3  sing N N 17  
ALA OXT HXT  sing N N 18  
ARG N   CA   sing N N 19  
ARG N   H    sing N N 20  
ARG N   H2   sing N N 21  
ARG CA  C    sing N N 22  
ARG CA  CB   sing N N 23  
ARG CA  HA   sing N N 24  
ARG C   O    doub N N 25  
ARG C   OXT  sing N N 26  
ARG CB  CG   sing N N 27  
ARG CB  HB2  sing N N 28  
ARG CB  HB3  sing N N 29  
ARG CG  CD   sing N N 30  
ARG CG  HG2  sing N N 31  
ARG CG  HG3  sing N N 32  
ARG CD  NE   sing N N 33  
ARG CD  HD2  sing N N 34  
ARG CD  HD3  sing N N 35  
ARG NE  CZ   sing N N 36  
ARG NE  HE   sing N N 37  
ARG CZ  NH1  sing N N 38  
ARG CZ  NH2  doub N N 39  
ARG NH1 HH11 sing N N 40  
ARG NH1 HH12 sing N N 41  
ARG NH2 HH21 sing N N 42  
ARG NH2 HH22 sing N N 43  
ARG OXT HXT  sing N N 44  
ASN N   CA   sing N N 45  
ASN N   H    sing N N 46  
ASN N   H2   sing N N 47  
ASN CA  C    sing N N 48  
ASN CA  CB   sing N N 49  
ASN CA  HA   sing N N 50  
ASN C   O    doub N N 51  
ASN C   OXT  sing N N 52  
ASN CB  CG   sing N N 53  
ASN CB  HB2  sing N N 54  
ASN CB  HB3  sing N N 55  
ASN CG  OD1  doub N N 56  
ASN CG  ND2  sing N N 57  
ASN ND2 HD21 sing N N 58  
ASN ND2 HD22 sing N N 59  
ASN OXT HXT  sing N N 60  
ASP N   CA   sing N N 61  
ASP N   H    sing N N 62  
ASP N   H2   sing N N 63  
ASP CA  C    sing N N 64  
ASP CA  CB   sing N N 65  
ASP CA  HA   sing N N 66  
ASP C   O    doub N N 67  
ASP C   OXT  sing N N 68  
ASP CB  CG   sing N N 69  
ASP CB  HB2  sing N N 70  
ASP CB  HB3  sing N N 71  
ASP CG  OD1  doub N N 72  
ASP CG  OD2  sing N N 73  
ASP OD2 HD2  sing N N 74  
ASP OXT HXT  sing N N 75  
CYS N   CA   sing N N 76  
CYS N   H    sing N N 77  
CYS N   H2   sing N N 78  
CYS CA  C    sing N N 79  
CYS CA  CB   sing N N 80  
CYS CA  HA   sing N N 81  
CYS C   O    doub N N 82  
CYS C   OXT  sing N N 83  
CYS CB  SG   sing N N 84  
CYS CB  HB2  sing N N 85  
CYS CB  HB3  sing N N 86  
CYS SG  HG   sing N N 87  
CYS OXT HXT  sing N N 88  
GLN N   CA   sing N N 89  
GLN N   H    sing N N 90  
GLN N   H2   sing N N 91  
GLN CA  C    sing N N 92  
GLN CA  CB   sing N N 93  
GLN CA  HA   sing N N 94  
GLN C   O    doub N N 95  
GLN C   OXT  sing N N 96  
GLN CB  CG   sing N N 97  
GLN CB  HB2  sing N N 98  
GLN CB  HB3  sing N N 99  
GLN CG  CD   sing N N 100 
GLN CG  HG2  sing N N 101 
GLN CG  HG3  sing N N 102 
GLN CD  OE1  doub N N 103 
GLN CD  NE2  sing N N 104 
GLN NE2 HE21 sing N N 105 
GLN NE2 HE22 sing N N 106 
GLN OXT HXT  sing N N 107 
GLU N   CA   sing N N 108 
GLU N   H    sing N N 109 
GLU N   H2   sing N N 110 
GLU CA  C    sing N N 111 
GLU CA  CB   sing N N 112 
GLU CA  HA   sing N N 113 
GLU C   O    doub N N 114 
GLU C   OXT  sing N N 115 
GLU CB  CG   sing N N 116 
GLU CB  HB2  sing N N 117 
GLU CB  HB3  sing N N 118 
GLU CG  CD   sing N N 119 
GLU CG  HG2  sing N N 120 
GLU CG  HG3  sing N N 121 
GLU CD  OE1  doub N N 122 
GLU CD  OE2  sing N N 123 
GLU OE2 HE2  sing N N 124 
GLU OXT HXT  sing N N 125 
GLY N   CA   sing N N 126 
GLY N   H    sing N N 127 
GLY N   H2   sing N N 128 
GLY CA  C    sing N N 129 
GLY CA  HA2  sing N N 130 
GLY CA  HA3  sing N N 131 
GLY C   O    doub N N 132 
GLY C   OXT  sing N N 133 
GLY OXT HXT  sing N N 134 
HIS N   CA   sing N N 135 
HIS N   H    sing N N 136 
HIS N   H2   sing N N 137 
HIS CA  C    sing N N 138 
HIS CA  CB   sing N N 139 
HIS CA  HA   sing N N 140 
HIS C   O    doub N N 141 
HIS C   OXT  sing N N 142 
HIS CB  CG   sing N N 143 
HIS CB  HB2  sing N N 144 
HIS CB  HB3  sing N N 145 
HIS CG  ND1  sing Y N 146 
HIS CG  CD2  doub Y N 147 
HIS ND1 CE1  doub Y N 148 
HIS ND1 HD1  sing N N 149 
HIS CD2 NE2  sing Y N 150 
HIS CD2 HD2  sing N N 151 
HIS CE1 NE2  sing Y N 152 
HIS CE1 HE1  sing N N 153 
HIS NE2 HE2  sing N N 154 
HIS OXT HXT  sing N N 155 
HOH O   H1   sing N N 156 
HOH O   H2   sing N N 157 
ILE N   CA   sing N N 158 
ILE N   H    sing N N 159 
ILE N   H2   sing N N 160 
ILE CA  C    sing N N 161 
ILE CA  CB   sing N N 162 
ILE CA  HA   sing N N 163 
ILE C   O    doub N N 164 
ILE C   OXT  sing N N 165 
ILE CB  CG1  sing N N 166 
ILE CB  CG2  sing N N 167 
ILE CB  HB   sing N N 168 
ILE CG1 CD1  sing N N 169 
ILE CG1 HG12 sing N N 170 
ILE CG1 HG13 sing N N 171 
ILE CG2 HG21 sing N N 172 
ILE CG2 HG22 sing N N 173 
ILE CG2 HG23 sing N N 174 
ILE CD1 HD11 sing N N 175 
ILE CD1 HD12 sing N N 176 
ILE CD1 HD13 sing N N 177 
ILE OXT HXT  sing N N 178 
LEU N   CA   sing N N 179 
LEU N   H    sing N N 180 
LEU N   H2   sing N N 181 
LEU CA  C    sing N N 182 
LEU CA  CB   sing N N 183 
LEU CA  HA   sing N N 184 
LEU C   O    doub N N 185 
LEU C   OXT  sing N N 186 
LEU CB  CG   sing N N 187 
LEU CB  HB2  sing N N 188 
LEU CB  HB3  sing N N 189 
LEU CG  CD1  sing N N 190 
LEU CG  CD2  sing N N 191 
LEU CG  HG   sing N N 192 
LEU CD1 HD11 sing N N 193 
LEU CD1 HD12 sing N N 194 
LEU CD1 HD13 sing N N 195 
LEU CD2 HD21 sing N N 196 
LEU CD2 HD22 sing N N 197 
LEU CD2 HD23 sing N N 198 
LEU OXT HXT  sing N N 199 
LYS N   CA   sing N N 200 
LYS N   H    sing N N 201 
LYS N   H2   sing N N 202 
LYS CA  C    sing N N 203 
LYS CA  CB   sing N N 204 
LYS CA  HA   sing N N 205 
LYS C   O    doub N N 206 
LYS C   OXT  sing N N 207 
LYS CB  CG   sing N N 208 
LYS CB  HB2  sing N N 209 
LYS CB  HB3  sing N N 210 
LYS CG  CD   sing N N 211 
LYS CG  HG2  sing N N 212 
LYS CG  HG3  sing N N 213 
LYS CD  CE   sing N N 214 
LYS CD  HD2  sing N N 215 
LYS CD  HD3  sing N N 216 
LYS CE  NZ   sing N N 217 
LYS CE  HE2  sing N N 218 
LYS CE  HE3  sing N N 219 
LYS NZ  HZ1  sing N N 220 
LYS NZ  HZ2  sing N N 221 
LYS NZ  HZ3  sing N N 222 
LYS OXT HXT  sing N N 223 
MET N   CA   sing N N 224 
MET N   H    sing N N 225 
MET N   H2   sing N N 226 
MET CA  C    sing N N 227 
MET CA  CB   sing N N 228 
MET CA  HA   sing N N 229 
MET C   O    doub N N 230 
MET C   OXT  sing N N 231 
MET CB  CG   sing N N 232 
MET CB  HB2  sing N N 233 
MET CB  HB3  sing N N 234 
MET CG  SD   sing N N 235 
MET CG  HG2  sing N N 236 
MET CG  HG3  sing N N 237 
MET SD  CE   sing N N 238 
MET CE  HE1  sing N N 239 
MET CE  HE2  sing N N 240 
MET CE  HE3  sing N N 241 
MET OXT HXT  sing N N 242 
PHE N   CA   sing N N 243 
PHE N   H    sing N N 244 
PHE N   H2   sing N N 245 
PHE CA  C    sing N N 246 
PHE CA  CB   sing N N 247 
PHE CA  HA   sing N N 248 
PHE C   O    doub N N 249 
PHE C   OXT  sing N N 250 
PHE CB  CG   sing N N 251 
PHE CB  HB2  sing N N 252 
PHE CB  HB3  sing N N 253 
PHE CG  CD1  doub Y N 254 
PHE CG  CD2  sing Y N 255 
PHE CD1 CE1  sing Y N 256 
PHE CD1 HD1  sing N N 257 
PHE CD2 CE2  doub Y N 258 
PHE CD2 HD2  sing N N 259 
PHE CE1 CZ   doub Y N 260 
PHE CE1 HE1  sing N N 261 
PHE CE2 CZ   sing Y N 262 
PHE CE2 HE2  sing N N 263 
PHE CZ  HZ   sing N N 264 
PHE OXT HXT  sing N N 265 
PRO N   CA   sing N N 266 
PRO N   CD   sing N N 267 
PRO N   H    sing N N 268 
PRO CA  C    sing N N 269 
PRO CA  CB   sing N N 270 
PRO CA  HA   sing N N 271 
PRO C   O    doub N N 272 
PRO C   OXT  sing N N 273 
PRO CB  CG   sing N N 274 
PRO CB  HB2  sing N N 275 
PRO CB  HB3  sing N N 276 
PRO CG  CD   sing N N 277 
PRO CG  HG2  sing N N 278 
PRO CG  HG3  sing N N 279 
PRO CD  HD2  sing N N 280 
PRO CD  HD3  sing N N 281 
PRO OXT HXT  sing N N 282 
PTR N   CA   sing N N 283 
PTR N   H    sing N N 284 
PTR N   H2   sing N N 285 
PTR CA  C    sing N N 286 
PTR CA  CB   sing N N 287 
PTR CA  HA   sing N N 288 
PTR C   O    doub N N 289 
PTR C   OXT  sing N N 290 
PTR OXT HXT  sing N N 291 
PTR CB  CG   sing N N 292 
PTR CB  HB2  sing N N 293 
PTR CB  HB3  sing N N 294 
PTR CG  CD1  doub Y N 295 
PTR CG  CD2  sing Y N 296 
PTR CD1 CE1  sing Y N 297 
PTR CD1 HD1  sing N N 298 
PTR CD2 CE2  doub Y N 299 
PTR CD2 HD2  sing N N 300 
PTR CE1 CZ   doub Y N 301 
PTR CE1 HE1  sing N N 302 
PTR CE2 CZ   sing Y N 303 
PTR CE2 HE2  sing N N 304 
PTR CZ  OH   sing N N 305 
PTR OH  P    sing N N 306 
PTR P   O1P  doub N N 307 
PTR P   O2P  sing N N 308 
PTR P   O3P  sing N N 309 
PTR O2P HO2P sing N N 310 
PTR O3P HO3P sing N N 311 
SER N   CA   sing N N 312 
SER N   H    sing N N 313 
SER N   H2   sing N N 314 
SER CA  C    sing N N 315 
SER CA  CB   sing N N 316 
SER CA  HA   sing N N 317 
SER C   O    doub N N 318 
SER C   OXT  sing N N 319 
SER CB  OG   sing N N 320 
SER CB  HB2  sing N N 321 
SER CB  HB3  sing N N 322 
SER OG  HG   sing N N 323 
SER OXT HXT  sing N N 324 
THR N   CA   sing N N 325 
THR N   H    sing N N 326 
THR N   H2   sing N N 327 
THR CA  C    sing N N 328 
THR CA  CB   sing N N 329 
THR CA  HA   sing N N 330 
THR C   O    doub N N 331 
THR C   OXT  sing N N 332 
THR CB  OG1  sing N N 333 
THR CB  CG2  sing N N 334 
THR CB  HB   sing N N 335 
THR OG1 HG1  sing N N 336 
THR CG2 HG21 sing N N 337 
THR CG2 HG22 sing N N 338 
THR CG2 HG23 sing N N 339 
THR OXT HXT  sing N N 340 
TRP N   CA   sing N N 341 
TRP N   H    sing N N 342 
TRP N   H2   sing N N 343 
TRP CA  C    sing N N 344 
TRP CA  CB   sing N N 345 
TRP CA  HA   sing N N 346 
TRP C   O    doub N N 347 
TRP C   OXT  sing N N 348 
TRP CB  CG   sing N N 349 
TRP CB  HB2  sing N N 350 
TRP CB  HB3  sing N N 351 
TRP CG  CD1  doub Y N 352 
TRP CG  CD2  sing Y N 353 
TRP CD1 NE1  sing Y N 354 
TRP CD1 HD1  sing N N 355 
TRP CD2 CE2  doub Y N 356 
TRP CD2 CE3  sing Y N 357 
TRP NE1 CE2  sing Y N 358 
TRP NE1 HE1  sing N N 359 
TRP CE2 CZ2  sing Y N 360 
TRP CE3 CZ3  doub Y N 361 
TRP CE3 HE3  sing N N 362 
TRP CZ2 CH2  doub Y N 363 
TRP CZ2 HZ2  sing N N 364 
TRP CZ3 CH2  sing Y N 365 
TRP CZ3 HZ3  sing N N 366 
TRP CH2 HH2  sing N N 367 
TRP OXT HXT  sing N N 368 
TYR N   CA   sing N N 369 
TYR N   H    sing N N 370 
TYR N   H2   sing N N 371 
TYR CA  C    sing N N 372 
TYR CA  CB   sing N N 373 
TYR CA  HA   sing N N 374 
TYR C   O    doub N N 375 
TYR C   OXT  sing N N 376 
TYR CB  CG   sing N N 377 
TYR CB  HB2  sing N N 378 
TYR CB  HB3  sing N N 379 
TYR CG  CD1  doub Y N 380 
TYR CG  CD2  sing Y N 381 
TYR CD1 CE1  sing Y N 382 
TYR CD1 HD1  sing N N 383 
TYR CD2 CE2  doub Y N 384 
TYR CD2 HD2  sing N N 385 
TYR CE1 CZ   doub Y N 386 
TYR CE1 HE1  sing N N 387 
TYR CE2 CZ   sing Y N 388 
TYR CE2 HE2  sing N N 389 
TYR CZ  OH   sing N N 390 
TYR OH  HH   sing N N 391 
TYR OXT HXT  sing N N 392 
VAL N   CA   sing N N 393 
VAL N   H    sing N N 394 
VAL N   H2   sing N N 395 
VAL CA  C    sing N N 396 
VAL CA  CB   sing N N 397 
VAL CA  HA   sing N N 398 
VAL C   O    doub N N 399 
VAL C   OXT  sing N N 400 
VAL CB  CG1  sing N N 401 
VAL CB  CG2  sing N N 402 
VAL CB  HB   sing N N 403 
VAL CG1 HG11 sing N N 404 
VAL CG1 HG12 sing N N 405 
VAL CG1 HG13 sing N N 406 
VAL CG2 HG21 sing N N 407 
VAL CG2 HG22 sing N N 408 
VAL CG2 HG23 sing N N 409 
VAL OXT HXT  sing N N 410 
# 
_atom_sites.entry_id                    1SHD 
_atom_sites.fract_transf_matrix[1][1]   0.01608595 
_atom_sites.fract_transf_matrix[1][2]   -0.01773955 
_atom_sites.fract_transf_matrix[1][3]   -0.00267730 
_atom_sites.fract_transf_matrix[2][1]   -0.01422577 
_atom_sites.fract_transf_matrix[2][2]   -0.01432029 
_atom_sites.fract_transf_matrix[2][3]   0.00941269 
_atom_sites.fract_transf_matrix[3][1]   -0.00506074 
_atom_sites.fract_transf_matrix[3][2]   -0.00279330 
_atom_sites.fract_transf_matrix[3][3]   -0.01189817 
_atom_sites.fract_transf_vector[1]      0.347164 
_atom_sites.fract_transf_vector[2]      0.220243 
_atom_sites.fract_transf_vector[3]      0.152188 
# 
_atom_sites_footnote.id     1 
_atom_sites_footnote.text   'RESIDUE SG CYS A 188 HAS MULTIPLE CONFORMATIONS.' 
# 
loop_
_atom_type.symbol 
C 
H 
N 
O 
P 
S 
# 
loop_
_atom_site.group_PDB 
_atom_site.id 
_atom_site.type_symbol 
_atom_site.label_atom_id 
_atom_site.label_alt_id 
_atom_site.label_comp_id 
_atom_site.label_asym_id 
_atom_site.label_entity_id 
_atom_site.label_seq_id 
_atom_site.pdbx_PDB_ins_code 
_atom_site.Cartn_x 
_atom_site.Cartn_y 
_atom_site.Cartn_z 
_atom_site.occupancy 
_atom_site.B_iso_or_equiv 
_atom_site.pdbx_formal_charge 
_atom_site.auth_seq_id 
_atom_site.auth_comp_id 
_atom_site.auth_asym_id 
_atom_site.auth_atom_id 
_atom_site.pdbx_PDB_model_num 
ATOM   1    N N    . SER A 1 3   ? -18.098 -3.514  -2.695  1.00 71.21 ? 145 SER A N    1 
ATOM   2    C CA   . SER A 1 3   ? -17.539 -3.417  -1.362  1.00 68.88 ? 145 SER A CA   1 
ATOM   3    C C    . SER A 1 3   ? -16.053 -3.296  -1.613  1.00 65.31 ? 145 SER A C    1 
ATOM   4    O O    . SER A 1 3   ? -15.639 -3.138  -2.769  1.00 62.90 ? 145 SER A O    1 
ATOM   5    C CB   . SER A 1 3   ? -17.886 -4.708  -0.583  1.00 71.71 ? 145 SER A CB   1 
ATOM   6    O OG   . SER A 1 3   ? -18.165 -5.764  -1.517  1.00 74.41 ? 145 SER A OG   1 
ATOM   7    H HG   . SER A 1 3   ? -18.522 -6.534  -1.032  1.00 0.00  ? 145 SER A HG   1 
ATOM   8    N N    . ILE A 1 4   ? -15.264 -3.387  -0.549  1.00 61.43 ? 146 ILE A N    1 
ATOM   9    C CA   . ILE A 1 4   ? -13.841 -3.308  -0.720  1.00 56.35 ? 146 ILE A CA   1 
ATOM   10   C C    . ILE A 1 4   ? -13.418 -4.523  -1.524  1.00 54.16 ? 146 ILE A C    1 
ATOM   11   O O    . ILE A 1 4   ? -12.615 -4.388  -2.433  1.00 52.76 ? 146 ILE A O    1 
ATOM   12   C CB   . ILE A 1 4   ? -13.202 -3.209  0.704   1.00 55.58 ? 146 ILE A CB   1 
ATOM   13   C CG1  . ILE A 1 4   ? -11.756 -2.801  0.515   1.00 54.55 ? 146 ILE A CG1  1 
ATOM   14   C CG2  . ILE A 1 4   ? -13.342 -4.497  1.513   1.00 54.67 ? 146 ILE A CG2  1 
ATOM   15   C CD1  . ILE A 1 4   ? -11.651 -1.422  -0.151  1.00 56.28 ? 146 ILE A CD1  1 
ATOM   16   H H    . ILE A 1 4   ? -15.620 -3.451  0.363   1.00 0.00  ? 146 ILE A H    1 
ATOM   17   N N    . GLN A 1 5   ? -14.076 -5.670  -1.347  1.00 52.08 ? 147 GLN A N    1 
ATOM   18   C CA   . GLN A 1 5   ? -13.695 -6.851  -2.095  1.00 51.36 ? 147 GLN A CA   1 
ATOM   19   C C    . GLN A 1 5   ? -13.989 -6.776  -3.593  1.00 50.00 ? 147 GLN A C    1 
ATOM   20   O O    . GLN A 1 5   ? -13.902 -7.775  -4.302  1.00 51.86 ? 147 GLN A O    1 
ATOM   21   C CB   . GLN A 1 5   ? -14.383 -8.078  -1.443  1.00 52.89 ? 147 GLN A CB   1 
ATOM   22   C CG   . GLN A 1 5   ? -15.914 -8.124  -1.490  1.00 56.86 ? 147 GLN A CG   1 
ATOM   23   C CD   . GLN A 1 5   ? -16.611 -9.378  -0.934  1.00 59.25 ? 147 GLN A CD   1 
ATOM   24   O OE1  . GLN A 1 5   ? -16.518 -9.692  0.257   1.00 57.54 ? 147 GLN A OE1  1 
ATOM   25   N NE2  . GLN A 1 5   ? -17.389 -10.109 -1.737  1.00 58.02 ? 147 GLN A NE2  1 
ATOM   26   H H    . GLN A 1 5   ? -14.725 -5.767  -0.627  1.00 0.00  ? 147 GLN A H    1 
ATOM   27   H HE21 . GLN A 1 5   ? -17.804 -10.904 -1.338  1.00 0.00  ? 147 GLN A HE21 1 
ATOM   28   H HE22 . GLN A 1 5   ? -17.491 -9.839  -2.671  1.00 0.00  ? 147 GLN A HE22 1 
ATOM   29   N N    . ALA A 1 6   ? -14.396 -5.625  -4.137  1.00 47.97 ? 148 ALA A N    1 
ATOM   30   C CA   . ALA A 1 6   ? -14.587 -5.479  -5.584  1.00 43.64 ? 148 ALA A CA   1 
ATOM   31   C C    . ALA A 1 6   ? -13.431 -4.655  -6.172  1.00 40.76 ? 148 ALA A C    1 
ATOM   32   O O    . ALA A 1 6   ? -13.294 -4.431  -7.396  1.00 40.85 ? 148 ALA A O    1 
ATOM   33   C CB   . ALA A 1 6   ? -15.894 -4.754  -5.872  1.00 45.78 ? 148 ALA A CB   1 
ATOM   34   H H    . ALA A 1 6   ? -14.397 -4.803  -3.612  1.00 0.00  ? 148 ALA A H    1 
ATOM   35   N N    . GLU A 1 7   ? -12.557 -4.200  -5.261  1.00 34.27 ? 149 GLU A N    1 
ATOM   36   C CA   . GLU A 1 7   ? -11.420 -3.415  -5.658  1.00 29.52 ? 149 GLU A CA   1 
ATOM   37   C C    . GLU A 1 7   ? -10.348 -4.357  -6.154  1.00 24.61 ? 149 GLU A C    1 
ATOM   38   O O    . GLU A 1 7   ? -10.052 -5.341  -5.476  1.00 23.55 ? 149 GLU A O    1 
ATOM   39   C CB   . GLU A 1 7   ? -10.939 -2.620  -4.467  1.00 31.11 ? 149 GLU A CB   1 
ATOM   40   C CG   . GLU A 1 7   ? -12.015 -1.722  -3.879  1.00 34.30 ? 149 GLU A CG   1 
ATOM   41   C CD   . GLU A 1 7   ? -12.702 -0.813  -4.875  1.00 36.32 ? 149 GLU A CD   1 
ATOM   42   O OE1  . GLU A 1 7   ? -12.087 -0.312  -5.815  1.00 32.67 ? 149 GLU A OE1  1 
ATOM   43   O OE2  . GLU A 1 7   ? -13.893 -0.618  -4.700  1.00 41.22 ? 149 GLU A OE2  1 
ATOM   44   H H    . GLU A 1 7   ? -12.561 -4.552  -4.351  1.00 0.00  ? 149 GLU A H    1 
ATOM   45   N N    . GLU A 1 8   ? -9.735  -4.129  -7.302  1.00 22.25 ? 150 GLU A N    1 
ATOM   46   C CA   . GLU A 1 8   ? -8.687  -5.041  -7.699  1.00 24.01 ? 150 GLU A CA   1 
ATOM   47   C C    . GLU A 1 8   ? -7.382  -4.900  -6.929  1.00 19.04 ? 150 GLU A C    1 
ATOM   48   O O    . GLU A 1 8   ? -6.513  -5.754  -7.013  1.00 17.73 ? 150 GLU A O    1 
ATOM   49   C CB   . GLU A 1 8   ? -8.421  -4.874  -9.167  1.00 30.96 ? 150 GLU A CB   1 
ATOM   50   C CG   . GLU A 1 8   ? -7.996  -3.496  -9.550  1.00 43.49 ? 150 GLU A CG   1 
ATOM   51   C CD   . GLU A 1 8   ? -7.583  -3.408  -11.001 1.00 50.15 ? 150 GLU A CD   1 
ATOM   52   O OE1  . GLU A 1 8   ? -6.847  -4.287  -11.496 1.00 56.00 ? 150 GLU A OE1  1 
ATOM   53   O OE2  . GLU A 1 8   ? -8.020  -2.433  -11.615 1.00 53.43 ? 150 GLU A OE2  1 
ATOM   54   H H    . GLU A 1 8   ? -10.014 -3.402  -7.884  1.00 0.00  ? 150 GLU A H    1 
ATOM   55   N N    . TRP A 1 9   ? -7.175  -3.796  -6.204  1.00 16.61 ? 151 TRP A N    1 
ATOM   56   C CA   . TRP A 1 9   ? -5.986  -3.636  -5.378  1.00 11.45 ? 151 TRP A CA   1 
ATOM   57   C C    . TRP A 1 9   ? -6.141  -4.254  -3.999  1.00 12.32 ? 151 TRP A C    1 
ATOM   58   O O    . TRP A 1 9   ? -5.194  -4.248  -3.235  1.00 13.39 ? 151 TRP A O    1 
ATOM   59   C CB   . TRP A 1 9   ? -5.662  -2.145  -5.254  1.00 14.12 ? 151 TRP A CB   1 
ATOM   60   C CG   . TRP A 1 9   ? -6.824  -1.168  -5.019  1.00 13.87 ? 151 TRP A CG   1 
ATOM   61   C CD1  . TRP A 1 9   ? -7.213  -0.335  -6.034  1.00 16.35 ? 151 TRP A CD1  1 
ATOM   62   C CD2  . TRP A 1 9   ? -7.547  -0.957  -3.864  1.00 14.95 ? 151 TRP A CD2  1 
ATOM   63   N NE1  . TRP A 1 9   ? -8.168  0.411   -5.533  1.00 14.38 ? 151 TRP A NE1  1 
ATOM   64   C CE2  . TRP A 1 9   ? -8.404  0.087   -4.264  1.00 14.92 ? 151 TRP A CE2  1 
ATOM   65   C CE3  . TRP A 1 9   ? -7.636  -1.446  -2.551  1.00 15.99 ? 151 TRP A CE3  1 
ATOM   66   C CZ2  . TRP A 1 9   ? -9.350  0.650   -3.398  1.00 14.42 ? 151 TRP A CZ2  1 
ATOM   67   C CZ3  . TRP A 1 9   ? -8.584  -0.882  -1.684  1.00 19.24 ? 151 TRP A CZ3  1 
ATOM   68   C CH2  . TRP A 1 9   ? -9.435  0.158   -2.099  1.00 15.09 ? 151 TRP A CH2  1 
ATOM   69   H H    . TRP A 1 9   ? -7.841  -3.084  -6.248  1.00 0.00  ? 151 TRP A H    1 
ATOM   70   H HE1  . TRP A 1 9   ? -8.586  1.174   -5.998  1.00 0.00  ? 151 TRP A HE1  1 
ATOM   71   N N    . TYR A 1 10  ? -7.297  -4.787  -3.612  1.00 10.20 ? 152 TYR A N    1 
ATOM   72   C CA   . TYR A 1 10  ? -7.514  -5.325  -2.306  1.00 11.53 ? 152 TYR A CA   1 
ATOM   73   C C    . TYR A 1 10  ? -7.297  -6.825  -2.398  1.00 14.31 ? 152 TYR A C    1 
ATOM   74   O O    . TYR A 1 10  ? -7.973  -7.495  -3.177  1.00 17.27 ? 152 TYR A O    1 
ATOM   75   C CB   . TYR A 1 10  ? -8.937  -5.017  -1.872  1.00 11.57 ? 152 TYR A CB   1 
ATOM   76   C CG   . TYR A 1 10  ? -9.206  -5.613  -0.499  1.00 16.47 ? 152 TYR A CG   1 
ATOM   77   C CD1  . TYR A 1 10  ? -8.538  -5.072  0.619   1.00 21.65 ? 152 TYR A CD1  1 
ATOM   78   C CD2  . TYR A 1 10  ? -10.080 -6.691  -0.337  1.00 15.29 ? 152 TYR A CD2  1 
ATOM   79   C CE1  . TYR A 1 10  ? -8.734  -5.601  1.905   1.00 21.56 ? 152 TYR A CE1  1 
ATOM   80   C CE2  . TYR A 1 10  ? -10.285 -7.216  0.945   1.00 16.96 ? 152 TYR A CE2  1 
ATOM   81   C CZ   . TYR A 1 10  ? -9.614  -6.669  2.050   1.00 20.56 ? 152 TYR A CZ   1 
ATOM   82   O OH   . TYR A 1 10  ? -9.825  -7.146  3.325   1.00 27.86 ? 152 TYR A OH   1 
ATOM   83   H H    . TYR A 1 10  ? -7.987  -4.989  -4.280  1.00 0.00  ? 152 TYR A H    1 
ATOM   84   H HH   . TYR A 1 10  ? -10.632 -7.680  3.356   1.00 0.00  ? 152 TYR A HH   1 
ATOM   85   N N    . PHE A 1 11  ? -6.365  -7.397  -1.628  1.00 14.52 ? 153 PHE A N    1 
ATOM   86   C CA   . PHE A 1 11  ? -6.034  -8.814  -1.628  1.00 12.83 ? 153 PHE A CA   1 
ATOM   87   C C    . PHE A 1 11  ? -6.460  -9.615  -0.400  1.00 12.34 ? 153 PHE A C    1 
ATOM   88   O O    . PHE A 1 11  ? -6.024  -10.749 -0.266  1.00 11.93 ? 153 PHE A O    1 
ATOM   89   C CB   . PHE A 1 11  ? -4.531  -8.931  -1.841  1.00 11.66 ? 153 PHE A CB   1 
ATOM   90   C CG   . PHE A 1 11  ? -4.163  -8.767  -3.313  1.00 9.23  ? 153 PHE A CG   1 
ATOM   91   C CD1  . PHE A 1 11  ? -4.309  -7.537  -3.970  1.00 12.65 ? 153 PHE A CD1  1 
ATOM   92   C CD2  . PHE A 1 11  ? -3.674  -9.875  -4.014  1.00 12.36 ? 153 PHE A CD2  1 
ATOM   93   C CE1  . PHE A 1 11  ? -3.971  -7.412  -5.317  1.00 9.47  ? 153 PHE A CE1  1 
ATOM   94   C CE2  . PHE A 1 11  ? -3.333  -9.744  -5.369  1.00 12.99 ? 153 PHE A CE2  1 
ATOM   95   C CZ   . PHE A 1 11  ? -3.480  -8.516  -6.005  1.00 14.35 ? 153 PHE A CZ   1 
ATOM   96   H H    . PHE A 1 11  ? -5.829  -6.810  -1.053  1.00 0.00  ? 153 PHE A H    1 
ATOM   97   N N    . GLY A 1 12  ? -7.303  -9.098  0.511   1.00 13.73 ? 154 GLY A N    1 
ATOM   98   C CA   . GLY A 1 12  ? -7.806  -9.809  1.678   1.00 12.72 ? 154 GLY A CA   1 
ATOM   99   C C    . GLY A 1 12  ? -6.708  -9.985  2.684   1.00 16.60 ? 154 GLY A C    1 
ATOM   100  O O    . GLY A 1 12  ? -5.738  -9.215  2.735   1.00 17.19 ? 154 GLY A O    1 
ATOM   101  H H    . GLY A 1 12  ? -7.603  -8.181  0.384   1.00 0.00  ? 154 GLY A H    1 
ATOM   102  N N    . LYS A 1 13  ? -6.867  -11.038 3.461   1.00 15.72 ? 155 LYS A N    1 
ATOM   103  C CA   . LYS A 1 13  ? -5.942  -11.338 4.529   1.00 18.92 ? 155 LYS A CA   1 
ATOM   104  C C    . LYS A 1 13  ? -4.857  -12.280 4.018   1.00 19.77 ? 155 LYS A C    1 
ATOM   105  O O    . LYS A 1 13  ? -4.997  -13.505 4.042   1.00 20.37 ? 155 LYS A O    1 
ATOM   106  C CB   . LYS A 1 13  ? -6.766  -11.942 5.676   1.00 21.47 ? 155 LYS A CB   1 
ATOM   107  C CG   . LYS A 1 13  ? -6.066  -12.249 7.008   1.00 27.90 ? 155 LYS A CG   1 
ATOM   108  C CD   . LYS A 1 13  ? -7.161  -12.887 7.857   1.00 38.67 ? 155 LYS A CD   1 
ATOM   109  C CE   . LYS A 1 13  ? -6.680  -13.785 8.996   1.00 44.75 ? 155 LYS A CE   1 
ATOM   110  N NZ   . LYS A 1 13  ? -6.047  -13.029 10.065  1.00 51.98 ? 155 LYS A NZ   1 
ATOM   111  H H    . LYS A 1 13  ? -7.589  -11.664 3.280   1.00 0.00  ? 155 LYS A H    1 
ATOM   112  H HZ1  . LYS A 1 13  ? -6.717  -12.326 10.440  1.00 0.00  ? 155 LYS A HZ1  1 
ATOM   113  H HZ2  . LYS A 1 13  ? -5.766  -13.680 10.826  1.00 0.00  ? 155 LYS A HZ2  1 
ATOM   114  H HZ3  . LYS A 1 13  ? -5.205  -12.543 9.693   1.00 0.00  ? 155 LYS A HZ3  1 
ATOM   115  N N    . ILE A 1 14  ? -3.804  -11.721 3.428   1.00 21.34 ? 156 ILE A N    1 
ATOM   116  C CA   . ILE A 1 14  ? -2.658  -12.520 3.000   1.00 20.01 ? 156 ILE A CA   1 
ATOM   117  C C    . ILE A 1 14  ? -1.490  -12.200 3.931   1.00 21.35 ? 156 ILE A C    1 
ATOM   118  O O    . ILE A 1 14  ? -1.518  -11.181 4.642   1.00 25.52 ? 156 ILE A O    1 
ATOM   119  C CB   . ILE A 1 14  ? -2.234  -12.231 1.520   1.00 16.50 ? 156 ILE A CB   1 
ATOM   120  C CG1  . ILE A 1 14  ? -2.050  -10.769 1.213   1.00 16.34 ? 156 ILE A CG1  1 
ATOM   121  C CG2  . ILE A 1 14  ? -3.301  -12.831 0.621   1.00 16.19 ? 156 ILE A CG2  1 
ATOM   122  C CD1  . ILE A 1 14  ? -1.333  -10.517 -0.145  1.00 16.41 ? 156 ILE A CD1  1 
ATOM   123  H H    . ILE A 1 14  ? -3.750  -10.743 3.382   1.00 0.00  ? 156 ILE A H    1 
ATOM   124  N N    . THR A 1 15  ? -0.445  -13.013 3.986   1.00 19.20 ? 157 THR A N    1 
ATOM   125  C CA   . THR A 1 15  ? 0.700   -12.713 4.845   1.00 18.11 ? 157 THR A CA   1 
ATOM   126  C C    . THR A 1 15  ? 1.673   -11.708 4.252   1.00 15.46 ? 157 THR A C    1 
ATOM   127  O O    . THR A 1 15  ? 1.691   -11.528 3.024   1.00 14.79 ? 157 THR A O    1 
ATOM   128  C CB   . THR A 1 15  ? 1.466   -13.993 5.120   1.00 21.02 ? 157 THR A CB   1 
ATOM   129  O OG1  . THR A 1 15  ? 1.934   -14.522 3.871   1.00 24.92 ? 157 THR A OG1  1 
ATOM   130  C CG2  . THR A 1 15  ? 0.579   -15.015 5.777   1.00 21.38 ? 157 THR A CG2  1 
ATOM   131  H H    . THR A 1 15  ? -0.444  -13.825 3.437   1.00 0.00  ? 157 THR A H    1 
ATOM   132  H HG1  . THR A 1 15  ? 1.227   -15.079 3.506   1.00 0.00  ? 157 THR A HG1  1 
ATOM   133  N N    . ARG A 1 16  ? 2.589   -11.132 5.024   1.00 16.07 ? 158 ARG A N    1 
ATOM   134  C CA   . ARG A 1 16  ? 3.598   -10.270 4.457   1.00 15.10 ? 158 ARG A CA   1 
ATOM   135  C C    . ARG A 1 16  ? 4.418   -11.076 3.466   1.00 17.75 ? 158 ARG A C    1 
ATOM   136  O O    . ARG A 1 16  ? 4.725   -10.564 2.387   1.00 15.86 ? 158 ARG A O    1 
ATOM   137  C CB   . ARG A 1 16  ? 4.512   -9.726  5.548   1.00 14.77 ? 158 ARG A CB   1 
ATOM   138  C CG   . ARG A 1 16  ? 5.695   -8.939  4.948   1.00 17.73 ? 158 ARG A CG   1 
ATOM   139  C CD   . ARG A 1 16  ? 6.698   -8.513  6.026   1.00 16.74 ? 158 ARG A CD   1 
ATOM   140  N NE   . ARG A 1 16  ? 6.094   -7.422  6.722   1.00 17.96 ? 158 ARG A NE   1 
ATOM   141  C CZ   . ARG A 1 16  ? 6.720   -6.320  7.101   1.00 11.29 ? 158 ARG A CZ   1 
ATOM   142  N NH1  . ARG A 1 16  ? 7.998   -6.075  6.933   1.00 11.90 ? 158 ARG A NH1  1 
ATOM   143  N NH2  . ARG A 1 16  ? 5.949   -5.364  7.549   1.00 15.44 ? 158 ARG A NH2  1 
ATOM   144  H H    . ARG A 1 16  ? 2.574   -11.292 5.991   1.00 0.00  ? 158 ARG A H    1 
ATOM   145  H HE   . ARG A 1 16  ? 5.159   -7.523  6.964   1.00 0.00  ? 158 ARG A HE   1 
ATOM   146  H HH11 . ARG A 1 16  ? 8.583   -6.746  6.479   1.00 0.00  ? 158 ARG A HH11 1 
ATOM   147  H HH12 . ARG A 1 16  ? 8.388   -5.210  7.254   1.00 0.00  ? 158 ARG A HH12 1 
ATOM   148  H HH21 . ARG A 1 16  ? 4.959   -5.511  7.571   1.00 0.00  ? 158 ARG A HH21 1 
ATOM   149  H HH22 . ARG A 1 16  ? 6.326   -4.496  7.858   1.00 0.00  ? 158 ARG A HH22 1 
ATOM   150  N N    . ARG A 1 17  ? 4.748   -12.348 3.707   1.00 18.74 ? 159 ARG A N    1 
ATOM   151  C CA   . ARG A 1 17  ? 5.595   -13.121 2.796   1.00 22.19 ? 159 ARG A CA   1 
ATOM   152  C C    . ARG A 1 17  ? 4.893   -13.353 1.457   1.00 19.08 ? 159 ARG A C    1 
ATOM   153  O O    . ARG A 1 17  ? 5.483   -13.268 0.372   1.00 17.10 ? 159 ARG A O    1 
ATOM   154  C CB   . ARG A 1 17  ? 5.938   -14.445 3.485   1.00 31.75 ? 159 ARG A CB   1 
ATOM   155  C CG   . ARG A 1 17  ? 7.018   -15.288 2.847   1.00 47.59 ? 159 ARG A CG   1 
ATOM   156  C CD   . ARG A 1 17  ? 6.458   -16.693 2.534   1.00 63.29 ? 159 ARG A CD   1 
ATOM   157  N NE   . ARG A 1 17  ? 6.344   -16.949 1.087   1.00 76.64 ? 159 ARG A NE   1 
ATOM   158  C CZ   . ARG A 1 17  ? 5.234   -17.425 0.489   1.00 81.49 ? 159 ARG A CZ   1 
ATOM   159  N NH1  . ARG A 1 17  ? 4.108   -17.719 1.153   1.00 83.53 ? 159 ARG A NH1  1 
ATOM   160  N NH2  . ARG A 1 17  ? 5.255   -17.598 -0.829  1.00 85.93 ? 159 ARG A NH2  1 
ATOM   161  H H    . ARG A 1 17  ? 4.445   -12.755 4.549   1.00 0.00  ? 159 ARG A H    1 
ATOM   162  H HE   . ARG A 1 17  ? 7.119   -16.755 0.521   1.00 0.00  ? 159 ARG A HE   1 
ATOM   163  H HH11 . ARG A 1 17  ? 4.065   -17.597 2.145   1.00 0.00  ? 159 ARG A HH11 1 
ATOM   164  H HH12 . ARG A 1 17  ? 3.314   -18.073 0.657   1.00 0.00  ? 159 ARG A HH12 1 
ATOM   165  H HH21 . ARG A 1 17  ? 6.078   -17.372 -1.350  1.00 0.00  ? 159 ARG A HH21 1 
ATOM   166  H HH22 . ARG A 1 17  ? 4.442   -17.943 -1.298  1.00 0.00  ? 159 ARG A HH22 1 
ATOM   167  N N    . GLU A 1 18  ? 3.596   -13.620 1.506   1.00 16.33 ? 160 GLU A N    1 
ATOM   168  C CA   . GLU A 1 18  ? 2.868   -13.764 0.288   1.00 16.32 ? 160 GLU A CA   1 
ATOM   169  C C    . GLU A 1 18  ? 2.789   -12.432 -0.420  1.00 15.16 ? 160 GLU A C    1 
ATOM   170  O O    . GLU A 1 18  ? 2.999   -12.411 -1.628  1.00 15.72 ? 160 GLU A O    1 
ATOM   171  C CB   . GLU A 1 18  ? 1.477   -14.264 0.567   1.00 21.14 ? 160 GLU A CB   1 
ATOM   172  C CG   . GLU A 1 18  ? 0.753   -14.497 -0.785  1.00 32.07 ? 160 GLU A CG   1 
ATOM   173  C CD   . GLU A 1 18  ? 1.248   -15.616 -1.731  1.00 36.08 ? 160 GLU A CD   1 
ATOM   174  O OE1  . GLU A 1 18  ? 2.199   -16.351 -1.420  1.00 39.83 ? 160 GLU A OE1  1 
ATOM   175  O OE2  . GLU A 1 18  ? 0.630   -15.766 -2.787  1.00 38.56 ? 160 GLU A OE2  1 
ATOM   176  H H    . GLU A 1 18  ? 3.145   -13.721 2.371   1.00 0.00  ? 160 GLU A H    1 
ATOM   177  N N    . SER A 1 19  ? 2.597   -11.304 0.248   1.00 11.58 ? 161 SER A N    1 
ATOM   178  C CA   . SER A 1 19  ? 2.476   -10.067 -0.505  1.00 10.65 ? 161 SER A CA   1 
ATOM   179  C C    . SER A 1 19  ? 3.777   -9.737  -1.181  1.00 9.44  ? 161 SER A C    1 
ATOM   180  O O    . SER A 1 19  ? 3.781   -9.201  -2.279  1.00 12.39 ? 161 SER A O    1 
ATOM   181  C CB   . SER A 1 19  ? 2.098   -8.911  0.392   1.00 10.51 ? 161 SER A CB   1 
ATOM   182  O OG   . SER A 1 19  ? 3.194   -8.558  1.237   1.00 14.92 ? 161 SER A OG   1 
ATOM   183  H H    . SER A 1 19  ? 2.488   -11.317 1.225   1.00 0.00  ? 161 SER A H    1 
ATOM   184  H HG   . SER A 1 19  ? 3.567   -9.370  1.590   1.00 0.00  ? 161 SER A HG   1 
ATOM   185  N N    . GLU A 1 20  ? 4.920   -10.049 -0.583  1.00 11.30 ? 162 GLU A N    1 
ATOM   186  C CA   . GLU A 1 20  ? 6.203   -9.726  -1.190  1.00 14.66 ? 162 GLU A CA   1 
ATOM   187  C C    . GLU A 1 20  ? 6.481   -10.660 -2.349  1.00 17.65 ? 162 GLU A C    1 
ATOM   188  O O    . GLU A 1 20  ? 7.116   -10.270 -3.332  1.00 17.79 ? 162 GLU A O    1 
ATOM   189  C CB   . GLU A 1 20  ? 7.362   -9.866  -0.230  1.00 14.63 ? 162 GLU A CB   1 
ATOM   190  C CG   . GLU A 1 20  ? 7.197   -8.823  0.877   1.00 17.27 ? 162 GLU A CG   1 
ATOM   191  C CD   . GLU A 1 20  ? 8.389   -8.680  1.786   1.00 22.69 ? 162 GLU A CD   1 
ATOM   192  O OE1  . GLU A 1 20  ? 9.307   -9.496  1.699   1.00 30.45 ? 162 GLU A OE1  1 
ATOM   193  O OE2  . GLU A 1 20  ? 8.428   -7.749  2.584   1.00 23.62 ? 162 GLU A OE2  1 
ATOM   194  H H    . GLU A 1 20  ? 4.900   -10.510 0.285   1.00 0.00  ? 162 GLU A H    1 
ATOM   195  N N    . ARG A 1 21  ? 5.943   -11.873 -2.277  1.00 17.87 ? 163 ARG A N    1 
ATOM   196  C CA   . ARG A 1 21  ? 6.116   -12.824 -3.357  1.00 20.06 ? 163 ARG A CA   1 
ATOM   197  C C    . ARG A 1 21  ? 5.307   -12.356 -4.583  1.00 19.48 ? 163 ARG A C    1 
ATOM   198  O O    . ARG A 1 21  ? 5.751   -12.418 -5.728  1.00 19.79 ? 163 ARG A O    1 
ATOM   199  C CB   . ARG A 1 21  ? 5.654   -14.128 -2.786  1.00 25.10 ? 163 ARG A CB   1 
ATOM   200  C CG   . ARG A 1 21  ? 6.431   -15.232 -3.394  1.00 37.07 ? 163 ARG A CG   1 
ATOM   201  C CD   . ARG A 1 21  ? 5.421   -16.297 -3.803  1.00 46.47 ? 163 ARG A CD   1 
ATOM   202  N NE   . ARG A 1 21  ? 4.434   -15.760 -4.737  1.00 54.62 ? 163 ARG A NE   1 
ATOM   203  C CZ   . ARG A 1 21  ? 3.236   -16.332 -4.909  1.00 59.97 ? 163 ARG A CZ   1 
ATOM   204  N NH1  . ARG A 1 21  ? 2.889   -17.427 -4.220  1.00 64.50 ? 163 ARG A NH1  1 
ATOM   205  N NH2  . ARG A 1 21  ? 2.375   -15.809 -5.794  1.00 61.31 ? 163 ARG A NH2  1 
ATOM   206  H H    . ARG A 1 21  ? 5.415   -12.114 -1.489  1.00 0.00  ? 163 ARG A H    1 
ATOM   207  H HE   . ARG A 1 21  ? 4.659   -14.963 -5.262  1.00 0.00  ? 163 ARG A HE   1 
ATOM   208  H HH11 . ARG A 1 21  ? 3.522   -17.832 -3.561  1.00 0.00  ? 163 ARG A HH11 1 
ATOM   209  H HH12 . ARG A 1 21  ? 1.983   -17.829 -4.353  1.00 0.00  ? 163 ARG A HH12 1 
ATOM   210  H HH21 . ARG A 1 21  ? 2.623   -14.995 -6.317  1.00 0.00  ? 163 ARG A HH21 1 
ATOM   211  H HH22 . ARG A 1 21  ? 1.473   -16.226 -5.915  1.00 0.00  ? 163 ARG A HH22 1 
ATOM   212  N N    . LEU A 1 22  ? 4.105   -11.845 -4.375  1.00 16.08 ? 164 LEU A N    1 
ATOM   213  C CA   . LEU A 1 22  ? 3.269   -11.307 -5.421  1.00 14.35 ? 164 LEU A CA   1 
ATOM   214  C C    . LEU A 1 22  ? 3.846   -10.036 -6.027  1.00 16.20 ? 164 LEU A C    1 
ATOM   215  O O    . LEU A 1 22  ? 3.844   -9.835  -7.260  1.00 18.01 ? 164 LEU A O    1 
ATOM   216  C CB   . LEU A 1 22  ? 1.909   -10.988 -4.861  1.00 12.73 ? 164 LEU A CB   1 
ATOM   217  C CG   . LEU A 1 22  ? 1.082   -12.131 -4.381  1.00 14.51 ? 164 LEU A CG   1 
ATOM   218  C CD1  . LEU A 1 22  ? -0.080  -11.603 -3.579  1.00 15.30 ? 164 LEU A CD1  1 
ATOM   219  C CD2  . LEU A 1 22  ? 0.562   -12.921 -5.588  1.00 19.77 ? 164 LEU A CD2  1 
ATOM   220  H H    . LEU A 1 22  ? 3.750   -11.855 -3.461  1.00 0.00  ? 164 LEU A H    1 
ATOM   221  N N    . LEU A 1 23  ? 4.398   -9.150  -5.194  1.00 14.44 ? 165 LEU A N    1 
ATOM   222  C CA   . LEU A 1 23  ? 4.843   -7.870  -5.716  1.00 16.53 ? 165 LEU A CA   1 
ATOM   223  C C    . LEU A 1 23  ? 6.162   -7.862  -6.469  1.00 16.16 ? 165 LEU A C    1 
ATOM   224  O O    . LEU A 1 23  ? 6.365   -7.191  -7.483  1.00 15.62 ? 165 LEU A O    1 
ATOM   225  C CB   . LEU A 1 23  ? 4.873   -6.876  -4.527  1.00 15.94 ? 165 LEU A CB   1 
ATOM   226  C CG   . LEU A 1 23  ? 3.546   -6.375  -3.957  1.00 13.59 ? 165 LEU A CG   1 
ATOM   227  C CD1  . LEU A 1 23  ? 3.789   -5.561  -2.695  1.00 11.23 ? 165 LEU A CD1  1 
ATOM   228  C CD2  . LEU A 1 23  ? 2.886   -5.443  -4.948  1.00 12.40 ? 165 LEU A CD2  1 
ATOM   229  H H    . LEU A 1 23  ? 4.442   -9.343  -4.234  1.00 0.00  ? 165 LEU A H    1 
ATOM   230  N N    . LEU A 1 24  ? 7.045   -8.692  -5.980  1.00 18.48 ? 166 LEU A N    1 
ATOM   231  C CA   . LEU A 1 24  ? 8.410   -8.723  -6.417  1.00 25.74 ? 166 LEU A CA   1 
ATOM   232  C C    . LEU A 1 24  ? 8.678   -9.635  -7.572  1.00 31.27 ? 166 LEU A C    1 
ATOM   233  O O    . LEU A 1 24  ? 9.477   -10.549 -7.435  1.00 36.14 ? 166 LEU A O    1 
ATOM   234  C CB   . LEU A 1 24  ? 9.275   -9.117  -5.223  1.00 22.67 ? 166 LEU A CB   1 
ATOM   235  C CG   . LEU A 1 24  ? 10.110  -8.097  -4.443  1.00 26.02 ? 166 LEU A CG   1 
ATOM   236  C CD1  . LEU A 1 24  ? 9.642   -6.681  -4.644  1.00 25.61 ? 166 LEU A CD1  1 
ATOM   237  C CD2  . LEU A 1 24  ? 10.056  -8.519  -2.999  1.00 23.37 ? 166 LEU A CD2  1 
ATOM   238  H H    . LEU A 1 24  ? 6.787   -9.308  -5.259  1.00 0.00  ? 166 LEU A H    1 
ATOM   239  N N    . ASN A 1 25  ? 8.004   -9.544  -8.682  1.00 37.20 ? 167 ASN A N    1 
ATOM   240  C CA   . ASN A 1 25  ? 8.485   -10.326 -9.778  1.00 41.10 ? 167 ASN A CA   1 
ATOM   241  C C    . ASN A 1 25  ? 9.102   -9.315  -10.739 1.00 44.30 ? 167 ASN A C    1 
ATOM   242  O O    . ASN A 1 25  ? 9.039   -8.094  -10.521 1.00 46.33 ? 167 ASN A O    1 
ATOM   243  C CB   . ASN A 1 25  ? 7.328   -11.118 -10.337 1.00 45.15 ? 167 ASN A CB   1 
ATOM   244  C CG   . ASN A 1 25  ? 6.242   -10.304 -10.943 1.00 51.06 ? 167 ASN A CG   1 
ATOM   245  O OD1  . ASN A 1 25  ? 6.515   -9.378  -11.715 1.00 56.45 ? 167 ASN A OD1  1 
ATOM   246  N ND2  . ASN A 1 25  ? 4.999   -10.615 -10.607 1.00 55.88 ? 167 ASN A ND2  1 
ATOM   247  H H    . ASN A 1 25  ? 7.347   -8.831  -8.807  1.00 0.00  ? 167 ASN A H    1 
ATOM   248  H HD21 . ASN A 1 25  ? 4.258   -10.103 -11.003 1.00 0.00  ? 167 ASN A HD21 1 
ATOM   249  H HD22 . ASN A 1 25  ? 4.842   -11.340 -9.965  1.00 0.00  ? 167 ASN A HD22 1 
ATOM   250  N N    . ALA A 1 26  ? 9.699   -9.776  -11.829 1.00 46.75 ? 168 ALA A N    1 
ATOM   251  C CA   . ALA A 1 26  ? 10.417  -8.859  -12.705 1.00 48.08 ? 168 ALA A CA   1 
ATOM   252  C C    . ALA A 1 26  ? 9.615   -8.197  -13.821 1.00 46.94 ? 168 ALA A C    1 
ATOM   253  O O    . ALA A 1 26  ? 10.158  -7.810  -14.864 1.00 50.10 ? 168 ALA A O    1 
ATOM   254  C CB   . ALA A 1 26  ? 11.621  -9.603  -13.326 1.00 51.08 ? 168 ALA A CB   1 
ATOM   255  H H    . ALA A 1 26  ? 9.759   -10.739 -11.971 1.00 0.00  ? 168 ALA A H    1 
ATOM   256  N N    . GLU A 1 27  ? 8.303   -8.109  -13.695 1.00 41.99 ? 169 GLU A N    1 
ATOM   257  C CA   . GLU A 1 27  ? 7.537   -7.373  -14.670 1.00 36.51 ? 169 GLU A CA   1 
ATOM   258  C C    . GLU A 1 27  ? 6.911   -6.240  -13.934 1.00 31.50 ? 169 GLU A C    1 
ATOM   259  O O    . GLU A 1 27  ? 6.704   -5.194  -14.534 1.00 27.93 ? 169 GLU A O    1 
ATOM   260  C CB   . GLU A 1 27  ? 6.418   -8.137  -15.241 1.00 40.86 ? 169 GLU A CB   1 
ATOM   261  C CG   . GLU A 1 27  ? 6.931   -9.344  -15.941 1.00 48.92 ? 169 GLU A CG   1 
ATOM   262  C CD   . GLU A 1 27  ? 5.747   -10.149 -16.382 1.00 54.90 ? 169 GLU A CD   1 
ATOM   263  O OE1  . GLU A 1 27  ? 5.039   -9.697  -17.287 1.00 58.33 ? 169 GLU A OE1  1 
ATOM   264  O OE2  . GLU A 1 27  ? 5.536   -11.210 -15.788 1.00 59.02 ? 169 GLU A OE2  1 
ATOM   265  H H    . GLU A 1 27  ? 7.864   -8.501  -12.915 1.00 0.00  ? 169 GLU A H    1 
ATOM   266  N N    . ASN A 1 28  ? 6.559   -6.448  -12.660 1.00 26.48 ? 170 ASN A N    1 
ATOM   267  C CA   . ASN A 1 28  ? 5.908   -5.418  -11.866 1.00 23.39 ? 170 ASN A CA   1 
ATOM   268  C C    . ASN A 1 28  ? 6.817   -4.186  -11.763 1.00 20.37 ? 170 ASN A C    1 
ATOM   269  O O    . ASN A 1 28  ? 7.967   -4.306  -11.330 1.00 19.71 ? 170 ASN A O    1 
ATOM   270  C CB   . ASN A 1 28  ? 5.576   -5.989  -10.482 1.00 21.48 ? 170 ASN A CB   1 
ATOM   271  C CG   . ASN A 1 28  ? 4.409   -6.981  -10.465 1.00 21.17 ? 170 ASN A CG   1 
ATOM   272  O OD1  . ASN A 1 28  ? 3.669   -7.128  -11.433 1.00 20.60 ? 170 ASN A OD1  1 
ATOM   273  N ND2  . ASN A 1 28  ? 4.149   -7.740  -9.410  1.00 20.01 ? 170 ASN A ND2  1 
ATOM   274  H H    . ASN A 1 28  ? 6.729   -7.322  -12.251 1.00 0.00  ? 170 ASN A H    1 
ATOM   275  H HD21 . ASN A 1 28  ? 3.413   -8.388  -9.458  1.00 0.00  ? 170 ASN A HD21 1 
ATOM   276  H HD22 . ASN A 1 28  ? 4.723   -7.641  -8.624  1.00 0.00  ? 170 ASN A HD22 1 
ATOM   277  N N    . PRO A 1 29  ? 6.391   -3.015  -12.262 1.00 19.09 ? 171 PRO A N    1 
ATOM   278  C CA   . PRO A 1 29  ? 7.109   -1.761  -12.102 1.00 18.04 ? 171 PRO A CA   1 
ATOM   279  C C    . PRO A 1 29  ? 7.252   -1.280  -10.674 1.00 17.20 ? 171 PRO A C    1 
ATOM   280  O O    . PRO A 1 29  ? 6.543   -1.738  -9.780  1.00 17.05 ? 171 PRO A O    1 
ATOM   281  C CB   . PRO A 1 29  ? 6.354   -0.773  -12.947 1.00 18.64 ? 171 PRO A CB   1 
ATOM   282  C CG   . PRO A 1 29  ? 4.955   -1.299  -12.967 1.00 19.33 ? 171 PRO A CG   1 
ATOM   283  C CD   . PRO A 1 29  ? 5.131   -2.812  -12.996 1.00 17.95 ? 171 PRO A CD   1 
ATOM   284  N N    . ARG A 1 30  ? 8.162   -0.332  -10.456 1.00 15.80 ? 172 ARG A N    1 
ATOM   285  C CA   . ARG A 1 30  ? 8.372   0.352   -9.194  1.00 15.00 ? 172 ARG A CA   1 
ATOM   286  C C    . ARG A 1 30  ? 7.032   0.982   -8.849  1.00 14.59 ? 172 ARG A C    1 
ATOM   287  O O    . ARG A 1 30  ? 6.378   1.568   -9.734  1.00 16.22 ? 172 ARG A O    1 
ATOM   288  C CB   . ARG A 1 30  ? 9.414   1.432   -9.372  1.00 14.74 ? 172 ARG A CB   1 
ATOM   289  C CG   . ARG A 1 30  ? 10.847  1.029   -9.234  1.00 17.37 ? 172 ARG A CG   1 
ATOM   290  C CD   . ARG A 1 30  ? 11.630  0.662   -10.472 1.00 20.80 ? 172 ARG A CD   1 
ATOM   291  N NE   . ARG A 1 30  ? 12.675  1.636   -10.565 1.00 19.56 ? 172 ARG A NE   1 
ATOM   292  C CZ   . ARG A 1 30  ? 13.912  1.425   -11.004 1.00 20.24 ? 172 ARG A CZ   1 
ATOM   293  N NH1  . ARG A 1 30  ? 14.414  0.289   -11.451 1.00 21.73 ? 172 ARG A NH1  1 
ATOM   294  N NH2  . ARG A 1 30  ? 14.721  2.460   -10.887 1.00 22.74 ? 172 ARG A NH2  1 
ATOM   295  H H    . ARG A 1 30  ? 8.697   -0.052  -11.227 1.00 0.00  ? 172 ARG A H    1 
ATOM   296  H HE   . ARG A 1 30  ? 12.457  2.549   -10.285 1.00 0.00  ? 172 ARG A HE   1 
ATOM   297  H HH11 . ARG A 1 30  ? 13.841  -0.530  -11.487 1.00 0.00  ? 172 ARG A HH11 1 
ATOM   298  H HH12 . ARG A 1 30  ? 15.364  0.250   -11.760 1.00 0.00  ? 172 ARG A HH12 1 
ATOM   299  H HH21 . ARG A 1 30  ? 14.391  3.320   -10.498 1.00 0.00  ? 172 ARG A HH21 1 
ATOM   300  H HH22 . ARG A 1 30  ? 15.668  2.374   -11.193 1.00 0.00  ? 172 ARG A HH22 1 
ATOM   301  N N    . GLY A 1 31  ? 6.588   0.870   -7.607  1.00 12.09 ? 173 GLY A N    1 
ATOM   302  C CA   . GLY A 1 31  ? 5.329   1.453   -7.218  1.00 11.69 ? 173 GLY A CA   1 
ATOM   303  C C    . GLY A 1 31  ? 4.156   0.514   -7.450  1.00 14.67 ? 173 GLY A C    1 
ATOM   304  O O    . GLY A 1 31  ? 3.008   0.984   -7.436  1.00 14.74 ? 173 GLY A O    1 
ATOM   305  H H    . GLY A 1 31  ? 7.034   0.264   -6.974  1.00 0.00  ? 173 GLY A H    1 
ATOM   306  N N    . THR A 1 32  ? 4.371   -0.766  -7.725  1.00 11.20 ? 174 THR A N    1 
ATOM   307  C CA   . THR A 1 32  ? 3.258   -1.699  -7.780  1.00 11.58 ? 174 THR A CA   1 
ATOM   308  C C    . THR A 1 32  ? 2.823   -1.899  -6.332  1.00 12.25 ? 174 THR A C    1 
ATOM   309  O O    . THR A 1 32  ? 3.668   -1.921  -5.431  1.00 11.00 ? 174 THR A O    1 
ATOM   310  C CB   . THR A 1 32  ? 3.692   -3.044  -8.399  1.00 11.88 ? 174 THR A CB   1 
ATOM   311  O OG1  . THR A 1 32  ? 4.027   -2.786  -9.774  1.00 14.94 ? 174 THR A OG1  1 
ATOM   312  C CG2  . THR A 1 32  ? 2.588   -4.094  -8.398  1.00 10.77 ? 174 THR A CG2  1 
ATOM   313  H H    . THR A 1 32  ? 5.288   -1.107  -7.795  1.00 0.00  ? 174 THR A H    1 
ATOM   314  H HG1  . THR A 1 32  ? 4.896   -2.392  -9.710  1.00 0.00  ? 174 THR A HG1  1 
ATOM   315  N N    . PHE A 1 33  ? 1.530   -2.056  -6.069  1.00 13.06 ? 175 PHE A N    1 
ATOM   316  C CA   . PHE A 1 33  ? 1.010   -2.063  -4.707  1.00 13.94 ? 175 PHE A CA   1 
ATOM   317  C C    . PHE A 1 33  ? -0.222  -2.960  -4.541  1.00 13.59 ? 175 PHE A C    1 
ATOM   318  O O    . PHE A 1 33  ? -0.903  -3.336  -5.521  1.00 12.73 ? 175 PHE A O    1 
ATOM   319  C CB   . PHE A 1 33  ? 0.634   -0.593  -4.285  1.00 10.57 ? 175 PHE A CB   1 
ATOM   320  C CG   . PHE A 1 33  ? -0.616  -0.072  -4.985  1.00 12.05 ? 175 PHE A CG   1 
ATOM   321  C CD1  . PHE A 1 33  ? -0.537  0.423   -6.307  1.00 10.19 ? 175 PHE A CD1  1 
ATOM   322  C CD2  . PHE A 1 33  ? -1.841  -0.140  -4.327  1.00 11.47 ? 175 PHE A CD2  1 
ATOM   323  C CE1  . PHE A 1 33  ? -1.682  0.849   -6.964  1.00 12.60 ? 175 PHE A CE1  1 
ATOM   324  C CE2  . PHE A 1 33  ? -2.992  0.292   -5.001  1.00 12.14 ? 175 PHE A CE2  1 
ATOM   325  C CZ   . PHE A 1 33  ? -2.913  0.779   -6.309  1.00 11.64 ? 175 PHE A CZ   1 
ATOM   326  H H    . PHE A 1 33  ? 0.892   -2.143  -6.810  1.00 0.00  ? 175 PHE A H    1 
ATOM   327  N N    . LEU A 1 34  ? -0.530  -3.264  -3.288  1.00 11.37 ? 176 LEU A N    1 
ATOM   328  C CA   . LEU A 1 34  ? -1.762  -3.931  -2.917  1.00 9.36  ? 176 LEU A CA   1 
ATOM   329  C C    . LEU A 1 34  ? -2.111  -3.465  -1.502  1.00 10.08 ? 176 LEU A C    1 
ATOM   330  O O    . LEU A 1 34  ? -1.247  -2.955  -0.746  1.00 11.57 ? 176 LEU A O    1 
ATOM   331  C CB   . LEU A 1 34  ? -1.577  -5.471  -2.990  1.00 10.56 ? 176 LEU A CB   1 
ATOM   332  C CG   . LEU A 1 34  ? -0.455  -6.184  -2.244  1.00 10.70 ? 176 LEU A CG   1 
ATOM   333  C CD1  . LEU A 1 34  ? -0.906  -6.460  -0.798  1.00 10.41 ? 176 LEU A CD1  1 
ATOM   334  C CD2  . LEU A 1 34  ? -0.153  -7.536  -2.911  1.00 9.88  ? 176 LEU A CD2  1 
ATOM   335  H H    . LEU A 1 34  ? 0.075   -2.991  -2.565  1.00 0.00  ? 176 LEU A H    1 
ATOM   336  N N    . VAL A 1 35  ? -3.377  -3.650  -1.130  1.00 11.14 ? 177 VAL A N    1 
ATOM   337  C CA   . VAL A 1 35  ? -3.852  -3.374  0.215   1.00 11.41 ? 177 VAL A CA   1 
ATOM   338  C C    . VAL A 1 35  ? -4.295  -4.732  0.730   1.00 12.04 ? 177 VAL A C    1 
ATOM   339  O O    . VAL A 1 35  ? -4.965  -5.519  0.037   1.00 11.99 ? 177 VAL A O    1 
ATOM   340  C CB   . VAL A 1 35  ? -5.070  -2.381  0.241   1.00 12.28 ? 177 VAL A CB   1 
ATOM   341  C CG1  . VAL A 1 35  ? -5.679  -2.211  1.649   1.00 9.39  ? 177 VAL A CG1  1 
ATOM   342  C CG2  . VAL A 1 35  ? -4.573  -1.015  -0.237  1.00 7.66  ? 177 VAL A CG2  1 
ATOM   343  H H    . VAL A 1 35  ? -4.009  -4.052  -1.767  1.00 0.00  ? 177 VAL A H    1 
ATOM   344  N N    . ARG A 1 36  ? -3.871  -5.059  1.933   1.00 10.16 ? 178 ARG A N    1 
ATOM   345  C CA   . ARG A 1 36  ? -4.241  -6.310  2.566   1.00 13.13 ? 178 ARG A CA   1 
ATOM   346  C C    . ARG A 1 36  ? -4.690  -6.025  4.010   1.00 16.70 ? 178 ARG A C    1 
ATOM   347  O O    . ARG A 1 36  ? -4.414  -4.993  4.656   1.00 11.63 ? 178 ARG A O    1 
ATOM   348  C CB   . ARG A 1 36  ? -3.051  -7.268  2.589   1.00 10.08 ? 178 ARG A CB   1 
ATOM   349  C CG   . ARG A 1 36  ? -1.800  -6.644  3.238   1.00 11.06 ? 178 ARG A CG   1 
ATOM   350  C CD   . ARG A 1 36  ? -0.595  -7.568  3.128   1.00 9.62  ? 178 ARG A CD   1 
ATOM   351  N NE   . ARG A 1 36  ? 0.659   -6.922  3.501   1.00 10.64 ? 178 ARG A NE   1 
ATOM   352  C CZ   . ARG A 1 36  ? 1.194   -7.062  4.710   1.00 10.89 ? 178 ARG A CZ   1 
ATOM   353  N NH1  . ARG A 1 36  ? 0.584   -7.778  5.640   1.00 11.87 ? 178 ARG A NH1  1 
ATOM   354  N NH2  . ARG A 1 36  ? 2.325   -6.437  5.010   1.00 9.39  ? 178 ARG A NH2  1 
ATOM   355  H H    . ARG A 1 36  ? -3.331  -4.420  2.446   1.00 0.00  ? 178 ARG A H    1 
ATOM   356  H HE   . ARG A 1 36  ? 1.128   -6.382  2.835   1.00 0.00  ? 178 ARG A HE   1 
ATOM   357  H HH11 . ARG A 1 36  ? -0.292  -8.221  5.454   1.00 0.00  ? 178 ARG A HH11 1 
ATOM   358  H HH12 . ARG A 1 36  ? 1.007   -7.871  6.535   1.00 0.00  ? 178 ARG A HH12 1 
ATOM   359  H HH21 . ARG A 1 36  ? 2.763   -5.852  4.326   1.00 0.00  ? 178 ARG A HH21 1 
ATOM   360  H HH22 . ARG A 1 36  ? 2.715   -6.515  5.921   1.00 0.00  ? 178 ARG A HH22 1 
ATOM   361  N N    . GLU A 1 37  ? -5.410  -7.000  4.538   1.00 21.70 ? 179 GLU A N    1 
ATOM   362  C CA   . GLU A 1 37  ? -5.889  -6.916  5.894   1.00 28.19 ? 179 GLU A CA   1 
ATOM   363  C C    . GLU A 1 37  ? -4.764  -7.367  6.814   1.00 30.58 ? 179 GLU A C    1 
ATOM   364  O O    . GLU A 1 37  ? -4.023  -8.289  6.463   1.00 31.27 ? 179 GLU A O    1 
ATOM   365  C CB   . GLU A 1 37  ? -7.057  -7.800  5.942   1.00 26.32 ? 179 GLU A CB   1 
ATOM   366  C CG   . GLU A 1 37  ? -7.801  -7.662  7.212   1.00 30.95 ? 179 GLU A CG   1 
ATOM   367  C CD   . GLU A 1 37  ? -8.978  -8.587  7.172   1.00 30.99 ? 179 GLU A CD   1 
ATOM   368  O OE1  . GLU A 1 37  ? -9.916  -8.322  6.422   1.00 37.24 ? 179 GLU A OE1  1 
ATOM   369  O OE2  . GLU A 1 37  ? -8.931  -9.588  7.866   1.00 36.06 ? 179 GLU A OE2  1 
ATOM   370  H H    . GLU A 1 37  ? -5.472  -7.856  4.071   1.00 0.00  ? 179 GLU A H    1 
ATOM   371  N N    . SER A 1 38  ? -4.583  -6.706  7.964   1.00 40.53 ? 180 SER A N    1 
ATOM   372  C CA   . SER A 1 38  ? -3.543  -7.094  8.932   1.00 49.87 ? 180 SER A CA   1 
ATOM   373  C C    . SER A 1 38  ? -3.830  -8.505  9.411   1.00 54.36 ? 180 SER A C    1 
ATOM   374  O O    . SER A 1 38  ? -4.962  -8.873  9.755   1.00 52.32 ? 180 SER A O    1 
ATOM   375  C CB   . SER A 1 38  ? -3.507  -6.190  10.190  1.00 51.99 ? 180 SER A CB   1 
ATOM   376  O OG   . SER A 1 38  ? -3.235  -4.783  10.000  1.00 55.82 ? 180 SER A OG   1 
ATOM   377  H H    . SER A 1 38  ? -5.203  -5.986  8.210   1.00 0.00  ? 180 SER A H    1 
ATOM   378  H HG   . SER A 1 38  ? -2.690  -4.761  9.202   1.00 0.00  ? 180 SER A HG   1 
ATOM   379  N N    . GLU A 1 39  ? -2.761  -9.256  9.211   1.00 63.99 ? 181 GLU A N    1 
ATOM   380  C CA   . GLU A 1 39  ? -2.694  -10.639 9.598   1.00 74.85 ? 181 GLU A CA   1 
ATOM   381  C C    . GLU A 1 39  ? -2.120  -10.499 11.004  1.00 80.49 ? 181 GLU A C    1 
ATOM   382  O O    . GLU A 1 39  ? -2.801  -10.905 11.950  1.00 83.73 ? 181 GLU A O    1 
ATOM   383  C CB   . GLU A 1 39  ? -1.734  -11.391 8.677   1.00 77.15 ? 181 GLU A CB   1 
ATOM   384  C CG   . GLU A 1 39  ? -2.385  -12.468 7.826   1.00 83.32 ? 181 GLU A CG   1 
ATOM   385  C CD   . GLU A 1 39  ? -2.682  -13.826 8.460   1.00 87.64 ? 181 GLU A CD   1 
ATOM   386  O OE1  . GLU A 1 39  ? -2.548  -14.006 9.672   1.00 91.37 ? 181 GLU A OE1  1 
ATOM   387  O OE2  . GLU A 1 39  ? -3.053  -14.729 7.711   1.00 88.68 ? 181 GLU A OE2  1 
ATOM   388  H H    . GLU A 1 39  ? -1.923  -8.853  8.923   1.00 0.00  ? 181 GLU A H    1 
ATOM   389  N N    . ALA A 1 44  ? -5.396  -1.134  10.684  1.00 49.20 ? 186 ALA A N    1 
ATOM   390  C CA   . ALA A 1 44  ? -6.304  -2.232  10.373  1.00 44.91 ? 186 ALA A CA   1 
ATOM   391  C C    . ALA A 1 44  ? -5.916  -2.871  9.036   1.00 39.44 ? 186 ALA A C    1 
ATOM   392  O O    . ALA A 1 44  ? -5.975  -4.098  8.887   1.00 38.41 ? 186 ALA A O    1 
ATOM   393  C CB   . ALA A 1 44  ? -7.765  -1.752  10.265  1.00 47.63 ? 186 ALA A CB   1 
ATOM   394  N N    . TYR A 1 45  ? -5.538  -2.049  8.048   1.00 31.50 ? 187 TYR A N    1 
ATOM   395  C CA   . TYR A 1 45  ? -5.112  -2.577  6.772   1.00 22.47 ? 187 TYR A CA   1 
ATOM   396  C C    . TYR A 1 45  ? -3.650  -2.265  6.683   1.00 16.89 ? 187 TYR A C    1 
ATOM   397  O O    . TYR A 1 45  ? -3.144  -1.560  7.565   1.00 13.46 ? 187 TYR A O    1 
ATOM   398  C CB   . TYR A 1 45  ? -5.920  -1.910  5.649   1.00 21.27 ? 187 TYR A CB   1 
ATOM   399  C CG   . TYR A 1 45  ? -7.369  -2.369  5.705   1.00 22.52 ? 187 TYR A CG   1 
ATOM   400  C CD1  . TYR A 1 45  ? -7.745  -3.592  5.148   1.00 25.80 ? 187 TYR A CD1  1 
ATOM   401  C CD2  . TYR A 1 45  ? -8.332  -1.594  6.352   1.00 25.38 ? 187 TYR A CD2  1 
ATOM   402  C CE1  . TYR A 1 45  ? -9.066  -4.049  5.234   1.00 28.24 ? 187 TYR A CE1  1 
ATOM   403  C CE2  . TYR A 1 45  ? -9.650  -2.042  6.444   1.00 25.32 ? 187 TYR A CE2  1 
ATOM   404  C CZ   . TYR A 1 45  ? -10.009 -3.268  5.883   1.00 29.60 ? 187 TYR A CZ   1 
ATOM   405  O OH   . TYR A 1 45  ? -11.314 -3.707  5.964   1.00 31.39 ? 187 TYR A OH   1 
ATOM   406  H H    . TYR A 1 45  ? -5.461  -1.081  8.168   1.00 0.00  ? 187 TYR A H    1 
ATOM   407  H HH   . TYR A 1 45  ? -11.844 -3.049  6.416   1.00 0.00  ? 187 TYR A HH   1 
ATOM   408  N N    . CYS A 1 46  ? -2.978  -2.818  5.687   1.00 12.11 ? 188 CYS A N    1 
ATOM   409  C CA   . CYS A 1 46  ? -1.581  -2.534  5.432   1.00 13.87 ? 188 CYS A CA   1 
ATOM   410  C C    . CYS A 1 46  ? -1.433  -2.132  3.968   1.00 11.65 ? 188 CYS A C    1 
ATOM   411  O O    . CYS A 1 46  ? -2.158  -2.715  3.156   1.00 12.51 ? 188 CYS A O    1 
ATOM   412  C CB   . CYS A 1 46  ? -0.752  -3.778  5.702   1.00 11.22 ? 188 CYS A CB   1 
ATOM   413  S SG   A CYS A 1 46  ? -1.008  -4.395  7.372   0.65 17.91 ? 188 CYS A SG   1 
ATOM   414  S SG   B CYS A 1 46  ? 0.971   -3.579  5.225   0.35 17.91 ? 188 CYS A SG   1 
ATOM   415  H H    . CYS A 1 46  ? -3.418  -3.465  5.094   1.00 0.00  ? 188 CYS A H    1 
ATOM   416  N N    . LEU A 1 47  ? -0.595  -1.178  3.566   1.00 9.76  ? 189 LEU A N    1 
ATOM   417  C CA   . LEU A 1 47  ? -0.358  -0.886  2.175   1.00 9.33  ? 189 LEU A CA   1 
ATOM   418  C C    . LEU A 1 47  ? 1.019   -1.432  1.888   1.00 11.65 ? 189 LEU A C    1 
ATOM   419  O O    . LEU A 1 47  ? 1.920   -1.117  2.654   1.00 11.43 ? 189 LEU A O    1 
ATOM   420  C CB   . LEU A 1 47  ? -0.365  0.617   1.917   1.00 10.77 ? 189 LEU A CB   1 
ATOM   421  C CG   . LEU A 1 47  ? 0.004   1.095   0.527   1.00 10.59 ? 189 LEU A CG   1 
ATOM   422  C CD1  . LEU A 1 47  ? -1.096  0.753   -0.477  1.00 14.45 ? 189 LEU A CD1  1 
ATOM   423  C CD2  . LEU A 1 47  ? 0.139   2.609   0.574   1.00 11.45 ? 189 LEU A CD2  1 
ATOM   424  H H    . LEU A 1 47  ? -0.055  -0.712  4.236   1.00 0.00  ? 189 LEU A H    1 
ATOM   425  N N    . SER A 1 48  ? 1.243   -2.239  0.843   1.00 10.95 ? 190 SER A N    1 
ATOM   426  C CA   . SER A 1 48  ? 2.547   -2.789  0.542   1.00 9.40  ? 190 SER A CA   1 
ATOM   427  C C    . SER A 1 48  ? 2.840   -2.302  -0.864  1.00 9.09  ? 190 SER A C    1 
ATOM   428  O O    . SER A 1 48  ? 1.990   -2.480  -1.737  1.00 9.11  ? 190 SER A O    1 
ATOM   429  C CB   . SER A 1 48  ? 2.482   -4.310  0.589   1.00 6.79  ? 190 SER A CB   1 
ATOM   430  O OG   . SER A 1 48  ? 2.179   -4.791  1.899   1.00 8.80  ? 190 SER A OG   1 
ATOM   431  H H    . SER A 1 48  ? 0.506   -2.417  0.207   1.00 0.00  ? 190 SER A H    1 
ATOM   432  H HG   . SER A 1 48  ? 1.509   -5.480  1.795   1.00 0.00  ? 190 SER A HG   1 
ATOM   433  N N    . VAL A 1 49  ? 4.019   -1.657  -1.044  1.00 11.30 ? 191 VAL A N    1 
ATOM   434  C CA   . VAL A 1 49  ? 4.509   -0.977  -2.246  1.00 12.67 ? 191 VAL A CA   1 
ATOM   435  C C    . VAL A 1 49  ? 5.921   -1.435  -2.683  1.00 15.18 ? 191 VAL A C    1 
ATOM   436  O O    . VAL A 1 49  ? 6.841   -1.439  -1.856  1.00 17.28 ? 191 VAL A O    1 
ATOM   437  C CB   . VAL A 1 49  ? 4.574   0.597   -2.022  1.00 12.03 ? 191 VAL A CB   1 
ATOM   438  C CG1  . VAL A 1 49  ? 4.745   1.363   -3.367  1.00 12.13 ? 191 VAL A CG1  1 
ATOM   439  C CG2  . VAL A 1 49  ? 3.312   1.054   -1.370  1.00 15.09 ? 191 VAL A CG2  1 
ATOM   440  H H    . VAL A 1 49  ? 4.648   -1.621  -0.289  1.00 0.00  ? 191 VAL A H    1 
ATOM   441  N N    . SER A 1 50  ? 6.192   -1.754  -3.957  1.00 15.74 ? 192 SER A N    1 
ATOM   442  C CA   . SER A 1 50  ? 7.520   -2.111  -4.379  1.00 13.45 ? 192 SER A CA   1 
ATOM   443  C C    . SER A 1 50  ? 8.266   -0.848  -4.670  1.00 13.89 ? 192 SER A C    1 
ATOM   444  O O    . SER A 1 50  ? 7.710   0.147   -5.154  1.00 12.58 ? 192 SER A O    1 
ATOM   445  C CB   . SER A 1 50  ? 7.487   -2.944  -5.641  1.00 13.85 ? 192 SER A CB   1 
ATOM   446  O OG   . SER A 1 50  ? 6.954   -2.313  -6.788  1.00 15.64 ? 192 SER A OG   1 
ATOM   447  H H    . SER A 1 50  ? 5.500   -1.688  -4.647  1.00 0.00  ? 192 SER A H    1 
ATOM   448  H HG   . SER A 1 50  ? 7.127   -2.954  -7.503  1.00 0.00  ? 192 SER A HG   1 
ATOM   449  N N    . ASP A 1 51  ? 9.560   -0.909  -4.493  1.00 14.94 ? 193 ASP A N    1 
ATOM   450  C CA   . ASP A 1 51  ? 10.423  0.244   -4.629  1.00 22.76 ? 193 ASP A CA   1 
ATOM   451  C C    . ASP A 1 51  ? 11.796  -0.223  -5.045  1.00 20.55 ? 193 ASP A C    1 
ATOM   452  O O    . ASP A 1 51  ? 12.097  -1.399  -4.897  1.00 21.37 ? 193 ASP A O    1 
ATOM   453  C CB   . ASP A 1 51  ? 10.454  0.929   -3.272  1.00 28.20 ? 193 ASP A CB   1 
ATOM   454  C CG   . ASP A 1 51  ? 11.029  2.324   -3.258  1.00 32.93 ? 193 ASP A CG   1 
ATOM   455  O OD1  . ASP A 1 51  ? 10.808  3.094   -4.209  1.00 34.21 ? 193 ASP A OD1  1 
ATOM   456  O OD2  . ASP A 1 51  ? 11.696  2.619   -2.259  1.00 36.75 ? 193 ASP A OD2  1 
ATOM   457  H H    . ASP A 1 51  ? 9.975   -1.764  -4.253  1.00 0.00  ? 193 ASP A H    1 
ATOM   458  N N    . PHE A 1 52  ? 12.664  0.609   -5.583  1.00 20.50 ? 194 PHE A N    1 
ATOM   459  C CA   . PHE A 1 52  ? 13.991  0.167   -5.943  1.00 22.47 ? 194 PHE A CA   1 
ATOM   460  C C    . PHE A 1 52  ? 14.984  1.062   -5.244  1.00 25.95 ? 194 PHE A C    1 
ATOM   461  O O    . PHE A 1 52  ? 14.791  2.273   -5.278  1.00 26.08 ? 194 PHE A O    1 
ATOM   462  C CB   . PHE A 1 52  ? 14.309  0.315   -7.450  1.00 22.45 ? 194 PHE A CB   1 
ATOM   463  C CG   . PHE A 1 52  ? 15.719  -0.150  -7.879  1.00 21.78 ? 194 PHE A CG   1 
ATOM   464  C CD1  . PHE A 1 52  ? 16.813  0.718   -7.820  1.00 18.79 ? 194 PHE A CD1  1 
ATOM   465  C CD2  . PHE A 1 52  ? 15.925  -1.474  -8.280  1.00 19.31 ? 194 PHE A CD2  1 
ATOM   466  C CE1  . PHE A 1 52  ? 18.085  0.249   -8.141  1.00 18.11 ? 194 PHE A CE1  1 
ATOM   467  C CE2  . PHE A 1 52  ? 17.198  -1.917  -8.597  1.00 18.39 ? 194 PHE A CE2  1 
ATOM   468  C CZ   . PHE A 1 52  ? 18.277  -1.061  -8.528  1.00 16.09 ? 194 PHE A CZ   1 
ATOM   469  H H    . PHE A 1 52  ? 12.477  1.569   -5.643  1.00 0.00  ? 194 PHE A H    1 
ATOM   470  N N    . ASP A 1 53  ? 16.022  0.553   -4.606  1.00 30.48 ? 195 ASP A N    1 
ATOM   471  C CA   . ASP A 1 53  ? 17.159  1.426   -4.369  1.00 38.59 ? 195 ASP A CA   1 
ATOM   472  C C    . ASP A 1 53  ? 18.386  0.560   -4.555  1.00 41.44 ? 195 ASP A C    1 
ATOM   473  O O    . ASP A 1 53  ? 18.315  -0.669  -4.494  1.00 37.92 ? 195 ASP A O    1 
ATOM   474  C CB   . ASP A 1 53  ? 17.167  2.107   -2.971  1.00 43.74 ? 195 ASP A CB   1 
ATOM   475  C CG   . ASP A 1 53  ? 17.046  1.275   -1.725  1.00 45.91 ? 195 ASP A CG   1 
ATOM   476  O OD1  . ASP A 1 53  ? 18.088  0.855   -1.242  1.00 47.23 ? 195 ASP A OD1  1 
ATOM   477  O OD2  . ASP A 1 53  ? 15.918  1.093   -1.256  1.00 52.13 ? 195 ASP A OD2  1 
ATOM   478  H H    . ASP A 1 53  ? 16.085  -0.403  -4.389  1.00 0.00  ? 195 ASP A H    1 
ATOM   479  N N    . ASN A 1 54  ? 19.509  1.195   -4.915  1.00 47.92 ? 196 ASN A N    1 
ATOM   480  C CA   . ASN A 1 54  ? 20.728  0.474   -5.287  1.00 52.73 ? 196 ASN A CA   1 
ATOM   481  C C    . ASN A 1 54  ? 21.313  -0.442  -4.253  1.00 53.60 ? 196 ASN A C    1 
ATOM   482  O O    . ASN A 1 54  ? 21.744  -1.553  -4.585  1.00 54.18 ? 196 ASN A O    1 
ATOM   483  C CB   . ASN A 1 54  ? 21.838  1.419   -5.714  1.00 58.02 ? 196 ASN A CB   1 
ATOM   484  C CG   . ASN A 1 54  ? 21.914  1.335   -7.235  1.00 64.21 ? 196 ASN A CG   1 
ATOM   485  O OD1  . ASN A 1 54  ? 21.527  2.280   -7.923  1.00 66.08 ? 196 ASN A OD1  1 
ATOM   486  N ND2  . ASN A 1 54  ? 22.329  0.217   -7.835  1.00 66.01 ? 196 ASN A ND2  1 
ATOM   487  H H    . ASN A 1 54  ? 19.482  2.169   -4.993  1.00 0.00  ? 196 ASN A H    1 
ATOM   488  H HD21 . ASN A 1 54  ? 22.367  0.238   -8.811  1.00 0.00  ? 196 ASN A HD21 1 
ATOM   489  H HD22 . ASN A 1 54  ? 22.563  -0.569  -7.295  1.00 0.00  ? 196 ASN A HD22 1 
ATOM   490  N N    . ALA A 1 55  ? 21.281  -0.023  -2.997  1.00 52.56 ? 197 ALA A N    1 
ATOM   491  C CA   . ALA A 1 55  ? 21.743  -0.902  -1.954  1.00 51.53 ? 197 ALA A CA   1 
ATOM   492  C C    . ALA A 1 55  ? 20.450  -1.489  -1.410  1.00 51.26 ? 197 ALA A C    1 
ATOM   493  O O    . ALA A 1 55  ? 19.892  -0.897  -0.488  1.00 55.59 ? 197 ALA A O    1 
ATOM   494  C CB   . ALA A 1 55  ? 22.469  -0.064  -0.909  1.00 52.62 ? 197 ALA A CB   1 
ATOM   495  H H    . ALA A 1 55  ? 20.857  0.821   -2.746  1.00 0.00  ? 197 ALA A H    1 
ATOM   496  N N    . LYS A 1 56  ? 19.935  -2.555  -2.025  1.00 46.63 ? 198 LYS A N    1 
ATOM   497  C CA   . LYS A 1 56  ? 18.699  -3.246  -1.643  1.00 42.15 ? 198 LYS A CA   1 
ATOM   498  C C    . LYS A 1 56  ? 18.051  -3.827  -2.881  1.00 39.91 ? 198 LYS A C    1 
ATOM   499  O O    . LYS A 1 56  ? 17.495  -4.917  -2.804  1.00 42.19 ? 198 LYS A O    1 
ATOM   500  C CB   . LYS A 1 56  ? 17.573  -2.384  -1.030  1.00 42.14 ? 198 LYS A CB   1 
ATOM   501  C CG   . LYS A 1 56  ? 17.091  -2.903  0.318   1.00 41.12 ? 198 LYS A CG   1 
ATOM   502  C CD   . LYS A 1 56  ? 17.054  -1.784  1.349   1.00 41.03 ? 198 LYS A CD   1 
ATOM   503  C CE   . LYS A 1 56  ? 15.763  -0.996  1.297   1.00 43.31 ? 198 LYS A CE   1 
ATOM   504  N NZ   . LYS A 1 56  ? 15.997  0.420   1.554   1.00 43.70 ? 198 LYS A NZ   1 
ATOM   505  H H    . LYS A 1 56  ? 20.421  -2.898  -2.806  1.00 0.00  ? 198 LYS A H    1 
ATOM   506  H HZ1  . LYS A 1 56  ? 16.683  0.780   0.860   1.00 0.00  ? 198 LYS A HZ1  1 
ATOM   507  H HZ2  . LYS A 1 56  ? 15.101  0.939   1.458   1.00 0.00  ? 198 LYS A HZ2  1 
ATOM   508  H HZ3  . LYS A 1 56  ? 16.372  0.543   2.515   1.00 0.00  ? 198 LYS A HZ3  1 
ATOM   509  N N    . GLY A 1 57  ? 18.133  -3.177  -4.047  1.00 35.56 ? 199 GLY A N    1 
ATOM   510  C CA   . GLY A 1 57  ? 17.448  -3.611  -5.244  1.00 30.65 ? 199 GLY A CA   1 
ATOM   511  C C    . GLY A 1 57  ? 15.977  -3.296  -5.122  1.00 25.62 ? 199 GLY A C    1 
ATOM   512  O O    . GLY A 1 57  ? 15.601  -2.312  -4.483  1.00 25.45 ? 199 GLY A O    1 
ATOM   513  H H    . GLY A 1 57  ? 18.704  -2.394  -4.090  1.00 0.00  ? 199 GLY A H    1 
ATOM   514  N N    . LEU A 1 58  ? 15.161  -4.129  -5.747  1.00 24.70 ? 200 LEU A N    1 
ATOM   515  C CA   . LEU A 1 58  ? 13.710  -4.017  -5.765  1.00 24.91 ? 200 LEU A CA   1 
ATOM   516  C C    . LEU A 1 58  ? 13.290  -4.632  -4.437  1.00 23.50 ? 200 LEU A C    1 
ATOM   517  O O    . LEU A 1 58  ? 13.652  -5.764  -4.086  1.00 23.82 ? 200 LEU A O    1 
ATOM   518  C CB   . LEU A 1 58  ? 13.127  -4.821  -6.912  1.00 25.27 ? 200 LEU A CB   1 
ATOM   519  C CG   . LEU A 1 58  ? 11.892  -4.475  -7.759  1.00 28.91 ? 200 LEU A CG   1 
ATOM   520  C CD1  . LEU A 1 58  ? 10.960  -5.633  -7.612  1.00 30.53 ? 200 LEU A CD1  1 
ATOM   521  C CD2  . LEU A 1 58  ? 11.139  -3.231  -7.346  1.00 29.11 ? 200 LEU A CD2  1 
ATOM   522  H H    . LEU A 1 58  ? 15.548  -4.938  -6.134  1.00 0.00  ? 200 LEU A H    1 
ATOM   523  N N    . ASN A 1 59  ? 12.545  -3.882  -3.646  1.00 21.42 ? 201 ASN A N    1 
ATOM   524  C CA   . ASN A 1 59  ? 12.161  -4.337  -2.323  1.00 18.56 ? 201 ASN A CA   1 
ATOM   525  C C    . ASN A 1 59  ? 10.762  -3.833  -2.063  1.00 18.04 ? 201 ASN A C    1 
ATOM   526  O O    . ASN A 1 59  ? 10.259  -3.033  -2.853  1.00 17.37 ? 201 ASN A O    1 
ATOM   527  C CB   . ASN A 1 59  ? 13.188  -3.804  -1.297  1.00 16.68 ? 201 ASN A CB   1 
ATOM   528  C CG   . ASN A 1 59  ? 13.317  -2.311  -1.226  1.00 16.60 ? 201 ASN A CG   1 
ATOM   529  O OD1  . ASN A 1 59  ? 12.766  -1.702  -0.329  1.00 22.49 ? 201 ASN A OD1  1 
ATOM   530  N ND2  . ASN A 1 59  ? 14.034  -1.647  -2.103  1.00 19.06 ? 201 ASN A ND2  1 
ATOM   531  H H    . ASN A 1 59  ? 12.201  -3.015  -3.949  1.00 0.00  ? 201 ASN A H    1 
ATOM   532  H HD21 . ASN A 1 59  ? 14.085  -0.678  -2.000  1.00 0.00  ? 201 ASN A HD21 1 
ATOM   533  H HD22 . ASN A 1 59  ? 14.487  -2.146  -2.820  1.00 0.00  ? 201 ASN A HD22 1 
ATOM   534  N N    . VAL A 1 60  ? 10.094  -4.354  -1.043  1.00 16.61 ? 202 VAL A N    1 
ATOM   535  C CA   . VAL A 1 60  ? 8.736   -3.959  -0.691  1.00 13.83 ? 202 VAL A CA   1 
ATOM   536  C C    . VAL A 1 60  ? 8.758   -3.117  0.577   1.00 11.06 ? 202 VAL A C    1 
ATOM   537  O O    . VAL A 1 60  ? 9.434   -3.527  1.512   1.00 13.61 ? 202 VAL A O    1 
ATOM   538  C CB   . VAL A 1 60  ? 7.874   -5.243  -0.482  1.00 11.33 ? 202 VAL A CB   1 
ATOM   539  C CG1  . VAL A 1 60  ? 6.452   -4.900  -0.091  1.00 12.07 ? 202 VAL A CG1  1 
ATOM   540  C CG2  . VAL A 1 60  ? 7.756   -5.991  -1.790  1.00 10.14 ? 202 VAL A CG2  1 
ATOM   541  H H    . VAL A 1 60  ? 10.569  -4.986  -0.458  1.00 0.00  ? 202 VAL A H    1 
ATOM   542  N N    . LYS A 1 61  ? 8.063   -1.986  0.710   1.00 10.94 ? 203 LYS A N    1 
ATOM   543  C CA   . LYS A 1 61  ? 7.895   -1.266  1.975   1.00 10.73 ? 203 LYS A CA   1 
ATOM   544  C C    . LYS A 1 61  ? 6.452   -1.505  2.430   1.00 10.93 ? 203 LYS A C    1 
ATOM   545  O O    . LYS A 1 61  ? 5.553   -1.631  1.570   1.00 10.47 ? 203 LYS A O    1 
ATOM   546  C CB   . LYS A 1 61  ? 8.064   0.208   1.812   1.00 13.03 ? 203 LYS A CB   1 
ATOM   547  C CG   . LYS A 1 61  ? 9.427   0.739   2.082   1.00 17.45 ? 203 LYS A CG   1 
ATOM   548  C CD   . LYS A 1 61  ? 10.332  0.514   0.944   1.00 22.67 ? 203 LYS A CD   1 
ATOM   549  C CE   . LYS A 1 61  ? 11.617  1.172   1.421   1.00 29.94 ? 203 LYS A CE   1 
ATOM   550  N NZ   . LYS A 1 61  ? 12.544  1.351   0.314   1.00 35.82 ? 203 LYS A NZ   1 
ATOM   551  H H    . LYS A 1 61  ? 7.622   -1.612  -0.083  1.00 0.00  ? 203 LYS A H    1 
ATOM   552  H HZ1  . LYS A 1 61  ? 12.096  1.947   -0.409  1.00 0.00  ? 203 LYS A HZ1  1 
ATOM   553  H HZ2  . LYS A 1 61  ? 13.411  1.814   0.655   1.00 0.00  ? 203 LYS A HZ2  1 
ATOM   554  H HZ3  . LYS A 1 61  ? 12.778  0.425   -0.097  1.00 0.00  ? 203 LYS A HZ3  1 
ATOM   555  N N    . HIS A 1 62  ? 6.189   -1.666  3.734   1.00 9.77  ? 204 HIS A N    1 
ATOM   556  C CA   . HIS A 1 62  ? 4.857   -1.927  4.220   1.00 7.66  ? 204 HIS A CA   1 
ATOM   557  C C    . HIS A 1 62  ? 4.459   -0.791  5.120   1.00 9.91  ? 204 HIS A C    1 
ATOM   558  O O    . HIS A 1 62  ? 5.261   -0.438  5.982   1.00 10.80 ? 204 HIS A O    1 
ATOM   559  C CB   . HIS A 1 62  ? 4.840   -3.229  4.999   1.00 7.51  ? 204 HIS A CB   1 
ATOM   560  C CG   . HIS A 1 62  ? 5.179   -4.431  4.130   1.00 6.41  ? 204 HIS A CG   1 
ATOM   561  N ND1  . HIS A 1 62  ? 4.326   -5.155  3.430   1.00 9.67  ? 204 HIS A ND1  1 
ATOM   562  C CD2  . HIS A 1 62  ? 6.437   -4.953  3.904   1.00 10.84 ? 204 HIS A CD2  1 
ATOM   563  C CE1  . HIS A 1 62  ? 4.991   -6.090  2.788   1.00 10.95 ? 204 HIS A CE1  1 
ATOM   564  N NE2  . HIS A 1 62  ? 6.263   -5.963  3.065   1.00 9.64  ? 204 HIS A NE2  1 
ATOM   565  H H    . HIS A 1 62  ? 6.905   -1.524  4.401   1.00 0.00  ? 204 HIS A H    1 
ATOM   566  H HD1  . HIS A 1 62  ? 3.367   -4.977  3.331   1.00 0.00  ? 204 HIS A HD1  1 
ATOM   567  H HE2  . HIS A 1 62  ? 6.973   -6.414  2.579   1.00 0.00  ? 204 HIS A HE2  1 
ATOM   568  N N    . TYR A 1 63  ? 3.271   -0.204  4.990   1.00 9.24  ? 205 TYR A N    1 
ATOM   569  C CA   . TYR A 1 63  ? 2.800   0.931   5.773   1.00 9.97  ? 205 TYR A CA   1 
ATOM   570  C C    . TYR A 1 63  ? 1.555   0.503   6.508   1.00 9.42  ? 205 TYR A C    1 
ATOM   571  O O    . TYR A 1 63  ? 0.755   -0.223  5.910   1.00 14.10 ? 205 TYR A O    1 
ATOM   572  C CB   . TYR A 1 63  ? 2.436   2.104   4.874   1.00 8.90  ? 205 TYR A CB   1 
ATOM   573  C CG   . TYR A 1 63  ? 3.649   2.599   4.110   1.00 11.14 ? 205 TYR A CG   1 
ATOM   574  C CD1  . TYR A 1 63  ? 4.498   3.542   4.712   1.00 11.26 ? 205 TYR A CD1  1 
ATOM   575  C CD2  . TYR A 1 63  ? 3.927   2.104   2.822   1.00 11.47 ? 205 TYR A CD2  1 
ATOM   576  C CE1  . TYR A 1 63  ? 5.627   3.991   4.032   1.00 10.86 ? 205 TYR A CE1  1 
ATOM   577  C CE2  . TYR A 1 63  ? 5.063   2.548   2.136   1.00 10.75 ? 205 TYR A CE2  1 
ATOM   578  C CZ   . TYR A 1 63  ? 5.893   3.488   2.757   1.00 12.62 ? 205 TYR A CZ   1 
ATOM   579  O OH   . TYR A 1 63  ? 6.996   3.961   2.060   1.00 15.42 ? 205 TYR A OH   1 
ATOM   580  H H    . TYR A 1 63  ? 2.628   -0.589  4.359   1.00 0.00  ? 205 TYR A H    1 
ATOM   581  H HH   . TYR A 1 63  ? 7.589   4.407   2.683   1.00 0.00  ? 205 TYR A HH   1 
ATOM   582  N N    . LYS A 1 64  ? 1.306   0.872   7.755   1.00 10.78 ? 206 LYS A N    1 
ATOM   583  C CA   . LYS A 1 64  ? 0.073   0.514   8.415   1.00 13.05 ? 206 LYS A CA   1 
ATOM   584  C C    . LYS A 1 64  ? -0.963  1.554   8.116   1.00 12.86 ? 206 LYS A C    1 
ATOM   585  O O    . LYS A 1 64  ? -0.657  2.745   8.179   1.00 13.43 ? 206 LYS A O    1 
ATOM   586  C CB   . LYS A 1 64  ? 0.122   0.499   9.938   1.00 16.97 ? 206 LYS A CB   1 
ATOM   587  C CG   . LYS A 1 64  ? 0.899   -0.654  10.477  1.00 23.65 ? 206 LYS A CG   1 
ATOM   588  C CD   . LYS A 1 64  ? 0.267   -0.964  11.807  1.00 32.06 ? 206 LYS A CD   1 
ATOM   589  C CE   . LYS A 1 64  ? 1.029   -2.096  12.506  1.00 36.70 ? 206 LYS A CE   1 
ATOM   590  N NZ   . LYS A 1 64  ? 2.338   -1.658  12.950  1.00 44.43 ? 206 LYS A NZ   1 
ATOM   591  H H    . LYS A 1 64  ? 1.962   1.429   8.226   1.00 0.00  ? 206 LYS A H    1 
ATOM   592  H HZ1  . LYS A 1 64  ? 2.235   -0.849  13.597  1.00 0.00  ? 206 LYS A HZ1  1 
ATOM   593  H HZ2  . LYS A 1 64  ? 2.827   -2.432  13.442  1.00 0.00  ? 206 LYS A HZ2  1 
ATOM   594  H HZ3  . LYS A 1 64  ? 2.898   -1.371  12.120  1.00 0.00  ? 206 LYS A HZ3  1 
ATOM   595  N N    . ILE A 1 65  ? -2.196  1.123   7.846   1.00 13.01 ? 207 ILE A N    1 
ATOM   596  C CA   . ILE A 1 65  ? -3.260  2.082   7.617   1.00 15.23 ? 207 ILE A CA   1 
ATOM   597  C C    . ILE A 1 65  ? -4.072  2.070   8.924   1.00 14.06 ? 207 ILE A C    1 
ATOM   598  O O    . ILE A 1 65  ? -4.671  1.051   9.305   1.00 17.03 ? 207 ILE A O    1 
ATOM   599  C CB   . ILE A 1 65  ? -4.048  1.645   6.380   1.00 12.80 ? 207 ILE A CB   1 
ATOM   600  C CG1  . ILE A 1 65  ? -3.206  1.774   5.143   1.00 11.36 ? 207 ILE A CG1  1 
ATOM   601  C CG2  . ILE A 1 65  ? -5.253  2.561   6.230   1.00 15.65 ? 207 ILE A CG2  1 
ATOM   602  C CD1  . ILE A 1 65  ? -3.763  1.116   3.877   1.00 13.14 ? 207 ILE A CD1  1 
ATOM   603  H H    . ILE A 1 65  ? -2.398  0.169   7.852   1.00 0.00  ? 207 ILE A H    1 
ATOM   604  N N    . ARG A 1 66  ? -3.978  3.170   9.672   1.00 13.89 ? 208 ARG A N    1 
ATOM   605  C CA   . ARG A 1 66  ? -4.608  3.311   10.957  1.00 13.84 ? 208 ARG A CA   1 
ATOM   606  C C    . ARG A 1 66  ? -6.026  3.772   10.761  1.00 15.17 ? 208 ARG A C    1 
ATOM   607  O O    . ARG A 1 66  ? -6.374  4.464   9.802   1.00 13.34 ? 208 ARG A O    1 
ATOM   608  C CB   . ARG A 1 66  ? -3.821  4.306   11.742  1.00 17.91 ? 208 ARG A CB   1 
ATOM   609  C CG   . ARG A 1 66  ? -2.501  3.714   12.145  1.00 24.14 ? 208 ARG A CG   1 
ATOM   610  C CD   . ARG A 1 66  ? -1.482  4.648   12.820  1.00 37.71 ? 208 ARG A CD   1 
ATOM   611  N NE   . ARG A 1 66  ? -0.556  3.856   13.659  1.00 48.06 ? 208 ARG A NE   1 
ATOM   612  C CZ   . ARG A 1 66  ? 0.769   3.650   13.453  1.00 50.91 ? 208 ARG A CZ   1 
ATOM   613  N NH1  . ARG A 1 66  ? 1.432   4.177   12.410  1.00 51.49 ? 208 ARG A NH1  1 
ATOM   614  N NH2  . ARG A 1 66  ? 1.427   2.871   14.338  1.00 52.35 ? 208 ARG A NH2  1 
ATOM   615  H H    . ARG A 1 66  ? -3.503  3.947   9.300   1.00 0.00  ? 208 ARG A H    1 
ATOM   616  H HE   . ARG A 1 66  ? -0.938  3.444   14.460  1.00 0.00  ? 208 ARG A HE   1 
ATOM   617  H HH11 . ARG A 1 66  ? 0.949   4.762   11.758  1.00 0.00  ? 208 ARG A HH11 1 
ATOM   618  H HH12 . ARG A 1 66  ? 2.410   4.000   12.298  1.00 0.00  ? 208 ARG A HH12 1 
ATOM   619  H HH21 . ARG A 1 66  ? 0.935   2.468   15.110  1.00 0.00  ? 208 ARG A HH21 1 
ATOM   620  H HH22 . ARG A 1 66  ? 2.403   2.696   14.219  1.00 0.00  ? 208 ARG A HH22 1 
ATOM   621  N N    . LYS A 1 67  ? -6.854  3.299   11.647  1.00 15.36 ? 209 LYS A N    1 
ATOM   622  C CA   . LYS A 1 67  ? -8.251  3.621   11.562  1.00 19.06 ? 209 LYS A CA   1 
ATOM   623  C C    . LYS A 1 67  ? -8.631  4.474   12.772  1.00 20.26 ? 209 LYS A C    1 
ATOM   624  O O    . LYS A 1 67  ? -8.244  4.128   13.901  1.00 19.60 ? 209 LYS A O    1 
ATOM   625  C CB   . LYS A 1 67  ? -9.076  2.350   11.559  1.00 22.38 ? 209 LYS A CB   1 
ATOM   626  C CG   . LYS A 1 67  ? -10.411 2.834   11.107  1.00 28.57 ? 209 LYS A CG   1 
ATOM   627  C CD   . LYS A 1 67  ? -11.477 1.809   11.264  1.00 35.08 ? 209 LYS A CD   1 
ATOM   628  C CE   . LYS A 1 67  ? -12.726 2.616   10.963  1.00 40.37 ? 209 LYS A CE   1 
ATOM   629  N NZ   . LYS A 1 67  ? -13.860 1.722   10.928  1.00 47.99 ? 209 LYS A NZ   1 
ATOM   630  H H    . LYS A 1 67  ? -6.527  2.788   12.412  1.00 0.00  ? 209 LYS A H    1 
ATOM   631  H HZ1  . LYS A 1 67  ? -13.711 1.002   10.190  1.00 0.00  ? 209 LYS A HZ1  1 
ATOM   632  H HZ2  . LYS A 1 67  ? -13.960 1.253   11.850  1.00 0.00  ? 209 LYS A HZ2  1 
ATOM   633  H HZ3  . LYS A 1 67  ? -14.724 2.260   10.718  1.00 0.00  ? 209 LYS A HZ3  1 
ATOM   634  N N    . LEU A 1 68  ? -9.382  5.561   12.561  1.00 18.26 ? 210 LEU A N    1 
ATOM   635  C CA   . LEU A 1 68  ? -9.819  6.462   13.612  1.00 18.44 ? 210 LEU A CA   1 
ATOM   636  C C    . LEU A 1 68  ? -11.081 5.908   14.236  1.00 21.16 ? 210 LEU A C    1 
ATOM   637  O O    . LEU A 1 68  ? -11.886 5.331   13.500  1.00 20.08 ? 210 LEU A O    1 
ATOM   638  C CB   . LEU A 1 68  ? -10.157 7.808   13.045  1.00 17.70 ? 210 LEU A CB   1 
ATOM   639  C CG   . LEU A 1 68  ? -9.234  9.012   13.013  1.00 18.25 ? 210 LEU A CG   1 
ATOM   640  C CD1  . LEU A 1 68  ? -7.997  8.746   13.820  1.00 16.56 ? 210 LEU A CD1  1 
ATOM   641  C CD2  . LEU A 1 68  ? -8.992  9.398   11.600  1.00 14.71 ? 210 LEU A CD2  1 
ATOM   642  H H    . LEU A 1 68  ? -9.745  5.674   11.658  1.00 0.00  ? 210 LEU A H    1 
ATOM   643  N N    . ASP A 1 69  ? -11.363 6.091   15.533  1.00 23.73 ? 211 ASP A N    1 
ATOM   644  C CA   . ASP A 1 69  ? -12.648 5.681   16.115  1.00 27.85 ? 211 ASP A CA   1 
ATOM   645  C C    . ASP A 1 69  ? -13.846 6.401   15.514  1.00 28.92 ? 211 ASP A C    1 
ATOM   646  O O    . ASP A 1 69  ? -14.930 5.850   15.435  1.00 31.12 ? 211 ASP A O    1 
ATOM   647  C CB   . ASP A 1 69  ? -12.676 5.943   17.592  1.00 32.05 ? 211 ASP A CB   1 
ATOM   648  C CG   . ASP A 1 69  ? -11.664 5.140   18.383  1.00 40.05 ? 211 ASP A CG   1 
ATOM   649  O OD1  . ASP A 1 69  ? -10.998 4.243   17.854  1.00 45.81 ? 211 ASP A OD1  1 
ATOM   650  O OD2  . ASP A 1 69  ? -11.539 5.433   19.566  1.00 48.18 ? 211 ASP A OD2  1 
ATOM   651  H H    . ASP A 1 69  ? -10.674 6.468   16.112  1.00 0.00  ? 211 ASP A H    1 
ATOM   652  N N    . SER A 1 70  ? -13.662 7.639   15.061  1.00 31.83 ? 212 SER A N    1 
ATOM   653  C CA   . SER A 1 70  ? -14.660 8.418   14.359  1.00 31.52 ? 212 SER A CA   1 
ATOM   654  C C    . SER A 1 70  ? -14.820 7.880   12.945  1.00 34.47 ? 212 SER A C    1 
ATOM   655  O O    . SER A 1 70  ? -15.649 8.400   12.204  1.00 38.54 ? 212 SER A O    1 
ATOM   656  C CB   . SER A 1 70  ? -14.232 9.895   14.294  1.00 30.53 ? 212 SER A CB   1 
ATOM   657  O OG   . SER A 1 70  ? -13.024 10.204  13.581  1.00 30.64 ? 212 SER A OG   1 
ATOM   658  H H    . SER A 1 70  ? -12.797 8.064   15.182  1.00 0.00  ? 212 SER A H    1 
ATOM   659  H HG   . SER A 1 70  ? -13.240 10.688  12.772  1.00 0.00  ? 212 SER A HG   1 
ATOM   660  N N    . GLY A 1 71  ? -14.009 6.929   12.469  1.00 36.05 ? 213 GLY A N    1 
ATOM   661  C CA   . GLY A 1 71  ? -14.197 6.339   11.165  1.00 33.45 ? 213 GLY A CA   1 
ATOM   662  C C    . GLY A 1 71  ? -13.110 6.529   10.116  1.00 32.43 ? 213 GLY A C    1 
ATOM   663  O O    . GLY A 1 71  ? -12.868 5.580   9.376   1.00 36.46 ? 213 GLY A O    1 
ATOM   664  H H    . GLY A 1 71  ? -13.306 6.550   13.028  1.00 0.00  ? 213 GLY A H    1 
ATOM   665  N N    . GLY A 1 72  ? -12.406 7.640   9.950   1.00 29.45 ? 214 GLY A N    1 
ATOM   666  C CA   . GLY A 1 72  ? -11.475 7.756   8.813   1.00 23.33 ? 214 GLY A CA   1 
ATOM   667  C C    . GLY A 1 72  ? -10.219 6.889   8.866   1.00 20.71 ? 214 GLY A C    1 
ATOM   668  O O    . GLY A 1 72  ? -9.924  6.268   9.898   1.00 21.11 ? 214 GLY A O    1 
ATOM   669  H H    . GLY A 1 72  ? -12.447 8.344   10.624  1.00 0.00  ? 214 GLY A H    1 
ATOM   670  N N    . PHE A 1 73  ? -9.431  6.893   7.793   1.00 18.52 ? 215 PHE A N    1 
ATOM   671  C CA   . PHE A 1 73  ? -8.209  6.096   7.677   1.00 18.33 ? 215 PHE A CA   1 
ATOM   672  C C    . PHE A 1 73  ? -7.055  7.017   7.448   1.00 16.71 ? 215 PHE A C    1 
ATOM   673  O O    . PHE A 1 73  ? -7.284  8.052   6.813   1.00 19.10 ? 215 PHE A O    1 
ATOM   674  C CB   . PHE A 1 73  ? -8.234  5.166   6.484   1.00 17.57 ? 215 PHE A CB   1 
ATOM   675  C CG   . PHE A 1 73  ? -9.312  4.110   6.613   1.00 19.00 ? 215 PHE A CG   1 
ATOM   676  C CD1  . PHE A 1 73  ? -9.011  2.907   7.250   1.00 17.73 ? 215 PHE A CD1  1 
ATOM   677  C CD2  . PHE A 1 73  ? -10.596 4.356   6.122   1.00 18.15 ? 215 PHE A CD2  1 
ATOM   678  C CE1  . PHE A 1 73  ? -10.003 1.942   7.403   1.00 19.60 ? 215 PHE A CE1  1 
ATOM   679  C CE2  . PHE A 1 73  ? -11.578 3.382   6.283   1.00 20.04 ? 215 PHE A CE2  1 
ATOM   680  C CZ   . PHE A 1 73  ? -11.280 2.177   6.924   1.00 20.49 ? 215 PHE A CZ   1 
ATOM   681  H H    . PHE A 1 73  ? -9.645  7.486   7.051   1.00 0.00  ? 215 PHE A H    1 
ATOM   682  N N    . TYR A 1 74  ? -5.851  6.704   7.907   1.00 15.71 ? 216 TYR A N    1 
ATOM   683  C CA   . TYR A 1 74  ? -4.705  7.549   7.579   1.00 14.17 ? 216 TYR A CA   1 
ATOM   684  C C    . TYR A 1 74  ? -3.433  6.740   7.739   1.00 14.57 ? 216 TYR A C    1 
ATOM   685  O O    . TYR A 1 74  ? -3.403  5.744   8.476   1.00 15.43 ? 216 TYR A O    1 
ATOM   686  C CB   . TYR A 1 74  ? -4.613  8.803   8.507   1.00 13.57 ? 216 TYR A CB   1 
ATOM   687  C CG   . TYR A 1 74  ? -4.408  8.437   9.969   1.00 15.36 ? 216 TYR A CG   1 
ATOM   688  C CD1  . TYR A 1 74  ? -5.462  7.893   10.701  1.00 11.66 ? 216 TYR A CD1  1 
ATOM   689  C CD2  . TYR A 1 74  ? -3.150  8.649   10.554  1.00 11.16 ? 216 TYR A CD2  1 
ATOM   690  C CE1  . TYR A 1 74  ? -5.243  7.555   12.032  1.00 12.15 ? 216 TYR A CE1  1 
ATOM   691  C CE2  . TYR A 1 74  ? -2.928  8.315   11.877  1.00 15.78 ? 216 TYR A CE2  1 
ATOM   692  C CZ   . TYR A 1 74  ? -3.985  7.770   12.600  1.00 16.02 ? 216 TYR A CZ   1 
ATOM   693  O OH   . TYR A 1 74  ? -3.784  7.439   13.920  1.00 20.40 ? 216 TYR A OH   1 
ATOM   694  H H    . TYR A 1 74  ? -5.711  5.905   8.467   1.00 0.00  ? 216 TYR A H    1 
ATOM   695  H HH   . TYR A 1 74  ? -4.594  7.069   14.308  1.00 0.00  ? 216 TYR A HH   1 
ATOM   696  N N    . ILE A 1 75  ? -2.401  7.116   7.001   1.00 14.47 ? 217 ILE A N    1 
ATOM   697  C CA   . ILE A 1 75  ? -1.074  6.543   7.175   1.00 15.05 ? 217 ILE A CA   1 
ATOM   698  C C    . ILE A 1 75  ? -0.292  7.619   7.962   1.00 15.23 ? 217 ILE A C    1 
ATOM   699  O O    . ILE A 1 75  ? 0.356   7.257   8.952   1.00 14.08 ? 217 ILE A O    1 
ATOM   700  C CB   . ILE A 1 75  ? -0.403  6.227   5.780   1.00 14.18 ? 217 ILE A CB   1 
ATOM   701  C CG1  . ILE A 1 75  ? -1.174  5.129   5.031   1.00 14.22 ? 217 ILE A CG1  1 
ATOM   702  C CG2  . ILE A 1 75  ? 0.998   5.712   5.985   1.00 11.57 ? 217 ILE A CG2  1 
ATOM   703  C CD1  . ILE A 1 75  ? -0.721  4.966   3.577   1.00 12.05 ? 217 ILE A CD1  1 
ATOM   704  H H    . ILE A 1 75  ? -2.539  7.845   6.361   1.00 0.00  ? 217 ILE A H    1 
ATOM   705  N N    . THR A 1 76  ? -0.320  8.905   7.579   1.00 16.82 ? 218 THR A N    1 
ATOM   706  C CA   . THR A 1 76  ? 0.265   10.050  8.287   1.00 19.80 ? 218 THR A CA   1 
ATOM   707  C C    . THR A 1 76  ? -0.930  10.851  8.811   1.00 17.74 ? 218 THR A C    1 
ATOM   708  O O    . THR A 1 76  ? -1.934  11.009  8.116   1.00 17.49 ? 218 THR A O    1 
ATOM   709  C CB   . THR A 1 76  ? 0.952   11.086  7.425   1.00 21.85 ? 218 THR A CB   1 
ATOM   710  O OG1  . THR A 1 76  ? 1.279   10.507  6.185   1.00 31.51 ? 218 THR A OG1  1 
ATOM   711  C CG2  . THR A 1 76  ? 2.105   11.644  8.149   1.00 22.84 ? 218 THR A CG2  1 
ATOM   712  H H    . THR A 1 76  ? -0.807  9.122   6.750   1.00 0.00  ? 218 THR A H    1 
ATOM   713  H HG1  . THR A 1 76  ? 1.244   11.136  5.445   1.00 0.00  ? 218 THR A HG1  1 
ATOM   714  N N    . SER A 1 77  ? -0.815  11.482  9.985   1.00 20.04 ? 219 SER A N    1 
ATOM   715  C CA   . SER A 1 77  ? -1.849  12.360  10.542  1.00 19.62 ? 219 SER A CA   1 
ATOM   716  C C    . SER A 1 77  ? -2.068  13.564  9.665   1.00 18.74 ? 219 SER A C    1 
ATOM   717  O O    . SER A 1 77  ? -3.065  14.252  9.716   1.00 20.61 ? 219 SER A O    1 
ATOM   718  C CB   . SER A 1 77  ? -1.476  12.884  11.929  1.00 20.57 ? 219 SER A CB   1 
ATOM   719  O OG   . SER A 1 77  ? -0.243  13.595  11.974  1.00 22.19 ? 219 SER A OG   1 
ATOM   720  H H    . SER A 1 77  ? -0.007  11.349  10.525  1.00 0.00  ? 219 SER A H    1 
ATOM   721  H HG   . SER A 1 77  ? 0.492   13.023  12.242  1.00 0.00  ? 219 SER A HG   1 
ATOM   722  N N    . ARG A 1 78  ? -1.076  13.853  8.871   1.00 19.44 ? 220 ARG A N    1 
ATOM   723  C CA   . ARG A 1 78  ? -1.068  14.941  7.955   1.00 23.25 ? 220 ARG A CA   1 
ATOM   724  C C    . ARG A 1 78  ? -2.263  14.834  7.024   1.00 24.99 ? 220 ARG A C    1 
ATOM   725  O O    . ARG A 1 78  ? -2.840  15.868  6.677   1.00 25.61 ? 220 ARG A O    1 
ATOM   726  C CB   . ARG A 1 78  ? 0.278   14.813  7.279   1.00 27.81 ? 220 ARG A CB   1 
ATOM   727  C CG   . ARG A 1 78  ? 0.709   15.950  6.397   1.00 38.35 ? 220 ARG A CG   1 
ATOM   728  C CD   . ARG A 1 78  ? 2.190   15.836  6.017   1.00 44.44 ? 220 ARG A CD   1 
ATOM   729  N NE   . ARG A 1 78  ? 2.531   14.962  4.903   1.00 48.30 ? 220 ARG A NE   1 
ATOM   730  C CZ   . ARG A 1 78  ? 3.566   14.119  5.017   1.00 52.97 ? 220 ARG A CZ   1 
ATOM   731  N NH1  . ARG A 1 78  ? 4.305   14.026  6.138   1.00 54.65 ? 220 ARG A NH1  1 
ATOM   732  N NH2  . ARG A 1 78  ? 3.930   13.405  3.961   1.00 53.39 ? 220 ARG A NH2  1 
ATOM   733  H H    . ARG A 1 78  ? -0.257  13.343  8.996   1.00 0.00  ? 220 ARG A H    1 
ATOM   734  H HE   . ARG A 1 78  ? 2.002   14.985  4.079   1.00 0.00  ? 220 ARG A HE   1 
ATOM   735  H HH11 . ARG A 1 78  ? 4.091   14.599  6.930   1.00 0.00  ? 220 ARG A HH11 1 
ATOM   736  H HH12 . ARG A 1 78  ? 5.070   13.384  6.183   1.00 0.00  ? 220 ARG A HH12 1 
ATOM   737  H HH21 . ARG A 1 78  ? 3.431   13.496  3.099   1.00 0.00  ? 220 ARG A HH21 1 
ATOM   738  H HH22 . ARG A 1 78  ? 4.698   12.767  4.029   1.00 0.00  ? 220 ARG A HH22 1 
ATOM   739  N N    . THR A 1 79  ? -2.669  13.630  6.575   1.00 24.79 ? 221 THR A N    1 
ATOM   740  C CA   . THR A 1 79  ? -3.797  13.506  5.647   1.00 23.56 ? 221 THR A CA   1 
ATOM   741  C C    . THR A 1 79  ? -4.704  12.374  6.073   1.00 20.14 ? 221 THR A C    1 
ATOM   742  O O    . THR A 1 79  ? -4.199  11.275  6.331   1.00 21.90 ? 221 THR A O    1 
ATOM   743  C CB   . THR A 1 79  ? -3.307  13.203  4.215   1.00 27.43 ? 221 THR A CB   1 
ATOM   744  O OG1  . THR A 1 79  ? -1.968  13.680  4.035   1.00 33.90 ? 221 THR A OG1  1 
ATOM   745  C CG2  . THR A 1 79  ? -4.247  13.849  3.229   1.00 28.65 ? 221 THR A CG2  1 
ATOM   746  H H    . THR A 1 79  ? -2.268  12.788  6.888   1.00 0.00  ? 221 THR A H    1 
ATOM   747  H HG1  . THR A 1 79  ? -1.996  14.610  4.295   1.00 0.00  ? 221 THR A HG1  1 
ATOM   748  N N    . GLN A 1 80  ? -6.008  12.571  6.182   1.00 17.04 ? 222 GLN A N    1 
ATOM   749  C CA   . GLN A 1 80  ? -6.861  11.445  6.466   1.00 18.97 ? 222 GLN A CA   1 
ATOM   750  C C    . GLN A 1 80  ? -8.001  11.335  5.447   1.00 19.72 ? 222 GLN A C    1 
ATOM   751  O O    . GLN A 1 80  ? -8.254  12.263  4.664   1.00 20.19 ? 222 GLN A O    1 
ATOM   752  C CB   . GLN A 1 80  ? -7.363  11.565  7.880   1.00 17.95 ? 222 GLN A CB   1 
ATOM   753  C CG   . GLN A 1 80  ? -8.251  12.730  8.132   1.00 21.59 ? 222 GLN A CG   1 
ATOM   754  C CD   . GLN A 1 80  ? -8.393  12.999  9.618   1.00 20.31 ? 222 GLN A CD   1 
ATOM   755  O OE1  . GLN A 1 80  ? -7.449  13.457  10.265  1.00 21.51 ? 222 GLN A OE1  1 
ATOM   756  N NE2  . GLN A 1 80  ? -9.563  12.708  10.172  1.00 16.18 ? 222 GLN A NE2  1 
ATOM   757  H H    . GLN A 1 80  ? -6.393  13.472  6.074   1.00 0.00  ? 222 GLN A H    1 
ATOM   758  H HE21 . GLN A 1 80  ? -9.645  12.892  11.130  1.00 0.00  ? 222 GLN A HE21 1 
ATOM   759  H HE22 . GLN A 1 80  ? -10.293 12.320  9.645   1.00 0.00  ? 222 GLN A HE22 1 
ATOM   760  N N    . PHE A 1 81  ? -8.691  10.194  5.380   1.00 19.62 ? 223 PHE A N    1 
ATOM   761  C CA   . PHE A 1 81  ? -9.583  9.878   4.280   1.00 19.15 ? 223 PHE A CA   1 
ATOM   762  C C    . PHE A 1 81  ? -10.782 9.212   4.859   1.00 19.98 ? 223 PHE A C    1 
ATOM   763  O O    . PHE A 1 81  ? -10.660 8.590   5.906   1.00 20.56 ? 223 PHE A O    1 
ATOM   764  C CB   . PHE A 1 81  ? -8.946  8.881   3.307   1.00 15.39 ? 223 PHE A CB   1 
ATOM   765  C CG   . PHE A 1 81  ? -7.596  9.363   2.817   1.00 15.92 ? 223 PHE A CG   1 
ATOM   766  C CD1  . PHE A 1 81  ? -7.525  10.256  1.762   1.00 13.73 ? 223 PHE A CD1  1 
ATOM   767  C CD2  . PHE A 1 81  ? -6.426  8.911   3.438   1.00 13.48 ? 223 PHE A CD2  1 
ATOM   768  C CE1  . PHE A 1 81  ? -6.278  10.688  1.334   1.00 11.15 ? 223 PHE A CE1  1 
ATOM   769  C CE2  . PHE A 1 81  ? -5.180  9.360   3.002   1.00 16.42 ? 223 PHE A CE2  1 
ATOM   770  C CZ   . PHE A 1 81  ? -5.104  10.252  1.944   1.00 13.88 ? 223 PHE A CZ   1 
ATOM   771  H H    . PHE A 1 81  ? -8.580  9.520   6.086   1.00 0.00  ? 223 PHE A H    1 
ATOM   772  N N    . ASN A 1 82  ? -11.939 9.284   4.209   1.00 22.58 ? 224 ASN A N    1 
ATOM   773  C CA   . ASN A 1 82  ? -13.122 8.573   4.679   1.00 25.40 ? 224 ASN A CA   1 
ATOM   774  C C    . ASN A 1 82  ? -13.250 7.150   4.134   1.00 26.49 ? 224 ASN A C    1 
ATOM   775  O O    . ASN A 1 82  ? -14.094 6.392   4.615   1.00 29.38 ? 224 ASN A O    1 
ATOM   776  C CB   . ASN A 1 82  ? -14.379 9.354   4.311   1.00 32.97 ? 224 ASN A CB   1 
ATOM   777  C CG   . ASN A 1 82  ? -14.436 10.746  4.948   1.00 40.59 ? 224 ASN A CG   1 
ATOM   778  O OD1  . ASN A 1 82  ? -14.665 11.743  4.250   1.00 46.15 ? 224 ASN A OD1  1 
ATOM   779  N ND2  . ASN A 1 82  ? -14.200 10.904  6.259   1.00 42.19 ? 224 ASN A ND2  1 
ATOM   780  H H    . ASN A 1 82  ? -11.985 9.822   3.384   1.00 0.00  ? 224 ASN A H    1 
ATOM   781  H HD21 . ASN A 1 82  ? -14.201 11.823  6.598   1.00 0.00  ? 224 ASN A HD21 1 
ATOM   782  H HD22 . ASN A 1 82  ? -14.036 10.110  6.806   1.00 0.00  ? 224 ASN A HD22 1 
ATOM   783  N N    . SER A 1 83  ? -12.453 6.716   3.151   1.00 23.67 ? 225 SER A N    1 
ATOM   784  C CA   . SER A 1 83  ? -12.517 5.365   2.640   1.00 20.18 ? 225 SER A CA   1 
ATOM   785  C C    . SER A 1 83  ? -11.124 4.956   2.185   1.00 18.66 ? 225 SER A C    1 
ATOM   786  O O    . SER A 1 83  ? -10.253 5.799   1.932   1.00 17.95 ? 225 SER A O    1 
ATOM   787  C CB   . SER A 1 83  ? -13.456 5.295   1.454   1.00 17.01 ? 225 SER A CB   1 
ATOM   788  O OG   . SER A 1 83  ? -13.122 6.203   0.414   1.00 19.46 ? 225 SER A OG   1 
ATOM   789  H H    . SER A 1 83  ? -11.746 7.286   2.788   1.00 0.00  ? 225 SER A H    1 
ATOM   790  H HG   . SER A 1 83  ? -13.747 6.018   -0.300  1.00 0.00  ? 225 SER A HG   1 
ATOM   791  N N    . LEU A 1 84  ? -10.902 3.654   2.053   1.00 18.65 ? 226 LEU A N    1 
ATOM   792  C CA   . LEU A 1 84  ? -9.664  3.172   1.489   1.00 19.09 ? 226 LEU A CA   1 
ATOM   793  C C    . LEU A 1 84  ? -9.614  3.624   0.041   1.00 18.16 ? 226 LEU A C    1 
ATOM   794  O O    . LEU A 1 84  ? -8.558  4.006   -0.429  1.00 19.39 ? 226 LEU A O    1 
ATOM   795  C CB   . LEU A 1 84  ? -9.585  1.644   1.562   1.00 20.28 ? 226 LEU A CB   1 
ATOM   796  C CG   . LEU A 1 84  ? -9.342  0.996   2.909   1.00 21.78 ? 226 LEU A CG   1 
ATOM   797  C CD1  . LEU A 1 84  ? -9.348  -0.518  2.757   1.00 20.08 ? 226 LEU A CD1  1 
ATOM   798  C CD2  . LEU A 1 84  ? -8.017  1.470   3.459   1.00 19.43 ? 226 LEU A CD2  1 
ATOM   799  H H    . LEU A 1 84  ? -11.581 3.005   2.348   1.00 0.00  ? 226 LEU A H    1 
ATOM   800  N N    . GLN A 1 85  ? -10.720 3.717   -0.697  1.00 18.53 ? 227 GLN A N    1 
ATOM   801  C CA   . GLN A 1 85  ? -10.721 4.087   -2.092  1.00 19.01 ? 227 GLN A CA   1 
ATOM   802  C C    . GLN A 1 85  ? -10.137 5.463   -2.283  1.00 18.49 ? 227 GLN A C    1 
ATOM   803  O O    . GLN A 1 85  ? -9.380  5.692   -3.236  1.00 18.06 ? 227 GLN A O    1 
ATOM   804  C CB   . GLN A 1 85  ? -12.127 4.099   -2.657  1.00 25.42 ? 227 GLN A CB   1 
ATOM   805  C CG   . GLN A 1 85  ? -12.841 2.734   -2.685  1.00 33.47 ? 227 GLN A CG   1 
ATOM   806  C CD   . GLN A 1 85  ? -13.212 1.983   -1.381  1.00 40.12 ? 227 GLN A CD   1 
ATOM   807  O OE1  . GLN A 1 85  ? -13.044 2.437   -0.243  1.00 38.74 ? 227 GLN A OE1  1 
ATOM   808  N NE2  . GLN A 1 85  ? -13.749 0.767   -1.491  1.00 42.79 ? 227 GLN A NE2  1 
ATOM   809  H H    . GLN A 1 85  ? -11.556 3.548   -0.229  1.00 0.00  ? 227 GLN A H    1 
ATOM   810  H HE21 . GLN A 1 85  ? -13.980 0.294   -0.669  1.00 0.00  ? 227 GLN A HE21 1 
ATOM   811  H HE22 . GLN A 1 85  ? -13.877 0.403   -2.393  1.00 0.00  ? 227 GLN A HE22 1 
ATOM   812  N N    . GLN A 1 86  ? -10.452 6.411   -1.379  1.00 19.04 ? 228 GLN A N    1 
ATOM   813  C CA   . GLN A 1 86  ? -9.920  7.774   -1.476  1.00 18.49 ? 228 GLN A CA   1 
ATOM   814  C C    . GLN A 1 86  ? -8.464  7.802   -1.118  1.00 15.43 ? 228 GLN A C    1 
ATOM   815  O O    . GLN A 1 86  ? -7.746  8.599   -1.718  1.00 17.53 ? 228 GLN A O    1 
ATOM   816  C CB   . GLN A 1 86  ? -10.542 8.749   -0.533  1.00 25.12 ? 228 GLN A CB   1 
ATOM   817  C CG   . GLN A 1 86  ? -12.027 8.895   -0.636  1.00 35.30 ? 228 GLN A CG   1 
ATOM   818  C CD   . GLN A 1 86  ? -12.634 9.532   0.610   1.00 44.49 ? 228 GLN A CD   1 
ATOM   819  O OE1  . GLN A 1 86  ? -12.066 10.390  1.313   1.00 48.81 ? 228 GLN A OE1  1 
ATOM   820  N NE2  . GLN A 1 86  ? -13.820 9.042   0.944   1.00 48.19 ? 228 GLN A NE2  1 
ATOM   821  H H    . GLN A 1 86  ? -10.991 6.169   -0.596  1.00 0.00  ? 228 GLN A H    1 
ATOM   822  H HE21 . GLN A 1 86  ? -14.334 9.533   1.616   1.00 0.00  ? 228 GLN A HE21 1 
ATOM   823  H HE22 . GLN A 1 86  ? -14.155 8.261   0.460   1.00 0.00  ? 228 GLN A HE22 1 
ATOM   824  N N    . LEU A 1 87  ? -8.015  6.966   -0.160  1.00 15.22 ? 229 LEU A N    1 
ATOM   825  C CA   . LEU A 1 87  ? -6.606  6.901   0.213   1.00 13.86 ? 229 LEU A CA   1 
ATOM   826  C C    . LEU A 1 87  ? -5.796  6.389   -0.975  1.00 11.89 ? 229 LEU A C    1 
ATOM   827  O O    . LEU A 1 87  ? -4.744  6.961   -1.311  1.00 12.07 ? 229 LEU A O    1 
ATOM   828  C CB   . LEU A 1 87  ? -6.410  5.974   1.442   1.00 13.04 ? 229 LEU A CB   1 
ATOM   829  C CG   . LEU A 1 87  ? -4.981  5.740   1.991   1.00 14.47 ? 229 LEU A CG   1 
ATOM   830  C CD1  . LEU A 1 87  ? -5.101  5.377   3.441   1.00 16.06 ? 229 LEU A CD1  1 
ATOM   831  C CD2  . LEU A 1 87  ? -4.241  4.627   1.246   1.00 13.70 ? 229 LEU A CD2  1 
ATOM   832  H H    . LEU A 1 87  ? -8.655  6.398   0.317   1.00 0.00  ? 229 LEU A H    1 
ATOM   833  N N    . VAL A 1 88  ? -6.254  5.331   -1.653  1.00 11.15 ? 230 VAL A N    1 
ATOM   834  C CA   . VAL A 1 88  ? -5.505  4.826   -2.806  1.00 14.43 ? 230 VAL A CA   1 
ATOM   835  C C    . VAL A 1 88  ? -5.499  5.875   -3.909  1.00 14.53 ? 230 VAL A C    1 
ATOM   836  O O    . VAL A 1 88  ? -4.441  6.130   -4.486  1.00 17.32 ? 230 VAL A O    1 
ATOM   837  C CB   . VAL A 1 88  ? -6.109  3.508   -3.344  1.00 13.03 ? 230 VAL A CB   1 
ATOM   838  C CG1  . VAL A 1 88  ? -5.455  3.115   -4.659  1.00 10.86 ? 230 VAL A CG1  1 
ATOM   839  C CG2  . VAL A 1 88  ? -5.856  2.424   -2.330  1.00 11.56 ? 230 VAL A CG2  1 
ATOM   840  H H    . VAL A 1 88  ? -7.097  4.909   -1.381  1.00 0.00  ? 230 VAL A H    1 
ATOM   841  N N    . ALA A 1 89  ? -6.620  6.540   -4.205  1.00 17.23 ? 231 ALA A N    1 
ATOM   842  C CA   . ALA A 1 89  ? -6.653  7.640   -5.188  1.00 17.96 ? 231 ALA A CA   1 
ATOM   843  C C    . ALA A 1 89  ? -5.659  8.770   -4.911  1.00 18.27 ? 231 ALA A C    1 
ATOM   844  O O    . ALA A 1 89  ? -4.902  9.243   -5.777  1.00 18.38 ? 231 ALA A O    1 
ATOM   845  C CB   . ALA A 1 89  ? -8.066  8.218   -5.212  1.00 17.90 ? 231 ALA A CB   1 
ATOM   846  H H    . ALA A 1 89  ? -7.454  6.249   -3.782  1.00 0.00  ? 231 ALA A H    1 
ATOM   847  N N    . TYR A 1 90  ? -5.567  9.194   -3.655  1.00 16.83 ? 232 TYR A N    1 
ATOM   848  C CA   . TYR A 1 90  ? -4.652  10.242  -3.307  1.00 15.27 ? 232 TYR A CA   1 
ATOM   849  C C    . TYR A 1 90  ? -3.223  9.845   -3.548  1.00 17.40 ? 232 TYR A C    1 
ATOM   850  O O    . TYR A 1 90  ? -2.497  10.606  -4.205  1.00 17.71 ? 232 TYR A O    1 
ATOM   851  C CB   . TYR A 1 90  ? -4.881  10.598  -1.834  1.00 15.67 ? 232 TYR A CB   1 
ATOM   852  C CG   . TYR A 1 90  ? -3.960  11.690  -1.344  1.00 18.22 ? 232 TYR A CG   1 
ATOM   853  C CD1  . TYR A 1 90  ? -4.335  13.019  -1.509  1.00 18.39 ? 232 TYR A CD1  1 
ATOM   854  C CD2  . TYR A 1 90  ? -2.746  11.363  -0.735  1.00 19.65 ? 232 TYR A CD2  1 
ATOM   855  C CE1  . TYR A 1 90  ? -3.470  14.020  -1.064  1.00 21.50 ? 232 TYR A CE1  1 
ATOM   856  C CE2  . TYR A 1 90  ? -1.877  12.353  -0.279  1.00 23.52 ? 232 TYR A CE2  1 
ATOM   857  C CZ   . TYR A 1 90  ? -2.256  13.680  -0.461  1.00 24.91 ? 232 TYR A CZ   1 
ATOM   858  O OH   . TYR A 1 90  ? -1.400  14.685  -0.078  1.00 28.55 ? 232 TYR A OH   1 
ATOM   859  H H    . TYR A 1 90  ? -6.156  8.820   -2.965  1.00 0.00  ? 232 TYR A H    1 
ATOM   860  H HH   . TYR A 1 90  ? -1.104  14.501  0.816   1.00 0.00  ? 232 TYR A HH   1 
ATOM   861  N N    . TYR A 1 91  ? -2.796  8.669   -3.040  1.00 16.14 ? 233 TYR A N    1 
ATOM   862  C CA   . TYR A 1 91  ? -1.386  8.340   -3.157  1.00 16.17 ? 233 TYR A CA   1 
ATOM   863  C C    . TYR A 1 91  ? -1.035  7.830   -4.528  1.00 17.23 ? 233 TYR A C    1 
ATOM   864  O O    . TYR A 1 91  ? 0.143   7.674   -4.829  1.00 17.05 ? 233 TYR A O    1 
ATOM   865  C CB   . TYR A 1 91  ? -0.929  7.319   -2.116  1.00 12.50 ? 233 TYR A CB   1 
ATOM   866  C CG   . TYR A 1 91  ? -0.854  7.941   -0.713  1.00 14.27 ? 233 TYR A CG   1 
ATOM   867  C CD1  . TYR A 1 91  ? 0.149   8.861   -0.356  1.00 14.33 ? 233 TYR A CD1  1 
ATOM   868  C CD2  . TYR A 1 91  ? -1.845  7.629   0.218   1.00 13.81 ? 233 TYR A CD2  1 
ATOM   869  C CE1  . TYR A 1 91  ? 0.160   9.471   0.908   1.00 16.25 ? 233 TYR A CE1  1 
ATOM   870  C CE2  . TYR A 1 91  ? -1.840  8.236   1.480   1.00 16.36 ? 233 TYR A CE2  1 
ATOM   871  C CZ   . TYR A 1 91  ? -0.845  9.151   1.816   1.00 16.13 ? 233 TYR A CZ   1 
ATOM   872  O OH   . TYR A 1 91  ? -0.899  9.716   3.071   1.00 20.81 ? 233 TYR A OH   1 
ATOM   873  H H    . TYR A 1 91  ? -3.422  8.051   -2.601  1.00 0.00  ? 233 TYR A H    1 
ATOM   874  H HH   . TYR A 1 91  ? -0.064  10.175  3.264   1.00 0.00  ? 233 TYR A HH   1 
ATOM   875  N N    . SER A 1 92  ? -2.023  7.555   -5.378  1.00 17.79 ? 234 SER A N    1 
ATOM   876  C CA   . SER A 1 92  ? -1.729  7.332   -6.797  1.00 22.48 ? 234 SER A CA   1 
ATOM   877  C C    . SER A 1 92  ? -1.321  8.647   -7.448  1.00 22.94 ? 234 SER A C    1 
ATOM   878  O O    . SER A 1 92  ? -0.616  8.653   -8.453  1.00 24.12 ? 234 SER A O    1 
ATOM   879  C CB   . SER A 1 92  ? -2.920  6.854   -7.584  1.00 20.24 ? 234 SER A CB   1 
ATOM   880  O OG   . SER A 1 92  ? -3.331  5.614   -7.041  1.00 29.90 ? 234 SER A OG   1 
ATOM   881  H H    . SER A 1 92  ? -2.944  7.466   -5.061  1.00 0.00  ? 234 SER A H    1 
ATOM   882  H HG   . SER A 1 92  ? -3.434  5.689   -6.088  1.00 0.00  ? 234 SER A HG   1 
ATOM   883  N N    . LYS A 1 93  ? -1.778  9.797   -6.936  1.00 25.09 ? 235 LYS A N    1 
ATOM   884  C CA   . LYS A 1 93  ? -1.420  11.075  -7.541  1.00 29.09 ? 235 LYS A CA   1 
ATOM   885  C C    . LYS A 1 93  ? -0.189  11.614  -6.874  1.00 30.20 ? 235 LYS A C    1 
ATOM   886  O O    . LYS A 1 93  ? 0.582   12.314  -7.520  1.00 32.98 ? 235 LYS A O    1 
ATOM   887  C CB   . LYS A 1 93  ? -2.463  12.158  -7.363  1.00 30.73 ? 235 LYS A CB   1 
ATOM   888  C CG   . LYS A 1 93  ? -3.774  12.001  -8.104  1.00 39.31 ? 235 LYS A CG   1 
ATOM   889  C CD   . LYS A 1 93  ? -4.943  12.138  -7.089  1.00 50.06 ? 235 LYS A CD   1 
ATOM   890  C CE   . LYS A 1 93  ? -5.024  13.471  -6.279  1.00 55.97 ? 235 LYS A CE   1 
ATOM   891  N NZ   . LYS A 1 93  ? -5.918  13.419  -5.117  1.00 57.96 ? 235 LYS A NZ   1 
ATOM   892  H H    . LYS A 1 93  ? -2.394  9.778   -6.176  1.00 0.00  ? 235 LYS A H    1 
ATOM   893  H HZ1  . LYS A 1 93  ? -6.879  13.182  -5.437  1.00 0.00  ? 235 LYS A HZ1  1 
ATOM   894  H HZ2  . LYS A 1 93  ? -5.581  12.693  -4.453  1.00 0.00  ? 235 LYS A HZ2  1 
ATOM   895  H HZ3  . LYS A 1 93  ? -5.927  14.344  -4.642  1.00 0.00  ? 235 LYS A HZ3  1 
ATOM   896  N N    . HIS A 1 94  ? 0.001   11.412  -5.568  1.00 30.98 ? 236 HIS A N    1 
ATOM   897  C CA   . HIS A 1 94  ? 1.141   12.003  -4.868  1.00 30.56 ? 236 HIS A CA   1 
ATOM   898  C C    . HIS A 1 94  ? 1.754   11.009  -3.921  1.00 25.36 ? 236 HIS A C    1 
ATOM   899  O O    . HIS A 1 94  ? 1.001   10.538  -3.081  1.00 28.90 ? 236 HIS A O    1 
ATOM   900  C CB   . HIS A 1 94  ? 0.784   13.174  -3.965  1.00 32.93 ? 236 HIS A CB   1 
ATOM   901  C CG   . HIS A 1 94  ? -0.441  13.941  -4.368  1.00 37.38 ? 236 HIS A CG   1 
ATOM   902  N ND1  . HIS A 1 94  ? -0.541  15.002  -5.165  1.00 39.26 ? 236 HIS A ND1  1 
ATOM   903  C CD2  . HIS A 1 94  ? -1.686  13.594  -3.919  1.00 37.94 ? 236 HIS A CD2  1 
ATOM   904  C CE1  . HIS A 1 94  ? -1.815  15.311  -5.209  1.00 40.89 ? 236 HIS A CE1  1 
ATOM   905  N NE2  . HIS A 1 94  ? -2.490  14.462  -4.460  1.00 39.69 ? 236 HIS A NE2  1 
ATOM   906  H H    . HIS A 1 94  ? -0.584  10.797  -5.072  1.00 0.00  ? 236 HIS A H    1 
ATOM   907  H HD1  . HIS A 1 94  ? 0.176   15.435  -5.680  1.00 0.00  ? 236 HIS A HD1  1 
ATOM   908  H HE2  . HIS A 1 94  ? -3.462  14.474  -4.322  1.00 0.00  ? 236 HIS A HE2  1 
ATOM   909  N N    . ALA A 1 95  ? 3.057   10.741  -3.982  1.00 20.43 ? 237 ALA A N    1 
ATOM   910  C CA   . ALA A 1 95  ? 3.695   9.859   -3.028  1.00 19.38 ? 237 ALA A CA   1 
ATOM   911  C C    . ALA A 1 95  ? 3.564   10.493  -1.647  1.00 20.90 ? 237 ALA A C    1 
ATOM   912  O O    . ALA A 1 95  ? 3.258   9.826   -0.670  1.00 20.66 ? 237 ALA A O    1 
ATOM   913  C CB   . ALA A 1 95  ? 5.133   9.718   -3.400  1.00 15.71 ? 237 ALA A CB   1 
ATOM   914  H H    . ALA A 1 95  ? 3.588   11.114  -4.723  1.00 0.00  ? 237 ALA A H    1 
ATOM   915  N N    . ASP A 1 96  ? 3.740   11.816  -1.524  1.00 23.44 ? 238 ASP A N    1 
ATOM   916  C CA   . ASP A 1 96  ? 3.621   12.593  -0.286  1.00 25.04 ? 238 ASP A CA   1 
ATOM   917  C C    . ASP A 1 96  ? 4.102   11.887  0.992   1.00 25.60 ? 238 ASP A C    1 
ATOM   918  O O    . ASP A 1 96  ? 3.338   11.645  1.943   1.00 26.41 ? 238 ASP A O    1 
ATOM   919  C CB   . ASP A 1 96  ? 2.139   13.046  -0.205  1.00 30.71 ? 238 ASP A CB   1 
ATOM   920  C CG   . ASP A 1 96  ? 1.767   13.987  0.933   1.00 37.44 ? 238 ASP A CG   1 
ATOM   921  O OD1  . ASP A 1 96  ? 2.543   14.867  1.312   1.00 42.70 ? 238 ASP A OD1  1 
ATOM   922  O OD2  . ASP A 1 96  ? 0.689   13.813  1.477   1.00 42.40 ? 238 ASP A OD2  1 
ATOM   923  H H    . ASP A 1 96  ? 3.991   12.296  -2.335  1.00 0.00  ? 238 ASP A H    1 
ATOM   924  N N    . GLY A 1 97  ? 5.397   11.510  0.954   1.00 24.11 ? 239 GLY A N    1 
ATOM   925  C CA   . GLY A 1 97  ? 6.069   10.845  2.068   1.00 22.43 ? 239 GLY A CA   1 
ATOM   926  C C    . GLY A 1 97  ? 6.249   9.331   1.899   1.00 22.32 ? 239 GLY A C    1 
ATOM   927  O O    . GLY A 1 97  ? 7.060   8.719   2.601   1.00 20.31 ? 239 GLY A O    1 
ATOM   928  H H    . GLY A 1 97  ? 5.904   11.610  0.125   1.00 0.00  ? 239 GLY A H    1 
ATOM   929  N N    . LEU A 1 98  ? 5.447   8.685   1.037   1.00 19.17 ? 240 LEU A N    1 
ATOM   930  C CA   . LEU A 1 98  ? 5.557   7.274   0.745   1.00 17.62 ? 240 LEU A CA   1 
ATOM   931  C C    . LEU A 1 98  ? 6.813   7.107   -0.078  1.00 17.75 ? 240 LEU A C    1 
ATOM   932  O O    . LEU A 1 98  ? 7.270   8.072   -0.696  1.00 19.90 ? 240 LEU A O    1 
ATOM   933  C CB   . LEU A 1 98  ? 4.381   6.846   -0.061  1.00 19.05 ? 240 LEU A CB   1 
ATOM   934  C CG   . LEU A 1 98  ? 3.405   5.888   0.514   1.00 21.80 ? 240 LEU A CG   1 
ATOM   935  C CD1  . LEU A 1 98  ? 3.027   6.183   1.927   1.00 19.64 ? 240 LEU A CD1  1 
ATOM   936  C CD2  . LEU A 1 98  ? 2.211   5.974   -0.393  1.00 21.92 ? 240 LEU A CD2  1 
ATOM   937  H H    . LEU A 1 98  ? 4.727   9.188   0.604   1.00 0.00  ? 240 LEU A H    1 
ATOM   938  N N    . CYS A 1 99  ? 7.386   5.906   -0.137  1.00 16.72 ? 241 CYS A N    1 
ATOM   939  C CA   . CYS A 1 99  ? 8.599   5.663   -0.909  1.00 16.81 ? 241 CYS A CA   1 
ATOM   940  C C    . CYS A 1 99  ? 8.406   5.923   -2.405  1.00 20.17 ? 241 CYS A C    1 
ATOM   941  O O    . CYS A 1 99  ? 9.355   6.306   -3.111  1.00 21.67 ? 241 CYS A O    1 
ATOM   942  C CB   . CYS A 1 99  ? 9.046   4.209   -0.696  1.00 17.21 ? 241 CYS A CB   1 
ATOM   943  S SG   . CYS A 1 99  ? 7.816   2.932   -1.081  1.00 19.89 ? 241 CYS A SG   1 
ATOM   944  H H    . CYS A 1 99  ? 6.993   5.163   0.378   1.00 0.00  ? 241 CYS A H    1 
ATOM   945  N N    . HIS A 1 100 ? 7.188   5.720   -2.932  1.00 18.48 ? 242 HIS A N    1 
ATOM   946  C CA   . HIS A 1 100 ? 6.952   5.846   -4.343  1.00 18.83 ? 242 HIS A CA   1 
ATOM   947  C C    . HIS A 1 100 ? 5.461   6.032   -4.466  1.00 18.44 ? 242 HIS A C    1 
ATOM   948  O O    . HIS A 1 100 ? 4.696   5.501   -3.678  1.00 21.20 ? 242 HIS A O    1 
ATOM   949  C CB   . HIS A 1 100 ? 7.416   4.559   -5.042  1.00 18.10 ? 242 HIS A CB   1 
ATOM   950  C CG   . HIS A 1 100 ? 7.451   4.665   -6.558  1.00 19.86 ? 242 HIS A CG   1 
ATOM   951  N ND1  . HIS A 1 100 ? 6.432   4.757   -7.408  1.00 18.40 ? 242 HIS A ND1  1 
ATOM   952  C CD2  . HIS A 1 100 ? 8.605   4.746   -7.307  1.00 20.09 ? 242 HIS A CD2  1 
ATOM   953  C CE1  . HIS A 1 100 ? 6.908   4.907   -8.627  1.00 19.63 ? 242 HIS A CE1  1 
ATOM   954  N NE2  . HIS A 1 100 ? 8.214   4.897   -8.551  1.00 18.98 ? 242 HIS A NE2  1 
ATOM   955  H H    . HIS A 1 100 ? 6.427   5.470   -2.362  1.00 0.00  ? 242 HIS A H    1 
ATOM   956  H HD1  . HIS A 1 100 ? 5.508   4.502   -7.225  1.00 0.00  ? 242 HIS A HD1  1 
ATOM   957  H HE2  . HIS A 1 100 ? 8.801   4.985   -9.343  1.00 0.00  ? 242 HIS A HE2  1 
ATOM   958  N N    . ARG A 1 101 ? 5.054   6.823   -5.443  1.00 18.76 ? 243 ARG A N    1 
ATOM   959  C CA   . ARG A 1 101 ? 3.661   6.994   -5.853  1.00 20.46 ? 243 ARG A CA   1 
ATOM   960  C C    . ARG A 1 101 ? 3.084   5.621   -6.213  1.00 18.20 ? 243 ARG A C    1 
ATOM   961  O O    . ARG A 1 101 ? 3.828   4.779   -6.720  1.00 17.55 ? 243 ARG A O    1 
ATOM   962  C CB   . ARG A 1 101 ? 3.644   7.898   -7.082  1.00 23.86 ? 243 ARG A CB   1 
ATOM   963  C CG   . ARG A 1 101 ? 2.344   8.486   -7.531  1.00 29.09 ? 243 ARG A CG   1 
ATOM   964  C CD   . ARG A 1 101 ? 2.580   9.362   -8.784  1.00 38.42 ? 243 ARG A CD   1 
ATOM   965  N NE   . ARG A 1 101 ? 2.389   8.594   -10.005 1.00 46.56 ? 243 ARG A NE   1 
ATOM   966  C CZ   . ARG A 1 101 ? 3.411   8.075   -10.710 1.00 52.79 ? 243 ARG A CZ   1 
ATOM   967  N NH1  . ARG A 1 101 ? 4.706   8.216   -10.354 1.00 53.80 ? 243 ARG A NH1  1 
ATOM   968  N NH2  . ARG A 1 101 ? 3.119   7.383   -11.812 1.00 53.90 ? 243 ARG A NH2  1 
ATOM   969  H H    . ARG A 1 101 ? 5.743   7.335   -5.921  1.00 0.00  ? 243 ARG A H    1 
ATOM   970  H HE   . ARG A 1 101 ? 1.474   8.440   -10.321 1.00 0.00  ? 243 ARG A HE   1 
ATOM   971  H HH11 . ARG A 1 101 ? 4.943   8.728   -9.528  1.00 0.00  ? 243 ARG A HH11 1 
ATOM   972  H HH12 . ARG A 1 101 ? 5.427   7.811   -10.915 1.00 0.00  ? 243 ARG A HH12 1 
ATOM   973  H HH21 . ARG A 1 101 ? 2.165   7.259   -12.083 1.00 0.00  ? 243 ARG A HH21 1 
ATOM   974  H HH22 . ARG A 1 101 ? 3.853   6.980   -12.361 1.00 0.00  ? 243 ARG A HH22 1 
ATOM   975  N N    . LEU A 1 102 ? 1.817   5.351   -5.993  1.00 16.39 ? 244 LEU A N    1 
ATOM   976  C CA   . LEU A 1 102 ? 1.218   4.077   -6.326  1.00 18.47 ? 244 LEU A CA   1 
ATOM   977  C C    . LEU A 1 102 ? 1.006   4.038   -7.842  1.00 21.43 ? 244 LEU A C    1 
ATOM   978  O O    . LEU A 1 102 ? 0.203   4.803   -8.352  1.00 23.48 ? 244 LEU A O    1 
ATOM   979  C CB   . LEU A 1 102 ? -0.088  3.984   -5.565  1.00 14.28 ? 244 LEU A CB   1 
ATOM   980  C CG   . LEU A 1 102 ? -0.040  4.136   -4.056  1.00 14.80 ? 244 LEU A CG   1 
ATOM   981  C CD1  . LEU A 1 102 ? -1.410  3.752   -3.475  1.00 10.93 ? 244 LEU A CD1  1 
ATOM   982  C CD2  . LEU A 1 102 ? 1.099   3.294   -3.506  1.00 10.61 ? 244 LEU A CD2  1 
ATOM   983  H H    . LEU A 1 102 ? 1.239   6.060   -5.642  1.00 0.00  ? 244 LEU A H    1 
ATOM   984  N N    . THR A 1 103 ? 1.712   3.227   -8.619  1.00 23.85 ? 245 THR A N    1 
ATOM   985  C CA   . THR A 1 103 ? 1.612   3.269   -10.066 1.00 22.09 ? 245 THR A CA   1 
ATOM   986  C C    . THR A 1 103 ? 0.773   2.109   -10.539 1.00 21.64 ? 245 THR A C    1 
ATOM   987  O O    . THR A 1 103 ? -0.122  2.306   -11.346 1.00 25.61 ? 245 THR A O    1 
ATOM   988  C CB   . THR A 1 103 ? 3.012   3.188   -10.770 1.00 18.93 ? 245 THR A CB   1 
ATOM   989  O OG1  . THR A 1 103 ? 3.671   1.963   -10.404 1.00 23.39 ? 245 THR A OG1  1 
ATOM   990  C CG2  . THR A 1 103 ? 3.876   4.349   -10.400 1.00 18.43 ? 245 THR A CG2  1 
ATOM   991  H H    . THR A 1 103 ? 2.303   2.563   -8.215  1.00 0.00  ? 245 THR A H    1 
ATOM   992  H HG1  . THR A 1 103 ? 4.629   2.021   -10.562 1.00 0.00  ? 245 THR A HG1  1 
ATOM   993  N N    . THR A 1 104 ? 0.957   0.897   -10.046 1.00 21.43 ? 246 THR A N    1 
ATOM   994  C CA   . THR A 1 104 ? 0.325   -0.250  -10.671 1.00 20.41 ? 246 THR A CA   1 
ATOM   995  C C    . THR A 1 104 ? -0.311  -1.146  -9.651  1.00 17.40 ? 246 THR A C    1 
ATOM   996  O O    . THR A 1 104 ? 0.358   -1.480  -8.673  1.00 16.48 ? 246 THR A O    1 
ATOM   997  C CB   . THR A 1 104 ? 1.406   -1.031  -11.460 1.00 21.43 ? 246 THR A CB   1 
ATOM   998  O OG1  . THR A 1 104 ? 1.986   -0.072  -12.336 1.00 26.10 ? 246 THR A OG1  1 
ATOM   999  C CG2  . THR A 1 104 ? 0.896   -2.206  -12.283 1.00 22.19 ? 246 THR A CG2  1 
ATOM   1000 H H    . THR A 1 104 ? 1.545   0.757   -9.273  1.00 0.00  ? 246 THR A H    1 
ATOM   1001 H HG1  . THR A 1 104 ? 2.509   0.525   -11.785 1.00 0.00  ? 246 THR A HG1  1 
ATOM   1002 N N    . VAL A 1 105 ? -1.582  -1.504  -9.856  1.00 13.68 ? 247 VAL A N    1 
ATOM   1003 C CA   . VAL A 1 105 ? -2.256  -2.500  -9.032  1.00 16.30 ? 247 VAL A CA   1 
ATOM   1004 C C    . VAL A 1 105 ? -1.557  -3.839  -9.275  1.00 18.15 ? 247 VAL A C    1 
ATOM   1005 O O    . VAL A 1 105 ? -1.352  -4.262  -10.424 1.00 18.97 ? 247 VAL A O    1 
ATOM   1006 C CB   . VAL A 1 105 ? -3.727  -2.658  -9.429  1.00 18.05 ? 247 VAL A CB   1 
ATOM   1007 C CG1  . VAL A 1 105 ? -4.328  -3.714  -8.545  1.00 19.20 ? 247 VAL A CG1  1 
ATOM   1008 C CG2  . VAL A 1 105 ? -4.511  -1.374  -9.233  1.00 16.26 ? 247 VAL A CG2  1 
ATOM   1009 H H    . VAL A 1 105 ? -2.033  -1.165  -10.649 1.00 0.00  ? 247 VAL A H    1 
ATOM   1010 N N    . CYS A 1 106 ? -1.185  -4.532  -8.216  1.00 17.09 ? 248 CYS A N    1 
ATOM   1011 C CA   . CYS A 1 106 ? -0.562  -5.845  -8.340  1.00 19.55 ? 248 CYS A CA   1 
ATOM   1012 C C    . CYS A 1 106 ? -1.483  -6.814  -9.084  1.00 18.41 ? 248 CYS A C    1 
ATOM   1013 O O    . CYS A 1 106 ? -2.649  -6.889  -8.714  1.00 18.15 ? 248 CYS A O    1 
ATOM   1014 C CB   . CYS A 1 106 ? -0.277  -6.395  -6.958  1.00 18.46 ? 248 CYS A CB   1 
ATOM   1015 S SG   . CYS A 1 106 ? 0.661   -7.927  -6.953  1.00 21.73 ? 248 CYS A SG   1 
ATOM   1016 H H    . CYS A 1 106 ? -1.402  -4.184  -7.325  1.00 0.00  ? 248 CYS A H    1 
ATOM   1017 N N    . PRO A 1 107 ? -1.066  -7.539  -10.121 1.00 20.22 ? 249 PRO A N    1 
ATOM   1018 C CA   . PRO A 1 107 ? -1.906  -8.500  -10.811 1.00 21.80 ? 249 PRO A CA   1 
ATOM   1019 C C    . PRO A 1 107 ? -2.230  -9.679  -9.897  1.00 21.77 ? 249 PRO A C    1 
ATOM   1020 O O    . PRO A 1 107 ? -1.422  -10.093 -9.045  1.00 22.08 ? 249 PRO A O    1 
ATOM   1021 C CB   . PRO A 1 107 ? -1.110  -8.903  -12.033 1.00 19.76 ? 249 PRO A CB   1 
ATOM   1022 C CG   . PRO A 1 107 ? 0.014   -7.914  -12.090 1.00 20.13 ? 249 PRO A CG   1 
ATOM   1023 C CD   . PRO A 1 107 ? 0.292   -7.605  -10.632 1.00 18.95 ? 249 PRO A CD   1 
ATOM   1024 O OXT  . PRO A 1 107 ? -3.329  -10.177 -10.065 1.00 26.80 ? 249 PRO A OXT  1 
HETATM 1025 C C    . ACE B 2 1   ? 7.671   -3.098  9.407   1.00 14.99 ? 100 ACE B C    1 
HETATM 1026 O O    . ACE B 2 1   ? 7.678   -3.298  8.193   1.00 16.30 ? 100 ACE B O    1 
HETATM 1027 C CH3  . ACE B 2 1   ? 8.438   -4.015  10.357  1.00 14.34 ? 100 ACE B CH3  1 
HETATM 1028 N N    . PTR B 2 2   ? 7.042   -2.056  9.927   1.00 14.48 ? 101 PTR B N    1 
HETATM 1029 C CA   . PTR B 2 2   ? 6.192   -1.175  9.161   1.00 13.34 ? 101 PTR B CA   1 
HETATM 1030 C C    . PTR B 2 2   ? 6.863   0.163   9.143   1.00 13.89 ? 101 PTR B C    1 
HETATM 1031 O O    . PTR B 2 2   ? 7.278   0.628   10.207  1.00 14.55 ? 101 PTR B O    1 
HETATM 1032 C CB   . PTR B 2 2   ? 4.884   -1.051  9.829   1.00 11.60 ? 101 PTR B CB   1 
HETATM 1033 C CG   . PTR B 2 2   ? 4.118   -2.343  9.701   1.00 12.84 ? 101 PTR B CG   1 
HETATM 1034 C CD1  . PTR B 2 2   ? 3.393   -2.574  8.549   1.00 14.47 ? 101 PTR B CD1  1 
HETATM 1035 C CD2  . PTR B 2 2   ? 4.184   -3.302  10.697  1.00 14.43 ? 101 PTR B CD2  1 
HETATM 1036 C CE1  . PTR B 2 2   ? 2.744   -3.778  8.392   1.00 14.90 ? 101 PTR B CE1  1 
HETATM 1037 C CE2  . PTR B 2 2   ? 3.546   -4.508  10.557  1.00 11.12 ? 101 PTR B CE2  1 
HETATM 1038 C CZ   . PTR B 2 2   ? 2.831   -4.727  9.402   1.00 17.11 ? 101 PTR B CZ   1 
HETATM 1039 O OH   . PTR B 2 2   ? 2.088   -5.947  9.251   1.00 17.85 ? 101 PTR B OH   1 
HETATM 1040 P P    . PTR B 2 2   ? 2.589   -7.369  8.652   1.00 19.74 ? 101 PTR B P    1 
HETATM 1041 O O1P  . PTR B 2 2   ? 3.311   -8.001  9.804   1.00 21.68 ? 101 PTR B O1P  1 
HETATM 1042 O O2P  . PTR B 2 2   ? 3.455   -7.029  7.464   1.00 15.28 ? 101 PTR B O2P  1 
HETATM 1043 O O3P  . PTR B 2 2   ? 1.273   -8.014  8.304   1.00 20.39 ? 101 PTR B O3P  1 
HETATM 1044 H H    . PTR B 2 2   ? 7.300   -1.736  10.813  1.00 0.00  ? 101 PTR B H    1 
ATOM   1045 N N    . GLU B 2 3   ? 7.023   0.754   7.959   1.00 15.23 ? 102 GLU B N    1 
ATOM   1046 C CA   . GLU B 2 3   ? 7.642   2.056   7.760   1.00 17.42 ? 102 GLU B CA   1 
ATOM   1047 C C    . GLU B 2 3   ? 6.731   3.159   8.247   1.00 23.02 ? 102 GLU B C    1 
ATOM   1048 O O    . GLU B 2 3   ? 5.508   3.134   8.068   1.00 21.87 ? 102 GLU B O    1 
ATOM   1049 C CB   . GLU B 2 3   ? 7.922   2.355   6.297   1.00 16.93 ? 102 GLU B CB   1 
ATOM   1050 C CG   . GLU B 2 3   ? 9.032   1.503   5.676   1.00 18.51 ? 102 GLU B CG   1 
ATOM   1051 C CD   . GLU B 2 3   ? 10.436  1.786   6.138   1.00 18.38 ? 102 GLU B CD   1 
ATOM   1052 O OE1  . GLU B 2 3   ? 10.627  2.783   6.785   1.00 23.65 ? 102 GLU B OE1  1 
ATOM   1053 O OE2  . GLU B 2 3   ? 11.358  1.041   5.859   1.00 18.04 ? 102 GLU B OE2  1 
ATOM   1054 H H    . GLU B 2 3   ? 6.579   0.343   7.193   1.00 0.00  ? 102 GLU B H    1 
ATOM   1055 N N    . GLU B 2 4   ? 7.327   4.102   8.956   1.00 30.73 ? 103 GLU B N    1 
ATOM   1056 C CA   . GLU B 2 4   ? 6.621   5.291   9.391   1.00 37.38 ? 103 GLU B CA   1 
ATOM   1057 C C    . GLU B 2 4   ? 6.966   6.352   8.361   1.00 39.81 ? 103 GLU B C    1 
ATOM   1058 O O    . GLU B 2 4   ? 8.105   6.490   7.891   1.00 42.22 ? 103 GLU B O    1 
ATOM   1059 C CB   . GLU B 2 4   ? 7.073   5.704   10.785  1.00 39.09 ? 103 GLU B CB   1 
ATOM   1060 C CG   . GLU B 2 4   ? 6.650   4.664   11.835  1.00 47.64 ? 103 GLU B CG   1 
ATOM   1061 C CD   . GLU B 2 4   ? 5.137   4.346   11.918  1.00 56.27 ? 103 GLU B CD   1 
ATOM   1062 O OE1  . GLU B 2 4   ? 4.320   5.289   11.992  1.00 57.43 ? 103 GLU B OE1  1 
ATOM   1063 O OE2  . GLU B 2 4   ? 4.778   3.147   11.911  1.00 60.14 ? 103 GLU B OE2  1 
ATOM   1064 H H    . GLU B 2 4   ? 8.284   4.007   9.133   1.00 0.00  ? 103 GLU B H    1 
ATOM   1065 N N    . ILE B 2 5   ? 5.923   6.957   7.853   1.00 41.26 ? 104 ILE B N    1 
ATOM   1066 C CA   . ILE B 2 5   ? 6.053   8.041   6.906   1.00 42.78 ? 104 ILE B CA   1 
ATOM   1067 C C    . ILE B 2 5   ? 6.043   9.323   7.788   1.00 46.84 ? 104 ILE B C    1 
ATOM   1068 O O    . ILE B 2 5   ? 5.428   9.364   8.873   1.00 46.97 ? 104 ILE B O    1 
ATOM   1069 C CB   . ILE B 2 5   ? 4.880   7.875   5.891   1.00 40.27 ? 104 ILE B CB   1 
ATOM   1070 C CG1  . ILE B 2 5   ? 4.623   9.126   5.124   1.00 37.90 ? 104 ILE B CG1  1 
ATOM   1071 C CG2  . ILE B 2 5   ? 3.614   7.544   6.626   1.00 42.97 ? 104 ILE B CG2  1 
ATOM   1072 C CD1  . ILE B 2 5   ? 3.391   8.977   4.193   1.00 38.13 ? 104 ILE B CD1  1 
ATOM   1073 H H    . ILE B 2 5   ? 5.064   6.784   8.290   1.00 0.00  ? 104 ILE B H    1 
HETATM 1074 O O    . HOH C 3 .   ? 8.361   -2.103  5.493   1.00 12.00 ? 301 HOH A O    1 
HETATM 1075 H H1   . HOH C 3 .   ? 9.172   -2.620  5.478   1.00 0.00  ? 301 HOH A H1   1 
HETATM 1076 H H2   . HOH C 3 .   ? 8.095   -2.198  6.422   1.00 0.00  ? 301 HOH A H2   1 
HETATM 1077 O O    . HOH C 3 .   ? 8.587   5.691   3.461   1.00 45.97 ? 303 HOH A O    1 
HETATM 1078 H H1   . HOH C 3 .   ? 9.510   5.894   3.265   1.00 0.00  ? 303 HOH A H1   1 
HETATM 1079 H H2   . HOH C 3 .   ? 8.188   6.577   3.507   1.00 0.00  ? 303 HOH A H2   1 
HETATM 1080 O O    . HOH C 3 .   ? 7.673   -4.726  -8.301  1.00 33.95 ? 304 HOH A O    1 
HETATM 1081 H H1   . HOH C 3 .   ? 8.068   -4.669  -9.187  1.00 0.00  ? 304 HOH A H1   1 
HETATM 1082 H H2   . HOH C 3 .   ? 7.341   -5.633  -8.286  1.00 0.00  ? 304 HOH A H2   1 
HETATM 1083 O O    . HOH C 3 .   ? -5.426  -7.212  -9.001  1.00 20.72 ? 305 HOH A O    1 
HETATM 1084 H H1   . HOH C 3 .   ? -4.528  -7.558  -9.115  1.00 0.00  ? 305 HOH A H1   1 
HETATM 1085 H H2   . HOH C 3 .   ? -5.439  -6.970  -8.070  1.00 0.00  ? 305 HOH A H2   1 
HETATM 1086 O O    . HOH C 3 .   ? -2.410  9.442   5.451   1.00 18.45 ? 306 HOH A O    1 
HETATM 1087 H H1   . HOH C 3 .   ? -2.060  9.680   4.579   1.00 0.00  ? 306 HOH A H1   1 
HETATM 1088 H H2   . HOH C 3 .   ? -3.020  10.156  5.634   1.00 0.00  ? 306 HOH A H2   1 
HETATM 1089 O O    . HOH C 3 .   ? -5.474  15.105  9.029   1.00 25.46 ? 307 HOH A O    1 
HETATM 1090 H H1   . HOH C 3 .   ? -5.155  15.553  8.236   1.00 0.00  ? 307 HOH A H1   1 
HETATM 1091 H H2   . HOH C 3 .   ? -4.661  15.087  9.548   1.00 0.00  ? 307 HOH A H2   1 
HETATM 1092 O O    . HOH C 3 .   ? -2.781  -1.839  10.426  1.00 39.42 ? 308 HOH A O    1 
HETATM 1093 H H1   . HOH C 3 .   ? -2.379  -1.839  9.542   1.00 0.00  ? 308 HOH A H1   1 
HETATM 1094 H H2   . HOH C 3 .   ? -2.420  -2.669  10.784  1.00 0.00  ? 308 HOH A H2   1 
HETATM 1095 O O    . HOH C 3 .   ? 9.734   5.215   -10.944 1.00 37.86 ? 309 HOH A O    1 
HETATM 1096 H H1   . HOH C 3 .   ? 9.905   5.923   -11.575 1.00 0.00  ? 309 HOH A H1   1 
HETATM 1097 H H2   . HOH C 3 .   ? 10.677  5.006   -10.727 1.00 0.00  ? 309 HOH A H2   1 
HETATM 1098 O O    . HOH C 3 .   ? 11.413  -6.788  -0.020  1.00 45.34 ? 310 HOH A O    1 
HETATM 1099 H H1   . HOH C 3 .   ? 11.581  -7.464  -0.685  1.00 0.00  ? 310 HOH A H1   1 
HETATM 1100 H H2   . HOH C 3 .   ? 11.839  -7.141  0.766   1.00 0.00  ? 310 HOH A H2   1 
HETATM 1101 O O    . HOH C 3 .   ? 1.741   -10.740 -9.269  1.00 39.15 ? 311 HOH A O    1 
HETATM 1102 H H1   . HOH C 3 .   ? 2.018   -10.278 -8.475  1.00 0.00  ? 311 HOH A H1   1 
HETATM 1103 H H2   . HOH C 3 .   ? 0.770   -10.647 -9.248  1.00 0.00  ? 311 HOH A H2   1 
HETATM 1104 O O    . HOH C 3 .   ? -13.137 1.885   2.992   1.00 29.47 ? 312 HOH A O    1 
HETATM 1105 H H1   . HOH C 3 .   ? -13.774 1.948   3.707   1.00 0.00  ? 312 HOH A H1   1 
HETATM 1106 H H2   . HOH C 3 .   ? -13.680 1.682   2.223   1.00 0.00  ? 312 HOH A H2   1 
HETATM 1107 O O    . HOH C 3 .   ? 7.213   8.184   -6.861  1.00 38.91 ? 313 HOH A O    1 
HETATM 1108 H H1   . HOH C 3 .   ? 7.841   8.523   -6.207  1.00 0.00  ? 313 HOH A H1   1 
HETATM 1109 H H2   . HOH C 3 .   ? 7.103   8.949   -7.439  1.00 0.00  ? 313 HOH A H2   1 
HETATM 1110 O O    . HOH C 3 .   ? 1.692   -11.303 7.786   1.00 30.10 ? 314 HOH A O    1 
HETATM 1111 H H1   . HOH C 3 .   ? 1.738   -11.122 8.739   1.00 0.00  ? 314 HOH A H1   1 
HETATM 1112 H H2   . HOH C 3 .   ? 0.834   -10.897 7.590   1.00 0.00  ? 314 HOH A H2   1 
HETATM 1113 O O    . HOH C 3 .   ? -6.105  1.111   13.275  1.00 33.65 ? 315 HOH A O    1 
HETATM 1114 H H1   . HOH C 3 .   ? -6.912  1.213   13.802  1.00 0.00  ? 315 HOH A H1   1 
HETATM 1115 H H2   . HOH C 3 .   ? -5.423  1.302   13.934  1.00 0.00  ? 315 HOH A H2   1 
HETATM 1116 O O    . HOH C 3 .   ? 12.498  5.164   -10.488 1.00 65.66 ? 316 HOH A O    1 
HETATM 1117 H H1   . HOH C 3 .   ? 12.885  5.894   -11.025 1.00 0.00  ? 316 HOH A H1   1 
HETATM 1118 H H2   . HOH C 3 .   ? 13.328  5.024   -9.998  1.00 0.00  ? 316 HOH A H2   1 
HETATM 1119 O O    . HOH C 3 .   ? -9.669  3.898   -5.691  1.00 43.22 ? 317 HOH A O    1 
HETATM 1120 H H1   . HOH C 3 .   ? -10.218 4.538   -6.145  1.00 0.00  ? 317 HOH A H1   1 
HETATM 1121 H H2   . HOH C 3 .   ? -9.386  4.377   -4.906  1.00 0.00  ? 317 HOH A H2   1 
HETATM 1122 O O    . HOH C 3 .   ? -1.126  -15.576 2.819   1.00 28.72 ? 318 HOH A O    1 
HETATM 1123 H H1   . HOH C 3 .   ? -1.349  -15.723 1.885   1.00 0.00  ? 318 HOH A H1   1 
HETATM 1124 H H2   . HOH C 3 .   ? -1.780  -16.141 3.251   1.00 0.00  ? 318 HOH A H2   1 
HETATM 1125 O O    . HOH C 3 .   ? -7.137  15.450  6.182   1.00 41.76 ? 319 HOH A O    1 
HETATM 1126 H H1   . HOH C 3 .   ? -8.046  15.333  5.867   1.00 0.00  ? 319 HOH A H1   1 
HETATM 1127 H H2   . HOH C 3 .   ? -7.258  15.997  6.964   1.00 0.00  ? 319 HOH A H2   1 
HETATM 1128 O O    . HOH C 3 .   ? -10.246 14.303  5.285   1.00 67.68 ? 321 HOH A O    1 
HETATM 1129 H H1   . HOH C 3 .   ? -11.060 14.209  4.784   1.00 0.00  ? 321 HOH A H1   1 
HETATM 1130 H H2   . HOH C 3 .   ? -9.671  13.645  4.867   1.00 0.00  ? 321 HOH A H2   1 
HETATM 1131 O O    . HOH C 3 .   ? 1.026   4.247   9.816   1.00 24.90 ? 322 HOH A O    1 
HETATM 1132 H H1   . HOH C 3 .   ? 0.293   3.881   9.310   1.00 0.00  ? 322 HOH A H1   1 
HETATM 1133 H H2   . HOH C 3 .   ? 0.852   5.196   9.767   1.00 0.00  ? 322 HOH A H2   1 
HETATM 1134 O O    . HOH C 3 .   ? 2.296   12.039  11.823  1.00 57.36 ? 323 HOH A O    1 
HETATM 1135 H H1   . HOH C 3 .   ? 2.820   12.253  12.605  1.00 0.00  ? 323 HOH A H1   1 
HETATM 1136 H H2   . HOH C 3 .   ? 2.952   11.622  11.245  1.00 0.00  ? 323 HOH A H2   1 
HETATM 1137 O O    . HOH C 3 .   ? -6.216  6.311   19.213  1.00 51.11 ? 326 HOH A O    1 
HETATM 1138 H H1   . HOH C 3 .   ? -6.616  6.077   20.062  1.00 0.00  ? 326 HOH A H1   1 
HETATM 1139 H H2   . HOH C 3 .   ? -5.598  6.998   19.490  1.00 0.00  ? 326 HOH A H2   1 
HETATM 1140 O O    . HOH C 3 .   ? -13.900 10.207  17.741  1.00 63.84 ? 329 HOH A O    1 
HETATM 1141 H H1   . HOH C 3 .   ? -13.667 10.654  18.569  1.00 0.00  ? 329 HOH A H1   1 
HETATM 1142 H H2   . HOH C 3 .   ? -14.612 10.772  17.403  1.00 0.00  ? 329 HOH A H2   1 
HETATM 1143 O O    . HOH C 3 .   ? 0.725   11.848  3.684   1.00 37.84 ? 330 HOH A O    1 
HETATM 1144 H H1   . HOH C 3 .   ? 1.469   11.931  3.062   1.00 0.00  ? 330 HOH A H1   1 
HETATM 1145 H H2   . HOH C 3 .   ? 0.066   12.470  3.354   1.00 0.00  ? 330 HOH A H2   1 
HETATM 1146 O O    . HOH C 3 .   ? 9.333   0.849   -12.915 1.00 30.48 ? 331 HOH A O    1 
HETATM 1147 H H1   . HOH C 3 .   ? 10.274  1.035   -12.996 1.00 0.00  ? 331 HOH A H1   1 
HETATM 1148 H H2   . HOH C 3 .   ? 9.146   0.392   -13.752 1.00 0.00  ? 331 HOH A H2   1 
HETATM 1149 O O    . HOH C 3 .   ? 8.296   -13.730 -0.073  1.00 42.25 ? 332 HOH A O    1 
HETATM 1150 H H1   . HOH C 3 .   ? 8.265   -14.667 0.118   1.00 0.00  ? 332 HOH A H1   1 
HETATM 1151 H H2   . HOH C 3 .   ? 7.368   -13.491 -0.151  1.00 0.00  ? 332 HOH A H2   1 
HETATM 1152 O O    . HOH C 3 .   ? 4.422   -13.115 6.632   1.00 32.83 ? 333 HOH A O    1 
HETATM 1153 H H1   . HOH C 3 .   ? 4.526   -14.012 6.968   1.00 0.00  ? 333 HOH A H1   1 
HETATM 1154 H H2   . HOH C 3 .   ? 3.889   -12.685 7.315   1.00 0.00  ? 333 HOH A H2   1 
HETATM 1155 O O    . HOH C 3 .   ? 7.391   2.895   -12.505 1.00 33.93 ? 334 HOH A O    1 
HETATM 1156 H H1   . HOH C 3 .   ? 8.027   3.571   -12.257 1.00 0.00  ? 334 HOH A H1   1 
HETATM 1157 H H2   . HOH C 3 .   ? 7.967   2.110   -12.559 1.00 0.00  ? 334 HOH A H2   1 
HETATM 1158 O O    . HOH C 3 .   ? 4.495   2.826   -13.822 1.00 40.74 ? 335 HOH A O    1 
HETATM 1159 H H1   . HOH C 3 .   ? 5.423   2.977   -13.569 1.00 0.00  ? 335 HOH A H1   1 
HETATM 1160 H H2   . HOH C 3 .   ? 4.305   1.997   -13.373 1.00 0.00  ? 335 HOH A H2   1 
HETATM 1161 O O    . HOH C 3 .   ? -5.909  6.177   15.475  1.00 51.16 ? 336 HOH A O    1 
HETATM 1162 H H1   . HOH C 3 .   ? -5.792  6.292   16.430  1.00 0.00  ? 336 HOH A H1   1 
HETATM 1163 H H2   . HOH C 3 .   ? -6.556  5.463   15.425  1.00 0.00  ? 336 HOH A H2   1 
HETATM 1164 O O    . HOH C 3 .   ? -10.834 -1.850  -8.355  1.00 57.72 ? 337 HOH A O    1 
HETATM 1165 H H1   . HOH C 3 .   ? -10.914 -0.889  -8.359  1.00 0.00  ? 337 HOH A H1   1 
HETATM 1166 H H2   . HOH C 3 .   ? -11.740 -2.140  -8.533  1.00 0.00  ? 337 HOH A H2   1 
HETATM 1167 O O    . HOH C 3 .   ? 2.452   -6.132  -13.992 1.00 67.60 ? 338 HOH A O    1 
HETATM 1168 H H1   . HOH C 3 .   ? 2.289   -5.255  -13.643 1.00 0.00  ? 338 HOH A H1   1 
HETATM 1169 H H2   . HOH C 3 .   ? 2.772   -6.621  -13.221 1.00 0.00  ? 338 HOH A H2   1 
HETATM 1170 O O    . HOH C 3 .   ? 8.056   -13.107 -7.281  1.00 67.31 ? 339 HOH A O    1 
HETATM 1171 H H1   . HOH C 3 .   ? 8.629   -12.342 -7.136  1.00 0.00  ? 339 HOH A H1   1 
HETATM 1172 H H2   . HOH C 3 .   ? 7.346   -12.984 -6.641  1.00 0.00  ? 339 HOH A H2   1 
HETATM 1173 O O    . HOH C 3 .   ? 4.635   12.001  -6.318  1.00 54.02 ? 340 HOH A O    1 
HETATM 1174 H H1   . HOH C 3 .   ? 5.229   12.712  -6.579  1.00 0.00  ? 340 HOH A H1   1 
HETATM 1175 H H2   . HOH C 3 .   ? 4.132   11.842  -7.129  1.00 0.00  ? 340 HOH A H2   1 
HETATM 1176 O O    . HOH D 3 .   ? 3.128   2.411   9.300   1.00 18.85 ? 302 HOH B O    1 
HETATM 1177 H H1   . HOH D 3 .   ? 3.885   2.935   9.017   1.00 0.00  ? 302 HOH B H1   1 
HETATM 1178 H H2   . HOH D 3 .   ? 2.505   3.093   9.618   1.00 0.00  ? 302 HOH B H2   1 
HETATM 1179 O O    . HOH D 3 .   ? 9.774   9.311   7.837   1.00 47.27 ? 324 HOH B O    1 
HETATM 1180 H H1   . HOH D 3 .   ? 9.262   8.496   7.865   1.00 0.00  ? 324 HOH B H1   1 
HETATM 1181 H H2   . HOH D 3 .   ? 9.032   9.939   7.751   1.00 0.00  ? 324 HOH B H2   1 
HETATM 1182 O O    . HOH D 3 .   ? 3.625   6.947   9.716   1.00 55.53 ? 325 HOH B O    1 
HETATM 1183 H H1   . HOH D 3 .   ? 4.086   7.798   9.576   1.00 0.00  ? 325 HOH B H1   1 
HETATM 1184 H H2   . HOH D 3 .   ? 2.723   7.146   9.448   1.00 0.00  ? 325 HOH B H2   1 
# 
